data_7Y61
#
_entry.id   7Y61
#
_cell.length_a   1.00
_cell.length_b   1.00
_cell.length_c   1.00
_cell.angle_alpha   90.00
_cell.angle_beta   90.00
_cell.angle_gamma   90.00
#
_symmetry.space_group_name_H-M   'P 1'
#
loop_
_entity.id
_entity.type
_entity.pdbx_description
1 polymer 'Histone H3.1'
2 polymer 'Histone H4'
3 polymer 'Widom 601 DNA (147-MER)'
4 polymer 'Widom 601 DNA (147-MER)'
5 polymer 'Chromatin assembly factor 1 subunit A'
6 polymer 'Chromatin assembly factor 1 subunit B'
#
loop_
_entity_poly.entity_id
_entity_poly.type
_entity_poly.pdbx_seq_one_letter_code
_entity_poly.pdbx_strand_id
1 'polypeptide(L)'
;MARTKQTARKSTGGKAPRKQLATKAARKSAPATGGVKKPHRYRPGTVALREIRRYQKSTELLIRKLPFQRLVREIAQDFK
TDLRFQSSAVMALQEACEAYLVGLFEDTNLCAIHAKRVTIMPKDIQLARRIRGERA
;
G,E,C,A
2 'polypeptide(L)'
;MSGRGKGGKGLGKGGAKRHRKVLRDNIQGITKPAIRRLARRGGVKRISGLIYEETRGVLKVFLENVIRDAVTYTEHAKRK
TVTAMDVVYALKRQGRTLYGFGG
;
H,F,D,B
3 'polydeoxyribonucleotide'
;(DC)(DT)(DG)(DG)(DA)(DG)(DA)(DA)(DT)(DC)(DC)(DC)(DG)(DG)(DT)(DG)(DC)(DC)(DG)(DA)
(DG)(DG)(DC)(DC)(DG)(DC)(DT)(DC)(DA)(DA)(DT)(DT)(DG)(DG)(DT)(DC)(DG)(DT)(DA)(DG)
(DA)(DC)(DA)(DG)(DC)(DT)(DC)(DT)(DA)(DG)(DC)(DA)(DC)(DC)(DG)(DC)(DT)(DT)(DA)(DA)
(DA)(DC)(DG)(DC)(DA)(DC)(DG)(DT)(DA)(DC)(DG)(DC)(DG)(DC)(DT)(DG)(DT)(DC)(DC)(DC)
(DC)(DC)(DG)(DC)(DG)(DT)(DT)(DT)(DT)(DA)(DA)(DC)(DC)(DG)(DC)(DC)(DA)(DA)(DG)(DG)
(DG)(DG)(DA)(DT)(DT)(DA)(DC)(DT)(DC)(DC)(DC)(DT)(DA)(DG)(DT)(DC)(DT)(DC)(DC)(DA)
(DG)(DG)(DC)(DA)(DC)(DG)(DT)(DG)(DT)(DC)(DA)(DC)(DA)(DT)(DA)(DT)(DA)(DT)(DA)(DC)
(DA)(DT)(DC)(DC)(DT)(DG)(DT)
;
I
4 'polydeoxyribonucleotide'
;(DA)(DC)(DA)(DG)(DG)(DA)(DT)(DG)(DT)(DA)(DT)(DA)(DT)(DA)(DT)(DG)(DT)(DG)(DA)(DC)
(DA)(DC)(DG)(DT)(DG)(DC)(DC)(DT)(DG)(DG)(DA)(DG)(DA)(DC)(DT)(DA)(DG)(DG)(DG)(DA)
(DG)(DT)(DA)(DA)(DT)(DC)(DC)(DC)(DC)(DT)(DT)(DG)(DG)(DC)(DG)(DG)(DT)(DT)(DA)(DA)
(DA)(DA)(DC)(DG)(DC)(DG)(DG)(DG)(DG)(DG)(DA)(DC)(DA)(DG)(DC)(DG)(DC)(DG)(DT)(DA)
(DC)(DG)(DT)(DG)(DC)(DG)(DT)(DT)(DT)(DA)(DA)(DG)(DC)(DG)(DG)(DT)(DG)(DC)(DT)(DA)
(DG)(DA)(DG)(DC)(DT)(DG)(DT)(DC)(DT)(DA)(DC)(DG)(DA)(DC)(DC)(DA)(DA)(DT)(DT)(DG)
(DA)(DG)(DC)(DG)(DG)(DC)(DC)(DT)(DC)(DG)(DG)(DC)(DA)(DC)(DC)(DG)(DG)(DG)(DA)(DT)
(DT)(DC)(DT)(DC)(DC)(DA)(DG)
;
J
5 'polypeptide(L)'
;KAEITRFFQKPKTPQAPKTLAGSCGKFAPFEIKEHMVLAPRRRTAFHPDLCSQLDQLLQQQSGEFSFLKDLKGRQPLRSG
PTHVSTRNADIFNSDVVIVERGKGDGVPERRKFGRMKLLQFCENHRPAYWGTWNKKTALIRARDPWAQDTKLLDYEVDSD
EEWEEEEPGESLSHSEGDDDDDMGEDEDEDDGFFVPHGYLSEDEGVTEECADPENHKVRQKLKAKEWDEFLAKGKRFRVL
QPVKIGCVWAADRDCAGDDLKVLQQFAACFLETLPAQEEQTPKASKRERRDEQILAQLLPLLHGNVNGSKVIIREFQEHC
RRGLLSNHTGSPRSPSTTYLHTPTPSEDAAIPSKSRLKRLISENSVYEKRPDFRMCWYVHPQVLQSFQQEHLPVPCQWSY
VTSVPSAPKEDS
;
K,M
6 'polypeptide(L)'
;MKVITCEIAWHNKEPVYSLDFQHGTAGRIHRLASAGVDTNVRIWKVEKGPDGKAIVEFLSNLARHTKAVNVVRFSPTGEI
LASGGDDAVILLWKVNDNKEPEQIAFQDEDEAQLNKENWTVVKTLRGHLEDVYDICWATDGNLMASASVDNTAIIWDVSK
GQKISIFNEHKSYVQGVTWDPLGQYVATLSCDRVLRVYSIQKKRVAFNVSKMLSGIGAEGEARSYRMFHDDSMKSFFRRL
SFTPDGSLLLTPAGCVESGENVMNTTYVFSRKNLKRPIAHLPCPGKATLAVRCCPVYFELRPVVETGVELMSLPYRLVFA
VASEDSVLLYDTQQSFPFGYVSNIHYHTLSDISWSSDGAFLAISSTDGYCSFVTFEKDELGIPLKEKPVLNMRTPDTAKK
TKSQTHRGSSPGPRPVEGT
;
L,N
#
# COMPACT_ATOMS: atom_id res chain seq x y z
N GLU A 60 4.16 -38.09 11.88
CA GLU A 60 5.43 -37.72 11.25
C GLU A 60 6.08 -36.56 12.00
N LEU A 61 6.63 -36.87 13.18
CA LEU A 61 7.26 -35.87 14.03
C LEU A 61 8.49 -36.47 14.70
N LEU A 62 9.46 -35.62 14.99
CA LEU A 62 10.69 -36.06 15.65
C LEU A 62 10.98 -35.31 16.93
N ILE A 63 10.58 -34.04 17.04
CA ILE A 63 10.74 -33.33 18.29
C ILE A 63 9.92 -34.03 19.37
N ARG A 64 10.55 -34.21 20.54
CA ARG A 64 9.93 -35.00 21.60
C ARG A 64 8.65 -34.30 22.04
N LYS A 65 7.52 -34.97 21.83
CA LYS A 65 6.23 -34.27 21.78
C LYS A 65 5.85 -33.66 23.14
N LEU A 66 6.11 -34.37 24.23
CA LEU A 66 5.70 -33.82 25.52
C LEU A 66 6.64 -32.71 26.01
N PRO A 67 7.96 -32.78 25.75
CA PRO A 67 8.77 -31.57 25.94
C PRO A 67 8.28 -30.37 25.15
N PHE A 68 7.81 -30.59 23.91
CA PHE A 68 7.20 -29.50 23.16
C PHE A 68 5.94 -28.99 23.85
N GLN A 69 5.11 -29.92 24.35
CA GLN A 69 3.88 -29.52 25.04
C GLN A 69 4.21 -28.71 26.29
N ARG A 70 5.22 -29.13 27.05
CA ARG A 70 5.60 -28.39 28.25
C ARG A 70 6.19 -27.03 27.88
N LEU A 71 6.94 -26.95 26.78
CA LEU A 71 7.48 -25.68 26.32
C LEU A 71 6.35 -24.70 25.99
N VAL A 72 5.40 -25.13 25.17
CA VAL A 72 4.33 -24.23 24.74
C VAL A 72 3.43 -23.90 25.92
N ARG A 73 3.21 -24.85 26.84
CA ARG A 73 2.43 -24.57 28.03
C ARG A 73 3.12 -23.53 28.91
N GLU A 74 4.42 -23.69 29.13
CA GLU A 74 5.14 -22.76 30.00
C GLU A 74 5.16 -21.37 29.37
N ILE A 75 5.26 -21.30 28.04
CA ILE A 75 5.06 -20.02 27.37
C ILE A 75 3.66 -19.48 27.62
N ALA A 76 2.63 -20.33 27.63
CA ALA A 76 1.26 -19.87 27.82
C ALA A 76 1.09 -19.23 29.20
N GLN A 77 1.50 -19.94 30.26
CA GLN A 77 1.37 -19.33 31.59
C GLN A 77 2.36 -18.20 31.85
N ASP A 78 3.33 -17.97 30.96
CA ASP A 78 4.12 -16.74 31.09
C ASP A 78 3.27 -15.51 30.79
N PHE A 79 2.26 -15.64 29.93
CA PHE A 79 1.37 -14.54 29.59
C PHE A 79 0.04 -14.63 30.34
N LYS A 80 -0.69 -15.72 30.16
CA LYS A 80 -1.96 -15.95 30.83
C LYS A 80 -1.93 -17.28 31.55
N THR A 81 -2.29 -17.26 32.84
CA THR A 81 -2.22 -18.45 33.67
C THR A 81 -3.39 -19.39 33.41
N ASP A 82 -3.15 -20.68 33.65
CA ASP A 82 -4.18 -21.73 33.59
C ASP A 82 -4.84 -21.77 32.21
N LEU A 83 -4.03 -22.07 31.20
CA LEU A 83 -4.52 -22.31 29.84
C LEU A 83 -4.49 -23.80 29.55
N ARG A 84 -5.65 -24.38 29.33
CA ARG A 84 -5.75 -25.81 29.04
C ARG A 84 -5.55 -26.06 27.55
N PHE A 85 -4.61 -26.95 27.23
CA PHE A 85 -4.32 -27.33 25.86
C PHE A 85 -4.65 -28.79 25.64
N GLN A 86 -5.21 -29.10 24.48
CA GLN A 86 -5.52 -30.47 24.09
C GLN A 86 -4.48 -30.98 23.11
N SER A 87 -4.59 -32.26 22.78
CA SER A 87 -3.63 -32.88 21.86
C SER A 87 -3.68 -32.22 20.50
N SER A 88 -4.88 -31.84 20.04
CA SER A 88 -5.02 -31.26 18.70
C SER A 88 -4.29 -29.93 18.59
N ALA A 89 -4.41 -29.07 19.60
CA ALA A 89 -3.70 -27.80 19.58
C ALA A 89 -2.19 -28.01 19.60
N VAL A 90 -1.74 -28.97 20.41
CA VAL A 90 -0.30 -29.25 20.51
C VAL A 90 0.23 -29.74 19.17
N MET A 91 -0.51 -30.63 18.49
CA MET A 91 -0.02 -31.13 17.21
C MET A 91 -0.09 -30.06 16.12
N ALA A 92 -1.06 -29.14 16.22
CA ALA A 92 -1.07 -28.01 15.29
C ALA A 92 0.17 -27.14 15.48
N LEU A 93 0.50 -26.82 16.74
CA LEU A 93 1.72 -26.07 17.01
C LEU A 93 2.94 -26.80 16.50
N GLN A 94 2.99 -28.11 16.74
CA GLN A 94 4.07 -28.93 16.18
C GLN A 94 4.17 -28.75 14.67
N GLU A 95 3.11 -29.15 13.95
CA GLU A 95 3.19 -29.15 12.49
C GLU A 95 3.65 -27.79 11.96
N ALA A 96 3.16 -26.70 12.55
CA ALA A 96 3.69 -25.39 12.20
C ALA A 96 5.18 -25.30 12.48
N CYS A 97 5.62 -25.85 13.63
CA CYS A 97 7.02 -25.79 14.02
C CYS A 97 7.91 -26.48 12.99
N GLU A 98 7.68 -27.78 12.74
CA GLU A 98 8.59 -28.47 11.82
C GLU A 98 8.47 -27.91 10.42
N ALA A 99 7.27 -27.50 10.00
CA ALA A 99 7.12 -26.92 8.67
C ALA A 99 8.02 -25.71 8.51
N TYR A 100 7.93 -24.75 9.44
CA TYR A 100 8.68 -23.52 9.26
C TYR A 100 10.18 -23.78 9.42
N LEU A 101 10.56 -24.66 10.34
CA LEU A 101 11.99 -24.90 10.54
C LEU A 101 12.60 -25.62 9.34
N VAL A 102 11.89 -26.57 8.75
CA VAL A 102 12.44 -27.27 7.59
C VAL A 102 12.54 -26.31 6.41
N GLY A 103 11.55 -25.43 6.24
CA GLY A 103 11.69 -24.41 5.22
C GLY A 103 12.88 -23.52 5.46
N LEU A 104 13.09 -23.11 6.72
CA LEU A 104 14.21 -22.24 7.05
C LEU A 104 15.55 -22.93 6.78
N PHE A 105 15.65 -24.21 7.14
CA PHE A 105 16.91 -24.92 6.92
C PHE A 105 17.14 -25.21 5.43
N GLU A 106 16.08 -25.49 4.68
CA GLU A 106 16.20 -25.53 3.22
C GLU A 106 16.81 -24.24 2.69
N ASP A 107 16.24 -23.11 3.12
CA ASP A 107 16.78 -21.79 2.78
C ASP A 107 18.26 -21.66 3.14
N THR A 108 18.61 -21.96 4.39
CA THR A 108 19.97 -21.74 4.85
C THR A 108 20.95 -22.64 4.13
N ASN A 109 20.57 -23.90 3.88
CA ASN A 109 21.46 -24.81 3.18
C ASN A 109 21.74 -24.32 1.76
N LEU A 110 20.69 -23.93 1.02
CA LEU A 110 20.94 -23.44 -0.34
C LEU A 110 21.75 -22.15 -0.32
N CYS A 111 21.50 -21.27 0.64
CA CYS A 111 22.32 -20.07 0.76
C CYS A 111 23.77 -20.41 1.05
N ALA A 112 24.01 -21.39 1.92
CA ALA A 112 25.37 -21.83 2.21
C ALA A 112 26.03 -22.43 0.98
N ILE A 113 25.25 -23.13 0.15
CA ILE A 113 25.78 -23.61 -1.12
C ILE A 113 26.21 -22.43 -1.97
N HIS A 114 25.40 -21.37 -2.03
CA HIS A 114 25.86 -20.13 -2.64
C HIS A 114 27.11 -19.61 -1.95
N ALA A 115 27.26 -19.85 -0.65
CA ALA A 115 28.42 -19.39 0.08
C ALA A 115 29.68 -20.19 -0.23
N LYS A 116 29.56 -21.28 -0.99
CA LYS A 116 30.65 -22.19 -1.35
C LYS A 116 31.21 -22.93 -0.14
N ARG A 117 30.65 -22.74 1.05
CA ARG A 117 31.22 -23.29 2.27
C ARG A 117 30.35 -24.45 2.75
N VAL A 118 31.00 -25.59 3.01
CA VAL A 118 30.26 -26.77 3.47
C VAL A 118 29.61 -26.50 4.82
N THR A 119 30.36 -25.90 5.75
CA THR A 119 29.82 -25.63 7.07
C THR A 119 28.78 -24.52 6.98
N ILE A 120 27.82 -24.55 7.92
CA ILE A 120 26.78 -23.54 8.02
C ILE A 120 26.94 -22.83 9.36
N MET A 121 26.87 -21.51 9.34
CA MET A 121 26.99 -20.70 10.54
C MET A 121 25.96 -19.58 10.47
N PRO A 122 25.49 -19.09 11.63
CA PRO A 122 24.25 -18.30 11.65
C PRO A 122 24.29 -16.99 10.91
N LYS A 123 25.43 -16.59 10.33
CA LYS A 123 25.37 -15.47 9.40
C LYS A 123 24.36 -15.76 8.30
N ASP A 124 24.20 -17.04 7.96
CA ASP A 124 23.24 -17.45 6.94
C ASP A 124 21.81 -17.21 7.41
N ILE A 125 21.48 -17.66 8.63
CA ILE A 125 20.11 -17.53 9.11
C ILE A 125 19.77 -16.06 9.34
N GLN A 126 20.73 -15.28 9.84
CA GLN A 126 20.53 -13.85 9.96
C GLN A 126 20.31 -13.23 8.58
N LEU A 127 21.06 -13.69 7.59
CA LEU A 127 20.87 -13.23 6.22
C LEU A 127 19.44 -13.47 5.76
N ALA A 128 18.98 -14.70 5.90
CA ALA A 128 17.64 -15.06 5.45
C ALA A 128 16.58 -14.24 6.16
N ARG A 129 16.70 -14.09 7.48
CA ARG A 129 15.68 -13.33 8.20
C ARG A 129 15.71 -11.86 7.84
N ARG A 130 16.90 -11.29 7.59
CA ARG A 130 16.94 -9.91 7.08
C ARG A 130 16.36 -9.84 5.68
N ILE A 131 16.29 -10.97 4.97
CA ILE A 131 15.46 -11.01 3.77
C ILE A 131 13.99 -10.96 4.16
N ARG A 132 13.63 -11.65 5.25
CA ARG A 132 12.23 -11.98 5.49
C ARG A 132 11.42 -10.74 5.82
N GLY A 133 12.04 -9.75 6.47
CA GLY A 133 11.32 -8.59 6.95
C GLY A 133 10.73 -8.73 8.33
N GLU A 134 10.99 -9.85 9.01
CA GLU A 134 10.47 -10.09 10.36
C GLU A 134 11.03 -9.11 11.39
N ARG A 135 12.17 -8.50 11.14
CA ARG A 135 12.74 -7.53 12.08
C ARG A 135 12.65 -6.11 11.52
N ASN B 26 12.08 -24.08 29.99
CA ASN B 26 11.10 -23.36 29.18
C ASN B 26 11.40 -23.53 27.69
N ILE B 27 12.21 -22.61 27.14
CA ILE B 27 12.59 -22.70 25.74
C ILE B 27 13.46 -23.93 25.49
N GLN B 28 14.09 -24.43 26.55
CA GLN B 28 14.94 -25.62 26.44
C GLN B 28 14.15 -26.90 26.19
N GLY B 29 12.84 -26.81 25.97
CA GLY B 29 12.06 -27.98 25.62
C GLY B 29 12.54 -28.68 24.36
N ILE B 30 13.18 -27.94 23.46
CA ILE B 30 13.80 -28.53 22.27
C ILE B 30 15.24 -28.89 22.63
N THR B 31 15.62 -30.13 22.34
CA THR B 31 16.94 -30.61 22.69
C THR B 31 17.90 -30.46 21.51
N LYS B 32 19.19 -30.33 21.84
CA LYS B 32 20.21 -30.20 20.81
C LYS B 32 20.26 -31.39 19.86
N PRO B 33 20.19 -32.65 20.31
CA PRO B 33 20.11 -33.75 19.34
C PRO B 33 18.88 -33.69 18.44
N ALA B 34 17.75 -33.24 18.97
CA ALA B 34 16.57 -33.06 18.12
C ALA B 34 16.82 -32.00 17.06
N ILE B 35 17.45 -30.88 17.47
CA ILE B 35 17.84 -29.86 16.50
C ILE B 35 18.73 -30.47 15.43
N ARG B 36 19.70 -31.29 15.84
CA ARG B 36 20.64 -31.87 14.88
C ARG B 36 19.94 -32.80 13.90
N ARG B 37 19.01 -33.64 14.38
CA ARG B 37 18.36 -34.58 13.47
C ARG B 37 17.39 -33.87 12.53
N LEU B 38 16.65 -32.87 13.03
CA LEU B 38 15.79 -32.10 12.15
C LEU B 38 16.60 -31.33 11.12
N ALA B 39 17.77 -30.82 11.51
CA ALA B 39 18.65 -30.19 10.53
C ALA B 39 19.17 -31.20 9.53
N ARG B 40 19.49 -32.42 9.99
CA ARG B 40 19.99 -33.45 9.10
C ARG B 40 19.00 -33.77 8.01
N ARG B 41 17.74 -33.98 8.37
CA ARG B 41 16.75 -34.12 7.30
C ARG B 41 16.35 -32.77 6.71
N GLY B 42 16.89 -31.67 7.21
CA GLY B 42 16.80 -30.42 6.49
C GLY B 42 17.81 -30.26 5.38
N GLY B 43 18.61 -31.30 5.15
CA GLY B 43 19.55 -31.30 4.04
C GLY B 43 20.94 -30.78 4.36
N VAL B 44 21.28 -30.61 5.62
CA VAL B 44 22.59 -30.08 6.00
C VAL B 44 23.43 -31.19 6.59
N LYS B 45 24.75 -31.07 6.40
CA LYS B 45 25.71 -32.07 6.84
C LYS B 45 26.69 -31.56 7.89
N ARG B 46 27.23 -30.35 7.70
CA ARG B 46 28.21 -29.76 8.61
C ARG B 46 27.59 -28.55 9.28
N ILE B 47 27.54 -28.56 10.61
CA ILE B 47 26.80 -27.58 11.39
C ILE B 47 27.67 -27.09 12.53
N SER B 48 27.49 -25.82 12.89
CA SER B 48 28.16 -25.25 14.06
C SER B 48 27.23 -25.28 15.26
N GLY B 49 27.81 -25.01 16.44
CA GLY B 49 27.04 -25.10 17.67
C GLY B 49 26.01 -24.00 17.82
N LEU B 50 26.43 -22.74 17.66
CA LEU B 50 25.55 -21.63 18.03
C LEU B 50 24.20 -21.63 17.28
N ILE B 51 24.07 -22.41 16.22
CA ILE B 51 22.77 -22.61 15.57
C ILE B 51 21.72 -23.13 16.56
N TYR B 52 22.13 -24.02 17.48
CA TYR B 52 21.17 -24.56 18.43
C TYR B 52 20.51 -23.47 19.27
N GLU B 53 21.15 -22.30 19.40
CA GLU B 53 20.49 -21.24 20.15
C GLU B 53 19.80 -20.21 19.25
N GLU B 54 20.34 -19.87 18.07
CA GLU B 54 19.51 -18.90 17.34
C GLU B 54 18.22 -19.56 16.85
N THR B 55 18.21 -20.88 16.65
CA THR B 55 16.98 -21.52 16.18
C THR B 55 15.85 -21.38 17.18
N ARG B 56 16.15 -21.43 18.48
CA ARG B 56 15.13 -21.22 19.50
C ARG B 56 14.55 -19.81 19.42
N GLY B 57 15.41 -18.81 19.21
CA GLY B 57 14.92 -17.46 19.03
C GLY B 57 14.03 -17.32 17.81
N VAL B 58 14.42 -17.96 16.71
CA VAL B 58 13.58 -17.96 15.51
C VAL B 58 12.23 -18.56 15.83
N LEU B 59 12.23 -19.69 16.53
CA LEU B 59 10.99 -20.40 16.83
C LEU B 59 10.06 -19.55 17.67
N LYS B 60 10.60 -18.93 18.74
CA LYS B 60 9.74 -18.12 19.59
C LYS B 60 9.23 -16.88 18.85
N VAL B 61 10.10 -16.23 18.06
CA VAL B 61 9.66 -15.09 17.27
C VAL B 61 8.51 -15.49 16.36
N PHE B 62 8.62 -16.66 15.74
CA PHE B 62 7.56 -17.14 14.86
C PHE B 62 6.28 -17.40 15.65
N LEU B 63 6.38 -18.13 16.75
CA LEU B 63 5.19 -18.64 17.41
C LEU B 63 4.43 -17.57 18.17
N GLU B 64 5.10 -16.49 18.59
CA GLU B 64 4.38 -15.45 19.33
C GLU B 64 3.27 -14.83 18.51
N ASN B 65 3.54 -14.51 17.24
CA ASN B 65 2.51 -13.94 16.39
C ASN B 65 1.36 -14.92 16.18
N VAL B 66 1.69 -16.20 15.95
CA VAL B 66 0.67 -17.20 15.71
C VAL B 66 -0.23 -17.37 16.92
N ILE B 67 0.37 -17.46 18.11
CA ILE B 67 -0.44 -17.63 19.31
C ILE B 67 -1.25 -16.37 19.60
N ARG B 68 -0.70 -15.19 19.31
CA ARG B 68 -1.46 -13.96 19.52
C ARG B 68 -2.69 -13.93 18.62
N ASP B 69 -2.52 -14.29 17.34
CA ASP B 69 -3.66 -14.35 16.44
C ASP B 69 -4.65 -15.43 16.86
N ALA B 70 -4.16 -16.55 17.40
CA ALA B 70 -5.05 -17.57 17.93
C ALA B 70 -5.88 -17.03 19.09
N VAL B 71 -5.25 -16.27 19.98
CA VAL B 71 -5.98 -15.66 21.09
C VAL B 71 -7.04 -14.70 20.57
N THR B 72 -6.69 -13.89 19.57
CA THR B 72 -7.66 -12.95 19.00
C THR B 72 -8.85 -13.69 18.41
N TYR B 73 -8.59 -14.74 17.63
CA TYR B 73 -9.67 -15.50 17.02
C TYR B 73 -10.53 -16.20 18.06
N THR B 74 -9.90 -16.75 19.10
CA THR B 74 -10.66 -17.41 20.16
C THR B 74 -11.56 -16.43 20.90
N GLU B 75 -11.04 -15.23 21.17
CA GLU B 75 -11.88 -14.22 21.82
C GLU B 75 -13.00 -13.77 20.88
N HIS B 76 -12.74 -13.72 19.58
CA HIS B 76 -13.79 -13.43 18.62
C HIS B 76 -14.88 -14.49 18.67
N ALA B 77 -14.50 -15.76 18.77
CA ALA B 77 -15.44 -16.87 18.82
C ALA B 77 -15.85 -17.25 20.23
N LYS B 78 -15.27 -16.61 21.25
CA LYS B 78 -15.60 -16.87 22.66
C LYS B 78 -15.39 -18.35 23.00
N ARG B 79 -14.26 -18.89 22.54
CA ARG B 79 -13.83 -20.24 22.88
C ARG B 79 -12.51 -20.13 23.63
N LYS B 80 -12.51 -20.51 24.91
CA LYS B 80 -11.30 -20.38 25.72
C LYS B 80 -10.18 -21.28 25.21
N THR B 81 -10.51 -22.51 24.82
CA THR B 81 -9.51 -23.45 24.34
C THR B 81 -9.13 -23.15 22.90
N VAL B 82 -7.85 -23.26 22.60
CA VAL B 82 -7.33 -23.04 21.25
C VAL B 82 -7.56 -24.30 20.42
N THR B 83 -8.16 -24.13 19.25
CA THR B 83 -8.54 -25.25 18.40
C THR B 83 -7.57 -25.41 17.23
N ALA B 84 -7.65 -26.58 16.59
CA ALA B 84 -6.83 -26.84 15.41
C ALA B 84 -7.18 -25.90 14.27
N MET B 85 -8.48 -25.71 14.01
CA MET B 85 -8.89 -24.85 12.91
C MET B 85 -8.47 -23.40 13.14
N ASP B 86 -8.42 -22.98 14.41
CA ASP B 86 -7.90 -21.66 14.71
C ASP B 86 -6.46 -21.51 14.23
N VAL B 87 -5.62 -22.49 14.56
CA VAL B 87 -4.22 -22.44 14.13
C VAL B 87 -4.11 -22.53 12.61
N VAL B 88 -4.97 -23.36 11.99
CA VAL B 88 -4.92 -23.54 10.54
C VAL B 88 -5.28 -22.23 9.84
N TYR B 89 -6.34 -21.56 10.31
CA TYR B 89 -6.71 -20.31 9.68
C TYR B 89 -5.69 -19.22 9.99
N ALA B 90 -5.02 -19.30 11.15
CA ALA B 90 -3.91 -18.38 11.41
C ALA B 90 -2.81 -18.56 10.38
N LEU B 91 -2.35 -19.81 10.20
CA LEU B 91 -1.32 -20.12 9.23
C LEU B 91 -1.74 -19.68 7.84
N LYS B 92 -3.04 -19.75 7.55
CA LYS B 92 -3.54 -19.15 6.31
C LYS B 92 -3.35 -17.64 6.32
N ARG B 93 -3.52 -16.99 7.48
CA ARG B 93 -3.34 -15.54 7.51
C ARG B 93 -1.90 -15.13 7.21
N GLN B 94 -0.92 -15.73 7.89
CA GLN B 94 0.44 -15.41 7.44
C GLN B 94 0.88 -16.23 6.23
N GLY B 95 0.02 -17.11 5.72
CA GLY B 95 0.20 -17.64 4.39
C GLY B 95 1.00 -18.91 4.25
N ARG B 96 1.13 -19.70 5.32
CA ARG B 96 1.81 -20.98 5.27
C ARG B 96 0.87 -22.08 5.75
N THR B 97 -0.31 -22.12 5.15
CA THR B 97 -1.32 -23.15 5.42
C THR B 97 -0.76 -24.55 5.26
N LEU C 62 10.34 6.57 -13.30
CA LEU C 62 11.65 7.15 -13.05
C LEU C 62 12.73 6.45 -13.87
N ILE C 63 12.38 5.33 -14.49
CA ILE C 63 13.38 4.55 -15.21
C ILE C 63 13.37 4.98 -16.66
N ARG C 64 12.25 4.75 -17.34
CA ARG C 64 12.00 5.24 -18.70
C ARG C 64 10.55 4.91 -19.01
N LYS C 65 10.00 5.51 -20.07
CA LYS C 65 8.56 5.41 -20.32
C LYS C 65 8.23 4.66 -21.60
N LEU C 66 8.75 5.10 -22.76
CA LEU C 66 8.31 4.51 -24.03
C LEU C 66 8.65 3.03 -24.14
N PRO C 67 9.87 2.58 -23.85
CA PRO C 67 10.14 1.13 -23.95
C PRO C 67 9.27 0.28 -23.03
N PHE C 68 8.96 0.78 -21.83
CA PHE C 68 8.10 0.02 -20.92
C PHE C 68 6.66 -0.01 -21.42
N GLN C 69 6.19 1.09 -22.03
CA GLN C 69 4.87 1.06 -22.64
C GLN C 69 4.85 0.05 -23.79
N ARG C 70 5.95 -0.01 -24.56
CA ARG C 70 6.06 -1.03 -25.59
C ARG C 70 5.99 -2.43 -24.99
N LEU C 71 6.70 -2.63 -23.87
CA LEU C 71 6.68 -3.93 -23.19
C LEU C 71 5.26 -4.32 -22.79
N VAL C 72 4.56 -3.41 -22.11
CA VAL C 72 3.24 -3.76 -21.59
C VAL C 72 2.27 -3.99 -22.73
N ARG C 73 2.36 -3.18 -23.79
CA ARG C 73 1.49 -3.40 -24.95
C ARG C 73 1.78 -4.72 -25.63
N GLU C 74 3.07 -5.08 -25.77
CA GLU C 74 3.43 -6.32 -26.43
C GLU C 74 2.93 -7.53 -25.62
N ILE C 75 3.14 -7.51 -24.30
CA ILE C 75 2.65 -8.61 -23.49
C ILE C 75 1.13 -8.61 -23.46
N ALA C 76 0.49 -7.45 -23.59
CA ALA C 76 -0.97 -7.40 -23.63
C ALA C 76 -1.51 -8.11 -24.88
N GLN C 77 -0.96 -7.75 -26.04
CA GLN C 77 -1.35 -8.48 -27.25
C GLN C 77 -0.94 -9.94 -27.18
N ASP C 78 0.10 -10.25 -26.41
CA ASP C 78 0.42 -11.66 -26.16
C ASP C 78 -0.71 -12.35 -25.40
N PHE C 79 -1.30 -11.66 -24.42
CA PHE C 79 -2.48 -12.20 -23.75
C PHE C 79 -3.69 -12.19 -24.66
N LYS C 80 -4.16 -11.00 -25.04
CA LYS C 80 -5.35 -10.88 -25.86
C LYS C 80 -5.41 -9.49 -26.48
N THR C 81 -5.85 -9.44 -27.73
CA THR C 81 -6.05 -8.18 -28.45
C THR C 81 -7.40 -7.58 -28.04
N ASP C 82 -7.68 -6.39 -28.56
CA ASP C 82 -8.90 -5.63 -28.25
C ASP C 82 -8.95 -5.31 -26.75
N LEU C 83 -7.95 -4.53 -26.32
CA LEU C 83 -7.86 -4.09 -24.93
C LEU C 83 -7.25 -2.70 -24.92
N ARG C 84 -7.55 -1.96 -23.86
CA ARG C 84 -7.10 -0.58 -23.70
C ARG C 84 -6.51 -0.38 -22.32
N PHE C 85 -5.55 0.54 -22.22
CA PHE C 85 -4.88 0.86 -20.97
C PHE C 85 -5.11 2.33 -20.65
N GLN C 86 -5.14 2.65 -19.36
CA GLN C 86 -5.17 4.04 -18.92
C GLN C 86 -3.75 4.56 -18.72
N SER C 87 -3.55 5.83 -19.11
CA SER C 87 -2.25 6.46 -18.92
C SER C 87 -1.82 6.40 -17.46
N SER C 88 -2.72 6.83 -16.56
CA SER C 88 -2.42 6.79 -15.14
C SER C 88 -2.14 5.37 -14.68
N ALA C 89 -2.94 4.40 -15.14
CA ALA C 89 -2.70 3.01 -14.81
C ALA C 89 -1.35 2.55 -15.35
N VAL C 90 -0.98 3.01 -16.55
CA VAL C 90 0.30 2.61 -17.13
C VAL C 90 1.45 3.11 -16.27
N MET C 91 1.45 4.39 -15.90
CA MET C 91 2.52 4.88 -15.05
C MET C 91 2.48 4.24 -13.67
N ALA C 92 1.29 3.90 -13.18
CA ALA C 92 1.20 3.18 -11.91
C ALA C 92 1.90 1.84 -12.00
N LEU C 93 1.62 1.08 -13.05
CA LEU C 93 2.38 -0.13 -13.34
C LEU C 93 3.87 0.17 -13.41
N GLN C 94 4.23 1.34 -13.93
CA GLN C 94 5.62 1.73 -14.02
C GLN C 94 6.28 1.76 -12.63
N GLU C 95 5.73 2.56 -11.70
CA GLU C 95 6.42 2.60 -10.41
C GLU C 95 6.29 1.28 -9.67
N ALA C 96 5.22 0.52 -9.95
CA ALA C 96 5.09 -0.79 -9.32
C ALA C 96 6.25 -1.70 -9.71
N CYS C 97 6.50 -1.82 -11.02
CA CYS C 97 7.62 -2.63 -11.48
C CYS C 97 8.94 -2.06 -10.97
N GLU C 98 9.05 -0.73 -10.94
CA GLU C 98 10.26 -0.10 -10.41
C GLU C 98 10.52 -0.55 -8.98
N ALA C 99 9.51 -0.46 -8.12
CA ALA C 99 9.68 -0.83 -6.72
C ALA C 99 10.02 -2.31 -6.60
N TYR C 100 9.34 -3.16 -7.36
CA TYR C 100 9.60 -4.60 -7.25
C TYR C 100 11.04 -4.91 -7.65
N LEU C 101 11.50 -4.33 -8.76
CA LEU C 101 12.85 -4.63 -9.22
C LEU C 101 13.90 -4.07 -8.26
N VAL C 102 13.69 -2.86 -7.74
CA VAL C 102 14.68 -2.31 -6.82
C VAL C 102 14.74 -3.14 -5.54
N GLY C 103 13.58 -3.60 -5.05
CA GLY C 103 13.58 -4.45 -3.89
C GLY C 103 14.33 -5.76 -4.14
N LEU C 104 14.06 -6.38 -5.28
CA LEU C 104 14.86 -7.54 -5.67
C LEU C 104 16.34 -7.20 -5.66
N PHE C 105 16.67 -5.98 -6.05
CA PHE C 105 18.09 -5.68 -6.21
C PHE C 105 18.75 -5.39 -4.86
N GLU C 106 18.01 -4.84 -3.90
CA GLU C 106 18.55 -4.80 -2.54
C GLU C 106 18.73 -6.21 -2.02
N ASP C 107 17.82 -7.12 -2.35
CA ASP C 107 18.06 -8.53 -2.03
C ASP C 107 19.36 -9.01 -2.66
N THR C 108 19.63 -8.55 -3.87
CA THR C 108 20.83 -8.94 -4.61
C THR C 108 22.08 -8.51 -3.87
N ASN C 109 22.05 -7.27 -3.40
CA ASN C 109 23.13 -6.68 -2.63
C ASN C 109 23.27 -7.43 -1.31
N LEU C 110 22.13 -7.79 -0.71
CA LEU C 110 22.11 -8.49 0.56
C LEU C 110 22.81 -9.85 0.43
N CYS C 111 22.54 -10.55 -0.66
CA CYS C 111 23.20 -11.83 -0.92
C CYS C 111 24.68 -11.64 -1.23
N ALA C 112 25.00 -10.68 -2.10
CA ALA C 112 26.40 -10.49 -2.52
C ALA C 112 27.28 -10.11 -1.34
N ILE C 113 26.76 -9.28 -0.44
CA ILE C 113 27.51 -8.97 0.78
C ILE C 113 27.68 -10.22 1.61
N HIS C 114 26.64 -11.05 1.72
CA HIS C 114 26.86 -12.36 2.32
C HIS C 114 27.75 -13.23 1.46
N ALA C 115 27.63 -13.12 0.15
CA ALA C 115 28.61 -13.77 -0.72
C ALA C 115 30.00 -13.18 -0.57
N LYS C 116 30.14 -12.19 0.32
CA LYS C 116 31.41 -11.51 0.62
C LYS C 116 32.17 -11.13 -0.65
N ARG C 117 31.43 -10.88 -1.73
CA ARG C 117 31.97 -10.34 -2.96
C ARG C 117 31.13 -9.13 -3.35
N VAL C 118 31.78 -8.13 -3.96
CA VAL C 118 31.07 -6.94 -4.37
C VAL C 118 30.30 -7.18 -5.67
N THR C 119 31.01 -7.57 -6.73
CA THR C 119 30.37 -7.82 -8.01
C THR C 119 29.47 -9.04 -7.92
N ILE C 120 28.41 -9.06 -8.73
CA ILE C 120 27.29 -9.99 -8.58
C ILE C 120 27.28 -10.95 -9.77
N MET C 121 26.97 -12.21 -9.50
CA MET C 121 26.76 -13.23 -10.51
C MET C 121 25.36 -13.80 -10.32
N PRO C 122 24.71 -14.28 -11.41
CA PRO C 122 23.28 -14.63 -11.38
C PRO C 122 22.81 -15.43 -10.18
N LYS C 123 23.68 -16.27 -9.62
CA LYS C 123 23.29 -17.14 -8.52
C LYS C 123 22.74 -16.33 -7.34
N ASP C 124 23.18 -15.08 -7.19
CA ASP C 124 22.57 -14.19 -6.20
C ASP C 124 21.07 -14.02 -6.44
N ILE C 125 20.69 -13.67 -7.67
CA ILE C 125 19.28 -13.39 -7.94
C ILE C 125 18.48 -14.67 -8.03
N GLN C 126 19.12 -15.77 -8.44
CA GLN C 126 18.46 -17.07 -8.37
C GLN C 126 18.14 -17.42 -6.92
N LEU C 127 19.05 -17.13 -6.00
CA LEU C 127 18.70 -17.22 -4.59
C LEU C 127 17.50 -16.33 -4.30
N ALA C 128 17.61 -15.04 -4.64
CA ALA C 128 16.52 -14.11 -4.36
C ALA C 128 15.16 -14.75 -4.65
N ARG C 129 15.00 -15.23 -5.88
CA ARG C 129 13.79 -15.90 -6.30
C ARG C 129 13.47 -17.27 -5.63
N ARG C 130 14.45 -18.17 -5.53
CA ARG C 130 14.21 -19.49 -4.92
C ARG C 130 13.88 -19.39 -3.43
N ILE C 131 14.70 -18.60 -2.76
CA ILE C 131 14.54 -18.25 -1.35
C ILE C 131 13.18 -17.64 -1.08
N ARG C 132 12.72 -16.72 -1.92
CA ARG C 132 11.34 -16.33 -1.67
C ARG C 132 10.37 -17.24 -2.43
N GLY C 133 10.87 -17.98 -3.41
CA GLY C 133 10.13 -19.03 -4.08
C GLY C 133 8.97 -18.66 -4.96
N GLU C 134 8.91 -17.43 -5.49
CA GLU C 134 7.87 -17.14 -6.47
C GLU C 134 7.98 -18.02 -7.70
N ARG C 135 9.21 -18.42 -8.04
CA ARG C 135 9.39 -19.41 -9.09
C ARG C 135 10.60 -20.33 -8.89
N ASP D 25 10.36 -7.47 -29.75
CA ASP D 25 11.73 -7.48 -29.25
C ASP D 25 12.02 -6.25 -28.41
N ASN D 26 10.98 -5.71 -27.78
CA ASN D 26 11.13 -4.56 -26.89
C ASN D 26 11.78 -4.91 -25.57
N ILE D 27 12.00 -6.21 -25.30
CA ILE D 27 12.58 -6.63 -24.02
C ILE D 27 13.93 -5.96 -23.79
N GLN D 28 14.70 -5.77 -24.87
CA GLN D 28 16.00 -5.12 -24.78
C GLN D 28 15.87 -3.63 -24.45
N GLY D 29 14.64 -3.14 -24.27
CA GLY D 29 14.39 -1.73 -24.01
C GLY D 29 14.94 -1.24 -22.68
N ILE D 30 15.37 -2.13 -21.81
CA ILE D 30 15.95 -1.75 -20.52
C ILE D 30 17.46 -1.83 -20.67
N THR D 31 18.13 -0.68 -20.58
CA THR D 31 19.45 -0.50 -21.16
C THR D 31 20.56 -0.66 -20.11
N LYS D 32 21.79 -0.65 -20.61
CA LYS D 32 22.97 -0.76 -19.75
C LYS D 32 23.08 0.37 -18.74
N PRO D 33 23.09 1.65 -19.14
CA PRO D 33 23.28 2.71 -18.12
C PRO D 33 22.10 2.86 -17.19
N ALA D 34 20.88 2.60 -17.69
CA ALA D 34 19.71 2.66 -16.82
C ALA D 34 19.82 1.64 -15.70
N ILE D 35 20.10 0.38 -16.04
CA ILE D 35 20.26 -0.65 -15.00
C ILE D 35 21.44 -0.31 -14.12
N ARG D 36 22.50 0.27 -14.69
CA ARG D 36 23.67 0.62 -13.89
C ARG D 36 23.31 1.67 -12.83
N ARG D 37 22.50 2.66 -13.20
CA ARG D 37 22.15 3.69 -12.21
C ARG D 37 21.04 3.23 -11.26
N LEU D 38 20.18 2.30 -11.69
CA LEU D 38 19.33 1.62 -10.71
C LEU D 38 20.17 0.87 -9.70
N ALA D 39 21.20 0.19 -10.17
CA ALA D 39 22.19 -0.42 -9.29
C ALA D 39 22.78 0.60 -8.33
N ARG D 40 23.15 1.76 -8.87
CA ARG D 40 23.64 2.85 -8.02
C ARG D 40 22.64 3.16 -6.92
N ARG D 41 21.36 3.28 -7.28
CA ARG D 41 20.31 3.41 -6.26
C ARG D 41 20.21 2.16 -5.41
N GLY D 42 20.50 0.99 -5.99
CA GLY D 42 20.33 -0.25 -5.26
C GLY D 42 21.22 -0.38 -4.05
N GLY D 43 22.48 0.03 -4.17
CA GLY D 43 23.43 -0.13 -3.09
C GLY D 43 24.63 -0.97 -3.50
N VAL D 44 24.98 -0.90 -4.78
CA VAL D 44 26.16 -1.58 -5.30
C VAL D 44 27.04 -0.54 -5.96
N LYS D 45 28.32 -0.88 -6.12
CA LYS D 45 29.20 -0.08 -6.95
C LYS D 45 29.53 -0.79 -8.26
N ARG D 46 30.05 -2.02 -8.18
CA ARG D 46 30.53 -2.74 -9.35
C ARG D 46 29.58 -3.89 -9.67
N ILE D 47 29.05 -3.90 -10.88
CA ILE D 47 28.22 -4.99 -11.38
C ILE D 47 28.65 -5.32 -12.81
N SER D 48 28.69 -6.60 -13.13
CA SER D 48 29.13 -7.04 -14.46
C SER D 48 28.06 -6.81 -15.51
N GLY D 49 28.48 -6.78 -16.77
CA GLY D 49 27.53 -6.67 -17.86
C GLY D 49 26.66 -7.89 -18.07
N LEU D 50 27.10 -9.06 -17.56
CA LEU D 50 26.32 -10.28 -17.75
C LEU D 50 25.02 -10.30 -16.95
N ILE D 51 24.72 -9.25 -16.17
CA ILE D 51 23.51 -9.23 -15.36
C ILE D 51 22.36 -8.50 -16.05
N TYR D 52 22.62 -7.76 -17.13
CA TYR D 52 21.54 -7.02 -17.78
C TYR D 52 20.50 -7.97 -18.37
N GLU D 53 20.94 -9.06 -19.01
CA GLU D 53 19.99 -9.98 -19.63
C GLU D 53 19.14 -10.69 -18.58
N GLU D 54 19.76 -11.17 -17.51
CA GLU D 54 18.97 -11.77 -16.43
C GLU D 54 18.06 -10.74 -15.76
N THR D 55 18.46 -9.47 -15.75
CA THR D 55 17.58 -8.43 -15.21
C THR D 55 16.33 -8.28 -16.06
N ARG D 56 16.49 -8.19 -17.38
CA ARG D 56 15.31 -8.15 -18.24
C ARG D 56 14.49 -9.43 -18.12
N GLY D 57 15.14 -10.57 -17.92
CA GLY D 57 14.40 -11.81 -17.75
C GLY D 57 13.54 -11.82 -16.49
N VAL D 58 14.13 -11.42 -15.36
CA VAL D 58 13.37 -11.39 -14.12
C VAL D 58 12.25 -10.36 -14.23
N LEU D 59 12.54 -9.21 -14.85
CA LEU D 59 11.52 -8.20 -15.05
C LEU D 59 10.35 -8.74 -15.86
N LYS D 60 10.64 -9.41 -16.98
CA LYS D 60 9.56 -9.88 -17.84
C LYS D 60 8.75 -10.98 -17.16
N VAL D 61 9.42 -11.91 -16.47
CA VAL D 61 8.66 -13.01 -15.86
C VAL D 61 7.75 -12.47 -14.76
N PHE D 62 8.23 -11.52 -13.95
CA PHE D 62 7.36 -11.05 -12.89
C PHE D 62 6.35 -10.00 -13.33
N LEU D 63 6.60 -9.28 -14.43
CA LEU D 63 5.50 -8.51 -15.00
C LEU D 63 4.43 -9.44 -15.56
N GLU D 64 4.83 -10.56 -16.16
CA GLU D 64 3.87 -11.60 -16.51
C GLU D 64 3.03 -12.00 -15.31
N ASN D 65 3.71 -12.33 -14.21
CA ASN D 65 3.04 -12.75 -12.99
C ASN D 65 2.04 -11.71 -12.51
N VAL D 66 2.47 -10.45 -12.40
CA VAL D 66 1.61 -9.42 -11.83
C VAL D 66 0.46 -9.08 -12.76
N ILE D 67 0.73 -8.96 -14.06
CA ILE D 67 -0.30 -8.54 -15.00
C ILE D 67 -1.33 -9.63 -15.21
N ARG D 68 -1.00 -10.91 -14.96
CA ARG D 68 -2.03 -11.93 -14.98
C ARG D 68 -3.14 -11.61 -13.98
N ASP D 69 -2.76 -11.39 -12.72
CA ASP D 69 -3.75 -11.04 -11.71
C ASP D 69 -4.39 -9.70 -12.01
N ALA D 70 -3.62 -8.77 -12.59
CA ALA D 70 -4.16 -7.46 -12.94
C ALA D 70 -5.31 -7.61 -13.94
N VAL D 71 -5.11 -8.39 -15.00
CA VAL D 71 -6.15 -8.54 -16.01
C VAL D 71 -7.34 -9.31 -15.45
N THR D 72 -7.09 -10.23 -14.51
CA THR D 72 -8.22 -10.90 -13.87
C THR D 72 -9.10 -9.89 -13.12
N TYR D 73 -8.47 -9.07 -12.26
CA TYR D 73 -9.24 -8.05 -11.55
C TYR D 73 -9.92 -7.09 -12.52
N THR D 74 -9.26 -6.77 -13.64
CA THR D 74 -9.87 -5.89 -14.63
C THR D 74 -11.14 -6.52 -15.21
N GLU D 75 -11.08 -7.80 -15.55
CA GLU D 75 -12.27 -8.49 -16.04
C GLU D 75 -13.37 -8.54 -14.99
N HIS D 76 -12.98 -8.53 -13.71
CA HIS D 76 -13.99 -8.63 -12.65
C HIS D 76 -14.96 -7.46 -12.64
N ALA D 77 -14.49 -6.26 -12.99
CA ALA D 77 -15.36 -5.10 -13.03
C ALA D 77 -16.01 -4.92 -14.39
N LYS D 78 -16.11 -6.00 -15.18
CA LYS D 78 -16.65 -5.96 -16.53
C LYS D 78 -15.93 -4.93 -17.38
N ARG D 79 -14.64 -4.72 -17.07
CA ARG D 79 -13.85 -3.69 -17.70
C ARG D 79 -13.05 -4.25 -18.87
N LYS D 80 -13.04 -3.51 -19.97
CA LYS D 80 -12.13 -3.77 -21.08
C LYS D 80 -10.88 -2.92 -20.98
N THR D 81 -10.72 -2.16 -19.89
CA THR D 81 -9.57 -1.29 -19.68
C THR D 81 -9.03 -1.53 -18.28
N VAL D 82 -7.70 -1.68 -18.18
CA VAL D 82 -7.05 -1.92 -16.90
C VAL D 82 -7.12 -0.65 -16.08
N THR D 83 -7.01 -0.77 -14.76
CA THR D 83 -7.01 0.37 -13.85
C THR D 83 -5.83 0.27 -12.91
N ALA D 84 -5.39 1.42 -12.39
CA ALA D 84 -4.31 1.46 -11.43
C ALA D 84 -4.64 0.74 -10.13
N MET D 85 -5.92 0.63 -9.78
CA MET D 85 -6.30 -0.11 -8.58
C MET D 85 -5.95 -1.59 -8.70
N ASP D 86 -5.94 -2.13 -9.93
CA ASP D 86 -5.68 -3.55 -10.12
C ASP D 86 -4.31 -3.95 -9.59
N VAL D 87 -3.28 -3.18 -9.94
CA VAL D 87 -1.92 -3.53 -9.54
C VAL D 87 -1.80 -3.48 -8.02
N VAL D 88 -2.62 -2.67 -7.35
CA VAL D 88 -2.62 -2.63 -5.90
C VAL D 88 -2.95 -4.01 -5.34
N TYR D 89 -4.13 -4.54 -5.70
CA TYR D 89 -4.51 -5.88 -5.27
C TYR D 89 -3.52 -6.93 -5.78
N ALA D 90 -2.90 -6.69 -6.93
CA ALA D 90 -1.88 -7.62 -7.41
C ALA D 90 -0.71 -7.73 -6.44
N LEU D 91 -0.24 -6.58 -5.95
CA LEU D 91 0.85 -6.61 -4.97
C LEU D 91 0.37 -7.14 -3.62
N LYS D 92 -0.89 -6.88 -3.27
CA LYS D 92 -1.45 -7.51 -2.06
C LYS D 92 -1.41 -9.02 -2.16
N ARG D 93 -1.78 -9.56 -3.33
CA ARG D 93 -1.62 -10.99 -3.57
C ARG D 93 -0.16 -11.40 -3.50
N GLN D 94 0.73 -10.56 -4.04
CA GLN D 94 2.15 -10.88 -4.01
C GLN D 94 2.78 -10.51 -2.68
N GLY D 95 2.06 -9.81 -1.80
CA GLY D 95 2.57 -9.46 -0.50
C GLY D 95 3.53 -8.29 -0.45
N ARG D 96 3.43 -7.35 -1.38
CA ARG D 96 4.31 -6.20 -1.45
C ARG D 96 3.50 -4.93 -1.69
N THR D 97 2.49 -4.71 -0.86
CA THR D 97 1.60 -3.57 -1.03
C THR D 97 2.37 -2.25 -0.94
N LEU D 98 1.90 -1.25 -1.68
CA LEU D 98 2.49 0.07 -1.68
C LEU D 98 1.46 1.11 -2.11
N LEU F 62 -17.43 -1.63 5.08
CA LEU F 62 -18.51 -1.94 4.16
C LEU F 62 -19.69 -0.98 4.35
N ILE F 63 -19.43 0.31 4.11
CA ILE F 63 -20.52 1.28 4.08
C ILE F 63 -21.30 1.10 2.79
N ARG F 64 -22.57 1.48 2.82
CA ARG F 64 -23.39 1.38 1.62
C ARG F 64 -22.86 2.34 0.55
N LYS F 65 -22.84 1.86 -0.69
CA LYS F 65 -22.04 2.48 -1.74
C LYS F 65 -22.46 3.91 -2.08
N LEU F 66 -23.68 4.09 -2.59
CA LEU F 66 -24.04 5.40 -3.14
C LEU F 66 -24.24 6.48 -2.07
N PRO F 67 -24.77 6.21 -0.87
CA PRO F 67 -24.76 7.27 0.15
C PRO F 67 -23.37 7.78 0.44
N PHE F 68 -22.40 6.88 0.57
CA PHE F 68 -21.02 7.30 0.77
C PHE F 68 -20.49 8.07 -0.44
N GLN F 69 -20.84 7.63 -1.65
CA GLN F 69 -20.30 8.28 -2.83
C GLN F 69 -20.81 9.71 -2.95
N ARG F 70 -22.07 9.96 -2.60
CA ARG F 70 -22.49 11.35 -2.71
C ARG F 70 -22.17 12.16 -1.47
N LEU F 71 -21.88 11.53 -0.33
CA LEU F 71 -21.13 12.22 0.72
C LEU F 71 -19.84 12.78 0.14
N VAL F 72 -19.07 11.93 -0.53
CA VAL F 72 -17.79 12.36 -1.09
C VAL F 72 -18.01 13.43 -2.15
N ARG F 73 -19.06 13.27 -2.96
CA ARG F 73 -19.32 14.26 -4.00
C ARG F 73 -19.65 15.63 -3.42
N GLU F 74 -20.55 15.68 -2.43
CA GLU F 74 -20.89 16.97 -1.84
C GLU F 74 -19.68 17.60 -1.17
N ILE F 75 -18.92 16.82 -0.41
CA ILE F 75 -17.77 17.40 0.27
C ILE F 75 -16.63 17.72 -0.69
N ALA F 76 -16.67 17.19 -1.91
CA ALA F 76 -15.70 17.60 -2.91
C ALA F 76 -16.12 18.89 -3.59
N GLN F 77 -17.44 19.08 -3.77
CA GLN F 77 -17.94 20.29 -4.40
C GLN F 77 -17.59 21.54 -3.59
N ASP F 78 -17.26 21.38 -2.30
CA ASP F 78 -17.00 22.55 -1.47
C ASP F 78 -15.80 23.34 -1.98
N PHE F 79 -14.74 22.65 -2.39
CA PHE F 79 -13.53 23.35 -2.83
C PHE F 79 -13.80 24.15 -4.11
N LYS F 80 -14.38 23.49 -5.11
CA LYS F 80 -14.82 24.18 -6.32
C LYS F 80 -15.69 23.22 -7.12
N THR F 81 -16.73 23.75 -7.75
CA THR F 81 -17.73 22.93 -8.42
C THR F 81 -17.16 22.35 -9.71
N ASP F 82 -17.99 21.53 -10.37
CA ASP F 82 -17.64 20.85 -11.62
C ASP F 82 -16.39 19.98 -11.45
N LEU F 83 -16.50 19.03 -10.53
CA LEU F 83 -15.45 18.05 -10.26
C LEU F 83 -15.96 16.67 -10.62
N ARG F 84 -15.23 15.97 -11.48
CA ARG F 84 -15.58 14.62 -11.90
C ARG F 84 -14.61 13.63 -11.28
N PHE F 85 -15.15 12.57 -10.68
CA PHE F 85 -14.37 11.55 -10.01
C PHE F 85 -14.66 10.21 -10.67
N GLN F 86 -13.60 9.51 -11.08
CA GLN F 86 -13.75 8.21 -11.70
C GLN F 86 -13.97 7.13 -10.64
N SER F 87 -14.74 6.11 -11.00
CA SER F 87 -15.09 5.05 -10.06
C SER F 87 -13.85 4.41 -9.45
N SER F 88 -12.75 4.32 -10.20
CA SER F 88 -11.52 3.77 -9.66
C SER F 88 -11.10 4.51 -8.40
N ALA F 89 -10.92 5.83 -8.51
CA ALA F 89 -10.60 6.63 -7.33
C ALA F 89 -11.70 6.58 -6.29
N VAL F 90 -12.95 6.33 -6.72
CA VAL F 90 -14.05 6.25 -5.77
C VAL F 90 -13.87 5.05 -4.84
N MET F 91 -13.63 3.87 -5.41
CA MET F 91 -13.37 2.70 -4.57
C MET F 91 -12.03 2.83 -3.85
N ALA F 92 -11.10 3.59 -4.43
CA ALA F 92 -9.84 3.85 -3.73
C ALA F 92 -10.07 4.61 -2.42
N LEU F 93 -10.82 5.70 -2.50
CA LEU F 93 -11.12 6.48 -1.31
C LEU F 93 -12.07 5.73 -0.37
N GLN F 94 -12.91 4.85 -0.92
CA GLN F 94 -13.68 3.94 -0.08
C GLN F 94 -12.76 3.04 0.73
N GLU F 95 -11.74 2.47 0.07
CA GLU F 95 -10.75 1.66 0.76
C GLU F 95 -10.07 2.47 1.85
N ALA F 96 -9.71 3.72 1.55
CA ALA F 96 -9.03 4.55 2.52
C ALA F 96 -9.90 4.80 3.74
N CYS F 97 -11.16 5.19 3.52
CA CYS F 97 -12.05 5.48 4.63
C CYS F 97 -12.31 4.23 5.46
N GLU F 98 -12.55 3.09 4.81
CA GLU F 98 -12.82 1.88 5.56
C GLU F 98 -11.62 1.45 6.38
N ALA F 99 -10.41 1.55 5.80
CA ALA F 99 -9.21 1.22 6.54
C ALA F 99 -9.06 2.11 7.77
N TYR F 100 -9.22 3.42 7.58
CA TYR F 100 -9.09 4.31 8.73
C TYR F 100 -10.13 3.95 9.79
N LEU F 101 -11.39 3.79 9.38
CA LEU F 101 -12.42 3.59 10.39
C LEU F 101 -12.22 2.28 11.14
N VAL F 102 -11.81 1.22 10.44
CA VAL F 102 -11.60 -0.03 11.16
C VAL F 102 -10.43 0.10 12.12
N GLY F 103 -9.37 0.80 11.71
CA GLY F 103 -8.24 0.98 12.62
C GLY F 103 -8.62 1.79 13.85
N LEU F 104 -9.31 2.91 13.64
CA LEU F 104 -9.70 3.74 14.77
C LEU F 104 -10.67 3.01 15.67
N PHE F 105 -11.62 2.27 15.09
CA PHE F 105 -12.58 1.52 15.89
C PHE F 105 -11.88 0.45 16.71
N GLU F 106 -10.90 -0.23 16.13
CA GLU F 106 -10.13 -1.23 16.85
C GLU F 106 -9.39 -0.59 18.02
N ASP F 107 -8.76 0.57 17.79
CA ASP F 107 -8.03 1.20 18.87
C ASP F 107 -8.97 1.75 19.94
N THR F 108 -10.18 2.16 19.54
CA THR F 108 -11.18 2.57 20.51
C THR F 108 -11.61 1.39 21.37
N ASN F 109 -11.81 0.22 20.78
CA ASN F 109 -12.10 -0.97 21.57
C ASN F 109 -10.95 -1.26 22.53
N LEU F 110 -9.71 -1.10 22.06
CA LEU F 110 -8.54 -1.32 22.90
C LEU F 110 -8.58 -0.40 24.12
N CYS F 111 -8.65 0.91 23.88
CA CYS F 111 -8.68 1.86 24.97
C CYS F 111 -9.97 1.79 25.79
N ALA F 112 -11.02 1.15 25.25
CA ALA F 112 -12.27 1.00 25.99
C ALA F 112 -12.16 -0.11 27.02
N ILE F 113 -11.74 -1.30 26.60
CA ILE F 113 -11.46 -2.35 27.57
C ILE F 113 -10.34 -1.88 28.50
N HIS F 114 -9.43 -1.06 27.99
CA HIS F 114 -8.49 -0.33 28.84
C HIS F 114 -9.20 0.50 29.88
N ALA F 115 -10.22 1.25 29.48
CA ALA F 115 -10.99 2.06 30.41
C ALA F 115 -11.82 1.22 31.35
N LYS F 116 -11.76 -0.11 31.24
CA LYS F 116 -12.44 -1.03 32.14
C LYS F 116 -13.95 -0.81 32.13
N ARG F 117 -14.47 -0.34 31.00
CA ARG F 117 -15.90 -0.31 30.74
C ARG F 117 -16.15 -0.99 29.40
N VAL F 118 -17.18 -1.82 29.36
CA VAL F 118 -17.49 -2.55 28.13
C VAL F 118 -18.06 -1.62 27.07
N THR F 119 -18.92 -0.68 27.47
CA THR F 119 -19.58 0.22 26.54
C THR F 119 -18.59 1.28 26.06
N ILE F 120 -18.82 1.77 24.85
CA ILE F 120 -17.89 2.70 24.22
C ILE F 120 -18.23 4.12 24.64
N MET F 121 -17.20 4.96 24.77
CA MET F 121 -17.34 6.35 25.16
C MET F 121 -16.54 7.24 24.23
N PRO F 122 -17.08 8.40 23.84
CA PRO F 122 -16.31 9.31 22.97
C PRO F 122 -14.98 9.74 23.56
N LYS F 123 -14.88 9.87 24.87
CA LYS F 123 -13.64 10.30 25.50
C LYS F 123 -12.48 9.42 25.04
N ASP F 124 -12.75 8.12 24.88
CA ASP F 124 -11.79 7.25 24.23
C ASP F 124 -11.41 7.78 22.86
N ILE F 125 -12.39 8.26 22.09
CA ILE F 125 -12.13 8.76 20.76
C ILE F 125 -11.19 9.96 20.79
N GLN F 126 -11.56 11.00 21.55
CA GLN F 126 -10.69 12.18 21.61
C GLN F 126 -9.31 11.82 22.16
N LEU F 127 -9.24 10.89 23.11
CA LEU F 127 -7.95 10.37 23.55
C LEU F 127 -7.14 9.91 22.35
N ALA F 128 -7.68 8.95 21.60
CA ALA F 128 -7.00 8.40 20.44
C ALA F 128 -6.53 9.50 19.49
N ARG F 129 -7.39 10.48 19.23
CA ARG F 129 -6.99 11.63 18.42
C ARG F 129 -5.75 12.31 18.97
N ARG F 130 -5.76 12.66 20.25
CA ARG F 130 -4.63 13.39 20.80
C ARG F 130 -3.34 12.57 20.73
N ILE F 131 -3.44 11.27 21.00
CA ILE F 131 -2.27 10.42 20.80
C ILE F 131 -1.96 10.24 19.32
N ARG F 132 -2.99 10.04 18.49
CA ARG F 132 -2.62 9.86 17.09
C ARG F 132 -2.25 11.16 16.40
N GLY F 133 -2.07 12.25 17.14
CA GLY F 133 -1.65 13.51 16.56
C GLY F 133 -2.74 14.30 15.88
N GLU F 134 -4.01 13.96 16.11
CA GLU F 134 -5.11 14.60 15.40
C GLU F 134 -5.27 16.07 15.78
N ARG F 135 -5.26 16.38 17.07
CA ARG F 135 -5.32 17.79 17.47
C ARG F 135 -4.26 18.08 18.52
N ASN G 26 -27.32 14.16 2.59
CA ASN G 26 -25.88 14.44 2.62
C ASN G 26 -25.21 13.94 3.92
N ILE G 27 -24.59 14.84 4.69
CA ILE G 27 -23.72 14.47 5.81
C ILE G 27 -24.29 13.34 6.66
N GLN G 28 -25.61 13.29 6.83
CA GLN G 28 -26.14 12.15 7.58
C GLN G 28 -26.08 10.84 6.80
N GLY G 29 -25.40 10.78 5.65
CA GLY G 29 -25.31 9.55 4.88
C GLY G 29 -24.59 8.43 5.61
N ILE G 30 -23.87 8.74 6.69
CA ILE G 30 -23.20 7.71 7.47
C ILE G 30 -24.28 7.03 8.30
N THR G 31 -24.85 5.96 7.76
CA THR G 31 -26.09 5.39 8.29
C THR G 31 -25.86 4.74 9.65
N LYS G 32 -26.82 4.92 10.55
CA LYS G 32 -26.68 4.45 11.93
C LYS G 32 -26.43 2.94 12.02
N PRO G 33 -27.26 2.06 11.47
CA PRO G 33 -26.90 0.63 11.51
C PRO G 33 -25.70 0.28 10.65
N ALA G 34 -25.38 1.09 9.64
CA ALA G 34 -24.11 0.92 8.95
C ALA G 34 -22.94 1.17 9.89
N ILE G 35 -23.04 2.22 10.69
CA ILE G 35 -22.06 2.46 11.76
C ILE G 35 -22.01 1.25 12.67
N ARG G 36 -23.18 0.70 12.99
CA ARG G 36 -23.26 -0.47 13.86
C ARG G 36 -22.47 -1.64 13.30
N ARG G 37 -22.68 -1.95 12.01
CA ARG G 37 -22.02 -3.12 11.43
C ARG G 37 -20.52 -2.87 11.23
N LEU G 38 -20.13 -1.63 10.91
CA LEU G 38 -18.71 -1.35 10.83
C LEU G 38 -18.04 -1.47 12.19
N ALA G 39 -18.73 -1.04 13.25
CA ALA G 39 -18.26 -1.28 14.61
C ALA G 39 -18.19 -2.77 14.90
N ARG G 40 -19.17 -3.53 14.44
CA ARG G 40 -19.14 -4.98 14.57
C ARG G 40 -17.85 -5.55 13.99
N ARG G 41 -17.55 -5.18 12.75
CA ARG G 41 -16.29 -5.60 12.13
C ARG G 41 -15.09 -5.05 12.90
N GLY G 42 -15.26 -3.95 13.62
CA GLY G 42 -14.22 -3.44 14.50
C GLY G 42 -14.14 -4.12 15.85
N GLY G 43 -15.03 -5.07 16.12
CA GLY G 43 -15.04 -5.73 17.41
C GLY G 43 -15.65 -4.94 18.54
N VAL G 44 -16.51 -3.97 18.22
CA VAL G 44 -17.12 -3.15 19.26
C VAL G 44 -18.22 -3.94 19.97
N LYS G 45 -18.35 -3.72 21.27
CA LYS G 45 -19.31 -4.48 22.08
C LYS G 45 -20.66 -3.76 22.19
N ARG G 46 -20.67 -2.54 22.73
CA ARG G 46 -21.90 -1.83 23.00
C ARG G 46 -21.76 -0.39 22.53
N ILE G 47 -22.80 0.14 21.88
CA ILE G 47 -22.71 1.36 21.09
C ILE G 47 -23.79 2.34 21.55
N SER G 48 -23.42 3.61 21.68
CA SER G 48 -24.33 4.67 22.09
C SER G 48 -24.62 5.60 20.92
N GLY G 49 -25.64 6.45 21.11
CA GLY G 49 -26.15 7.25 20.01
C GLY G 49 -25.17 8.29 19.50
N LEU G 50 -24.52 9.03 20.42
CA LEU G 50 -23.71 10.17 20.03
C LEU G 50 -22.51 9.76 19.17
N ILE G 51 -22.10 8.49 19.28
CA ILE G 51 -21.10 7.96 18.36
C ILE G 51 -21.59 8.07 16.93
N TYR G 52 -22.89 7.88 16.71
CA TYR G 52 -23.41 7.76 15.36
C TYR G 52 -23.26 9.05 14.55
N GLU G 53 -22.96 10.17 15.21
CA GLU G 53 -22.63 11.39 14.48
C GLU G 53 -21.22 11.92 14.76
N GLU G 54 -20.59 11.56 15.89
CA GLU G 54 -19.18 11.89 15.99
C GLU G 54 -18.36 11.08 14.98
N THR G 55 -18.89 9.93 14.55
CA THR G 55 -18.28 9.24 13.42
C THR G 55 -18.43 10.04 12.14
N ARG G 56 -19.55 10.72 11.96
CA ARG G 56 -19.70 11.61 10.81
C ARG G 56 -18.67 12.73 10.87
N GLY G 57 -18.45 13.28 12.06
CA GLY G 57 -17.44 14.32 12.22
C GLY G 57 -16.05 13.86 11.85
N VAL G 58 -15.63 12.71 12.41
CA VAL G 58 -14.29 12.20 12.08
C VAL G 58 -14.18 11.89 10.59
N LEU G 59 -15.19 11.24 10.02
CA LEU G 59 -15.12 10.92 8.60
C LEU G 59 -14.96 12.18 7.78
N LYS G 60 -15.81 13.19 8.03
CA LYS G 60 -15.78 14.38 7.20
C LYS G 60 -14.46 15.12 7.33
N VAL G 61 -13.90 15.21 8.55
CA VAL G 61 -12.68 16.00 8.71
C VAL G 61 -11.48 15.29 8.05
N PHE G 62 -11.31 13.98 8.28
CA PHE G 62 -10.18 13.31 7.65
C PHE G 62 -10.34 13.18 6.15
N LEU G 63 -11.56 12.97 5.65
CA LEU G 63 -11.70 13.02 4.21
C LEU G 63 -11.39 14.41 3.67
N GLU G 64 -11.82 15.47 4.36
CA GLU G 64 -11.42 16.80 3.95
C GLU G 64 -9.91 16.87 3.78
N ASN G 65 -9.18 16.42 4.80
CA ASN G 65 -7.72 16.45 4.73
C ASN G 65 -7.19 15.64 3.54
N VAL G 66 -7.65 14.41 3.40
CA VAL G 66 -6.99 13.48 2.47
C VAL G 66 -7.32 13.84 1.03
N ILE G 67 -8.58 14.16 0.76
CA ILE G 67 -8.91 14.67 -0.57
C ILE G 67 -8.29 16.05 -0.80
N ARG G 68 -7.97 16.81 0.25
CA ARG G 68 -7.21 18.04 0.04
C ARG G 68 -5.85 17.73 -0.57
N ASP G 69 -5.02 16.97 0.14
CA ASP G 69 -3.70 16.71 -0.44
C ASP G 69 -3.80 15.83 -1.69
N ALA G 70 -4.88 15.07 -1.85
CA ALA G 70 -5.06 14.27 -3.06
C ALA G 70 -5.31 15.16 -4.27
N VAL G 71 -6.18 16.17 -4.12
CA VAL G 71 -6.43 17.06 -5.24
C VAL G 71 -5.19 17.87 -5.53
N THR G 72 -4.38 18.18 -4.51
CA THR G 72 -3.10 18.84 -4.79
C THR G 72 -2.19 17.93 -5.61
N TYR G 73 -2.08 16.66 -5.21
CA TYR G 73 -1.23 15.72 -5.95
C TYR G 73 -1.69 15.57 -7.39
N THR G 74 -3.00 15.49 -7.61
CA THR G 74 -3.49 15.37 -8.99
C THR G 74 -3.37 16.67 -9.75
N GLU G 75 -3.33 17.82 -9.06
CA GLU G 75 -3.01 19.07 -9.73
C GLU G 75 -1.57 19.10 -10.18
N HIS G 76 -0.66 18.46 -9.43
CA HIS G 76 0.70 18.31 -9.92
C HIS G 76 0.74 17.55 -11.24
N ALA G 77 -0.10 16.53 -11.41
CA ALA G 77 -0.14 15.77 -12.65
C ALA G 77 -0.83 16.52 -13.78
N LYS G 78 -1.22 17.78 -13.57
CA LYS G 78 -1.98 18.55 -14.56
C LYS G 78 -3.29 17.84 -14.91
N ARG G 79 -3.77 17.02 -13.98
CA ARG G 79 -4.93 16.17 -14.19
C ARG G 79 -6.11 16.71 -13.42
N LYS G 80 -7.27 16.77 -14.08
CA LYS G 80 -8.48 17.31 -13.48
C LYS G 80 -9.28 16.27 -12.69
N THR G 81 -8.81 15.04 -12.61
CA THR G 81 -9.48 13.98 -11.86
C THR G 81 -8.49 13.35 -10.90
N VAL G 82 -8.94 13.09 -9.68
CA VAL G 82 -8.09 12.45 -8.68
C VAL G 82 -7.88 10.99 -9.07
N THR G 83 -6.81 10.39 -8.55
CA THR G 83 -6.46 9.01 -8.84
C THR G 83 -6.22 8.24 -7.55
N ALA G 84 -6.22 6.92 -7.67
CA ALA G 84 -5.83 6.07 -6.54
C ALA G 84 -4.39 6.34 -6.13
N MET G 85 -3.55 6.75 -7.07
CA MET G 85 -2.18 7.16 -6.75
C MET G 85 -2.19 8.31 -5.75
N ASP G 86 -3.04 9.31 -5.98
CA ASP G 86 -3.16 10.41 -5.02
C ASP G 86 -3.60 9.89 -3.67
N VAL G 87 -4.58 8.98 -3.66
CA VAL G 87 -5.10 8.44 -2.41
C VAL G 87 -4.00 7.72 -1.64
N VAL G 88 -3.22 6.89 -2.33
CA VAL G 88 -2.22 6.10 -1.64
C VAL G 88 -1.10 7.00 -1.11
N TYR G 89 -0.73 8.03 -1.87
CA TYR G 89 0.25 8.98 -1.34
C TYR G 89 -0.31 9.73 -0.14
N ALA G 90 -1.60 10.05 -0.15
CA ALA G 90 -2.22 10.66 1.02
C ALA G 90 -2.12 9.74 2.22
N LEU G 91 -2.36 8.45 2.03
CA LEU G 91 -2.21 7.49 3.12
C LEU G 91 -0.78 7.42 3.63
N LYS G 92 0.22 7.45 2.73
CA LYS G 92 1.60 7.52 3.21
C LYS G 92 1.82 8.76 4.06
N ARG G 93 1.33 9.92 3.60
CA ARG G 93 1.51 11.15 4.36
C ARG G 93 0.76 11.12 5.68
N GLN G 94 -0.31 10.35 5.80
CA GLN G 94 -1.04 10.18 7.05
C GLN G 94 -0.60 8.96 7.83
N GLY G 95 0.36 8.20 7.33
CA GLY G 95 0.88 7.06 8.05
C GLY G 95 -0.07 5.89 8.21
N ARG G 96 -0.89 5.61 7.20
CA ARG G 96 -1.79 4.47 7.19
C ARG G 96 -1.71 3.78 5.83
N THR G 97 -0.49 3.48 5.40
CA THR G 97 -0.26 2.93 4.07
C THR G 97 -0.92 1.56 3.94
N LEU G 98 -1.84 1.44 2.99
CA LEU G 98 -2.54 0.18 2.69
C LEU G 98 -3.36 0.36 1.42
N GLU H 60 16.42 21.31 28.51
CA GLU H 60 17.86 21.12 28.40
C GLU H 60 18.27 19.71 28.83
N LEU H 61 19.59 19.52 28.99
CA LEU H 61 20.11 18.21 29.34
C LEU H 61 19.89 17.91 30.82
N LEU H 62 19.30 16.74 31.10
CA LEU H 62 19.17 16.22 32.45
C LEU H 62 19.66 14.78 32.57
N ILE H 63 20.38 14.28 31.58
CA ILE H 63 20.91 12.93 31.58
C ILE H 63 22.42 12.99 31.47
N ARG H 64 23.10 12.22 32.30
CA ARG H 64 24.56 12.29 32.37
C ARG H 64 25.18 11.69 31.12
N LYS H 65 26.22 12.35 30.61
CA LYS H 65 26.82 11.95 29.33
C LYS H 65 27.46 10.57 29.42
N LEU H 66 28.19 10.30 30.51
CA LEU H 66 28.99 9.08 30.57
C LEU H 66 28.16 7.81 30.54
N PRO H 67 27.06 7.66 31.31
CA PRO H 67 26.28 6.42 31.19
C PRO H 67 25.72 6.20 29.79
N PHE H 68 25.25 7.27 29.14
CA PHE H 68 24.76 7.15 27.78
C PHE H 68 25.87 6.72 26.83
N GLN H 69 27.05 7.34 26.97
CA GLN H 69 28.17 6.99 26.11
C GLN H 69 28.62 5.56 26.35
N ARG H 70 28.60 5.10 27.60
CA ARG H 70 29.09 3.75 27.88
C ARG H 70 28.10 2.69 27.41
N LEU H 71 26.80 2.97 27.49
CA LEU H 71 25.85 2.03 26.89
C LEU H 71 25.94 2.04 25.36
N VAL H 72 26.22 3.20 24.77
CA VAL H 72 26.44 3.28 23.33
C VAL H 72 27.65 2.44 22.93
N ARG H 73 28.74 2.56 23.68
CA ARG H 73 29.92 1.75 23.41
C ARG H 73 29.63 0.26 23.65
N GLU H 74 28.81 -0.04 24.65
CA GLU H 74 28.42 -1.43 24.89
C GLU H 74 27.72 -2.03 23.69
N ILE H 75 26.70 -1.35 23.18
CA ILE H 75 25.99 -1.88 22.02
C ILE H 75 26.90 -1.89 20.79
N ALA H 76 27.79 -0.90 20.67
CA ALA H 76 28.72 -0.89 19.53
C ALA H 76 29.63 -2.11 19.55
N GLN H 77 30.25 -2.39 20.69
CA GLN H 77 31.13 -3.56 20.77
C GLN H 77 30.34 -4.86 20.68
N ASP H 78 29.05 -4.83 21.04
CA ASP H 78 28.19 -5.97 20.74
C ASP H 78 28.04 -6.16 19.23
N PHE H 79 27.90 -5.06 18.49
CA PHE H 79 27.75 -5.14 17.03
C PHE H 79 29.10 -5.29 16.34
N LYS H 80 29.97 -4.29 16.48
CA LYS H 80 31.27 -4.30 15.81
C LYS H 80 32.18 -3.28 16.46
N THR H 81 33.43 -3.67 16.71
CA THR H 81 34.38 -2.82 17.41
C THR H 81 34.93 -1.75 16.47
N ASP H 82 35.74 -0.86 17.04
CA ASP H 82 36.42 0.21 16.29
C ASP H 82 35.41 1.11 15.57
N LEU H 83 34.34 1.46 16.27
CA LEU H 83 33.34 2.42 15.78
C LEU H 83 33.39 3.63 16.71
N ARG H 84 34.22 4.60 16.34
CA ARG H 84 34.43 5.78 17.18
C ARG H 84 33.20 6.69 17.12
N PHE H 85 32.88 7.30 18.25
CA PHE H 85 31.74 8.21 18.36
C PHE H 85 32.23 9.61 18.70
N GLN H 86 31.78 10.58 17.92
CA GLN H 86 32.20 11.97 18.09
C GLN H 86 31.27 12.68 19.07
N SER H 87 31.83 13.66 19.78
CA SER H 87 31.09 14.31 20.85
C SER H 87 29.86 15.03 20.32
N SER H 88 29.98 15.74 19.19
CA SER H 88 28.85 16.48 18.65
C SER H 88 27.72 15.55 18.25
N ALA H 89 28.05 14.46 17.54
CA ALA H 89 27.03 13.49 17.15
C ALA H 89 26.43 12.82 18.37
N VAL H 90 27.25 12.51 19.36
CA VAL H 90 26.75 11.87 20.58
C VAL H 90 25.74 12.77 21.28
N MET H 91 26.08 14.05 21.44
CA MET H 91 25.17 14.96 22.15
C MET H 91 23.90 15.22 21.35
N ALA H 92 24.02 15.31 20.02
CA ALA H 92 22.84 15.51 19.19
C ALA H 92 21.90 14.30 19.29
N LEU H 93 22.46 13.10 19.21
CA LEU H 93 21.64 11.90 19.33
C LEU H 93 21.04 11.81 20.73
N GLN H 94 21.79 12.21 21.75
CA GLN H 94 21.28 12.17 23.11
C GLN H 94 20.11 13.13 23.30
N GLU H 95 20.22 14.35 22.75
CA GLU H 95 19.13 15.30 22.92
C GLU H 95 17.90 14.87 22.13
N ALA H 96 18.09 14.31 20.93
CA ALA H 96 16.96 13.73 20.21
C ALA H 96 16.33 12.59 21.01
N CYS H 97 17.18 11.79 21.66
CA CYS H 97 16.71 10.72 22.54
C CYS H 97 15.81 11.25 23.64
N GLU H 98 16.28 12.27 24.36
CA GLU H 98 15.48 12.86 25.43
C GLU H 98 14.18 13.43 24.89
N ALA H 99 14.24 14.12 23.75
CA ALA H 99 13.04 14.71 23.18
C ALA H 99 12.00 13.63 22.87
N TYR H 100 12.41 12.55 22.22
CA TYR H 100 11.45 11.51 21.86
C TYR H 100 10.88 10.85 23.11
N LEU H 101 11.74 10.53 24.07
CA LEU H 101 11.25 9.81 25.25
C LEU H 101 10.29 10.68 26.03
N VAL H 102 10.59 11.97 26.19
CA VAL H 102 9.66 12.84 26.91
C VAL H 102 8.37 13.00 26.11
N GLY H 103 8.46 12.98 24.77
CA GLY H 103 7.26 13.08 23.96
C GLY H 103 6.30 11.95 24.20
N LEU H 104 6.79 10.71 24.06
CA LEU H 104 5.96 9.57 24.46
C LEU H 104 5.59 9.64 25.92
N PHE H 105 6.41 10.26 26.77
CA PHE H 105 6.07 10.32 28.17
C PHE H 105 4.80 11.13 28.42
N GLU H 106 4.71 12.34 27.85
CA GLU H 106 3.46 13.06 28.13
C GLU H 106 2.33 12.50 27.27
N ASP H 107 2.65 11.81 26.17
CA ASP H 107 1.64 11.02 25.49
C ASP H 107 0.97 10.06 26.47
N THR H 108 1.78 9.28 27.18
CA THR H 108 1.25 8.37 28.19
C THR H 108 0.58 9.12 29.33
N ASN H 109 1.10 10.30 29.67
CA ASN H 109 0.48 11.11 30.70
C ASN H 109 -0.96 11.45 30.34
N LEU H 110 -1.18 11.94 29.12
CA LEU H 110 -2.54 12.22 28.67
C LEU H 110 -3.38 10.94 28.64
N CYS H 111 -2.78 9.83 28.20
CA CYS H 111 -3.47 8.55 28.25
C CYS H 111 -3.99 8.27 29.65
N ALA H 112 -3.12 8.42 30.65
CA ALA H 112 -3.52 8.19 32.05
C ALA H 112 -4.58 9.19 32.48
N ILE H 113 -4.50 10.43 31.97
CA ILE H 113 -5.50 11.43 32.29
C ILE H 113 -6.88 10.96 31.84
N HIS H 114 -6.96 10.39 30.64
CA HIS H 114 -8.20 9.75 30.24
C HIS H 114 -8.51 8.56 31.14
N ALA H 115 -7.49 7.84 31.57
CA ALA H 115 -7.68 6.68 32.43
C ALA H 115 -8.20 7.05 33.80
N LYS H 116 -8.50 8.33 33.99
CA LYS H 116 -9.14 8.85 35.20
C LYS H 116 -8.50 8.30 36.47
N ARG H 117 -7.18 8.08 36.42
CA ARG H 117 -6.41 7.63 37.57
C ARG H 117 -5.08 8.35 37.51
N VAL H 118 -4.85 9.24 38.48
CA VAL H 118 -3.69 10.13 38.41
C VAL H 118 -2.39 9.34 38.44
N THR H 119 -2.33 8.26 39.20
CA THR H 119 -1.17 7.40 39.17
C THR H 119 -1.12 6.62 37.85
N ILE H 120 0.09 6.37 37.37
CA ILE H 120 0.30 5.75 36.08
C ILE H 120 0.71 4.30 36.28
N MET H 121 0.36 3.46 35.30
CA MET H 121 0.75 2.05 35.29
C MET H 121 1.11 1.70 33.85
N PRO H 122 2.23 1.00 33.61
CA PRO H 122 2.82 0.98 32.26
C PRO H 122 1.99 0.26 31.20
N LYS H 123 1.01 -0.57 31.58
CA LYS H 123 0.21 -1.22 30.55
C LYS H 123 -0.49 -0.18 29.68
N ASP H 124 -0.83 0.97 30.26
CA ASP H 124 -1.31 2.08 29.46
C ASP H 124 -0.27 2.52 28.44
N ILE H 125 0.99 2.55 28.87
CA ILE H 125 2.05 2.92 27.96
C ILE H 125 2.14 1.90 26.82
N GLN H 126 1.89 0.63 27.13
CA GLN H 126 1.94 -0.41 26.10
C GLN H 126 0.74 -0.30 25.15
N LEU H 127 -0.40 0.18 25.66
CA LEU H 127 -1.48 0.57 24.75
C LEU H 127 -0.99 1.63 23.78
N ALA H 128 -0.30 2.64 24.30
CA ALA H 128 0.24 3.68 23.44
C ALA H 128 1.22 3.09 22.42
N ARG H 129 2.01 2.10 22.84
CA ARG H 129 2.93 1.42 21.92
C ARG H 129 2.17 0.84 20.74
N ARG H 130 1.14 0.04 21.02
CA ARG H 130 0.39 -0.55 19.91
C ARG H 130 -0.45 0.47 19.17
N ILE H 131 -0.68 1.64 19.76
CA ILE H 131 -1.21 2.76 18.98
C ILE H 131 -0.18 3.22 17.95
N ARG H 132 1.07 3.37 18.38
CA ARG H 132 2.18 3.62 17.45
C ARG H 132 2.47 2.43 16.55
N GLY H 133 2.15 1.21 16.97
CA GLY H 133 2.45 0.04 16.17
C GLY H 133 3.93 -0.26 16.06
N GLU H 134 4.73 0.19 17.03
CA GLU H 134 6.15 -0.09 17.02
C GLU H 134 6.42 -1.59 17.15
N ARG H 135 5.70 -2.25 18.04
CA ARG H 135 5.82 -3.70 18.24
C ARG H 135 4.46 -4.31 18.58
N ILE I 27 23.45 -0.32 29.75
CA ILE I 27 22.02 -0.17 29.60
C ILE I 27 21.41 0.26 30.93
N GLN I 28 22.03 -0.19 32.02
CA GLN I 28 21.65 0.27 33.35
C GLN I 28 21.90 1.76 33.53
N GLY I 29 22.71 2.36 32.65
CA GLY I 29 23.15 3.74 32.81
C GLY I 29 22.03 4.76 32.86
N ILE I 30 20.85 4.42 32.33
CA ILE I 30 19.71 5.32 32.44
C ILE I 30 19.21 5.25 33.89
N THR I 31 19.64 6.20 34.71
CA THR I 31 19.37 6.15 36.14
C THR I 31 17.90 6.43 36.42
N LYS I 32 17.34 5.65 37.34
CA LYS I 32 15.92 5.80 37.69
C LYS I 32 15.57 7.15 38.26
N PRO I 33 16.36 7.77 39.15
CA PRO I 33 16.05 9.16 39.56
C PRO I 33 16.03 10.14 38.40
N ALA I 34 16.87 9.95 37.39
CA ALA I 34 16.76 10.77 36.19
C ALA I 34 15.41 10.57 35.53
N ILE I 35 14.96 9.32 35.46
CA ILE I 35 13.63 9.03 34.94
C ILE I 35 12.57 9.77 35.75
N ARG I 36 12.72 9.78 37.07
CA ARG I 36 11.71 10.40 37.93
C ARG I 36 11.69 11.92 37.77
N ARG I 37 12.87 12.55 37.63
CA ARG I 37 12.87 14.00 37.46
C ARG I 37 12.37 14.40 36.08
N LEU I 38 12.72 13.61 35.05
CA LEU I 38 12.11 13.84 33.74
C LEU I 38 10.60 13.63 33.79
N ALA I 39 10.14 12.70 34.62
CA ALA I 39 8.71 12.52 34.84
C ALA I 39 8.10 13.76 35.47
N ARG I 40 8.77 14.29 36.51
CA ARG I 40 8.30 15.52 37.15
C ARG I 40 8.19 16.65 36.15
N ARG I 41 9.15 16.72 35.22
CA ARG I 41 9.01 17.66 34.11
C ARG I 41 7.80 17.33 33.24
N GLY I 42 7.53 16.04 33.04
CA GLY I 42 6.41 15.62 32.23
C GLY I 42 5.04 15.88 32.82
N GLY I 43 4.98 16.39 34.05
CA GLY I 43 3.72 16.78 34.66
C GLY I 43 2.99 15.68 35.39
N VAL I 44 3.58 14.50 35.54
CA VAL I 44 2.94 13.43 36.29
C VAL I 44 3.08 13.69 37.78
N LYS I 45 2.27 13.02 38.59
CA LYS I 45 2.25 13.22 40.03
C LYS I 45 2.68 11.98 40.80
N ARG I 46 2.05 10.83 40.57
CA ARG I 46 2.44 9.59 41.23
C ARG I 46 2.76 8.54 40.19
N ILE I 47 3.90 7.87 40.36
CA ILE I 47 4.48 7.01 39.34
C ILE I 47 4.69 5.62 39.91
N SER I 48 4.24 4.60 39.19
CA SER I 48 4.46 3.22 39.58
C SER I 48 5.94 2.85 39.41
N GLY I 49 6.44 1.98 40.29
CA GLY I 49 7.85 1.66 40.28
C GLY I 49 8.33 0.98 39.01
N LEU I 50 7.52 0.05 38.48
CA LEU I 50 7.93 -0.77 37.35
C LEU I 50 8.01 0.03 36.04
N ILE I 51 7.88 1.35 36.15
CA ILE I 51 7.98 2.24 34.99
C ILE I 51 9.34 2.11 34.30
N TYR I 52 10.40 1.98 35.09
CA TYR I 52 11.76 2.23 34.61
C TYR I 52 12.17 1.24 33.53
N GLU I 53 11.90 -0.05 33.75
CA GLU I 53 12.40 -1.07 32.84
C GLU I 53 11.80 -0.93 31.45
N GLU I 54 10.49 -0.72 31.36
CA GLU I 54 9.89 -0.58 30.04
C GLU I 54 10.27 0.75 29.39
N THR I 55 10.43 1.80 30.20
CA THR I 55 10.95 3.04 29.62
C THR I 55 12.31 2.83 28.99
N ARG I 56 13.21 2.15 29.68
CA ARG I 56 14.52 1.86 29.12
C ARG I 56 14.42 0.99 27.86
N GLY I 57 13.52 -0.01 27.88
CA GLY I 57 13.41 -0.90 26.74
C GLY I 57 12.97 -0.16 25.48
N VAL I 58 11.94 0.67 25.60
CA VAL I 58 11.51 1.39 24.41
C VAL I 58 12.41 2.57 24.12
N LEU I 59 13.24 2.95 25.08
CA LEU I 59 14.34 3.85 24.76
C LEU I 59 15.31 3.18 23.79
N LYS I 60 15.77 1.98 24.15
CA LYS I 60 16.79 1.35 23.33
C LYS I 60 16.24 0.84 22.00
N VAL I 61 14.95 0.52 21.90
CA VAL I 61 14.48 0.06 20.59
C VAL I 61 14.61 1.18 19.55
N PHE I 62 14.22 2.40 19.93
CA PHE I 62 14.39 3.53 19.01
C PHE I 62 15.85 3.91 18.86
N LEU I 63 16.64 3.75 19.92
CA LEU I 63 18.09 3.92 19.75
C LEU I 63 18.61 3.00 18.66
N GLU I 64 18.17 1.74 18.67
CA GLU I 64 18.61 0.77 17.67
C GLU I 64 18.12 1.16 16.28
N ASN I 65 16.86 1.57 16.16
CA ASN I 65 16.34 1.97 14.85
C ASN I 65 17.13 3.14 14.29
N VAL I 66 17.40 4.14 15.11
CA VAL I 66 18.12 5.33 14.65
C VAL I 66 19.55 4.99 14.28
N ILE I 67 20.23 4.18 15.09
CA ILE I 67 21.62 3.85 14.75
C ILE I 67 21.66 2.97 13.51
N ARG I 68 20.64 2.13 13.31
CA ARG I 68 20.58 1.33 12.09
C ARG I 68 20.43 2.20 10.86
N ASP I 69 19.52 3.18 10.91
CA ASP I 69 19.38 4.09 9.78
C ASP I 69 20.64 4.93 9.59
N ALA I 70 21.27 5.31 10.71
CA ALA I 70 22.50 6.10 10.65
C ALA I 70 23.60 5.35 9.93
N VAL I 71 23.84 4.08 10.33
CA VAL I 71 24.87 3.31 9.67
C VAL I 71 24.47 2.96 8.24
N THR I 72 23.16 2.84 7.97
CA THR I 72 22.71 2.61 6.60
C THR I 72 23.11 3.75 5.70
N TYR I 73 22.90 5.00 6.14
CA TYR I 73 23.36 6.14 5.37
C TYR I 73 24.88 6.24 5.38
N THR I 74 25.51 5.88 6.50
CA THR I 74 26.96 6.04 6.64
C THR I 74 27.73 5.12 5.70
N GLU I 75 27.27 3.88 5.54
CA GLU I 75 27.97 2.96 4.66
C GLU I 75 27.84 3.37 3.20
N HIS I 76 26.67 3.91 2.83
CA HIS I 76 26.55 4.53 1.50
C HIS I 76 27.48 5.73 1.38
N ALA I 77 27.70 6.45 2.48
CA ALA I 77 28.69 7.52 2.52
C ALA I 77 30.12 7.01 2.67
N LYS I 78 30.31 5.71 2.80
CA LYS I 78 31.63 5.09 2.94
C LYS I 78 32.39 5.66 4.14
N ARG I 79 31.68 5.83 5.25
CA ARG I 79 32.24 6.40 6.46
C ARG I 79 32.06 5.43 7.63
N LYS I 80 32.81 5.65 8.70
CA LYS I 80 32.78 4.80 9.88
C LYS I 80 32.33 5.52 11.14
N THR I 81 32.18 6.84 11.11
CA THR I 81 31.89 7.64 12.29
C THR I 81 30.50 8.24 12.19
N VAL I 82 29.76 8.21 13.31
CA VAL I 82 28.42 8.79 13.35
C VAL I 82 28.50 10.31 13.17
N THR I 83 27.47 10.87 12.54
CA THR I 83 27.43 12.27 12.19
C THR I 83 26.00 12.78 12.36
N ALA I 84 25.88 14.09 12.61
CA ALA I 84 24.57 14.70 12.82
C ALA I 84 23.67 14.55 11.59
N MET I 85 24.26 14.48 10.40
CA MET I 85 23.46 14.26 9.19
C MET I 85 22.69 12.96 9.29
N ASP I 86 23.30 11.93 9.89
CA ASP I 86 22.64 10.64 10.05
C ASP I 86 21.39 10.78 10.92
N VAL I 87 21.49 11.48 12.05
CA VAL I 87 20.33 11.61 12.92
C VAL I 87 19.29 12.52 12.27
N VAL I 88 19.71 13.51 11.49
CA VAL I 88 18.75 14.34 10.78
C VAL I 88 17.94 13.49 9.79
N TYR I 89 18.63 12.62 9.05
CA TYR I 89 17.93 11.72 8.15
C TYR I 89 17.05 10.73 8.90
N ALA I 90 17.47 10.33 10.11
CA ALA I 90 16.60 9.50 10.94
C ALA I 90 15.32 10.25 11.32
N LEU I 91 15.46 11.52 11.69
CA LEU I 91 14.28 12.36 11.94
C LEU I 91 13.38 12.42 10.71
N LYS I 92 13.98 12.62 9.54
CA LYS I 92 13.20 12.67 8.30
C LYS I 92 12.47 11.36 8.04
N ARG I 93 13.15 10.24 8.24
CA ARG I 93 12.56 8.94 7.94
C ARG I 93 11.42 8.61 8.90
N GLN I 94 11.63 8.82 10.20
CA GLN I 94 10.58 8.46 11.15
C GLN I 94 9.48 9.51 11.20
N GLY I 95 9.73 10.71 10.68
CA GLY I 95 8.74 11.76 10.63
C GLY I 95 8.64 12.63 11.87
N ARG I 96 9.65 12.61 12.73
CA ARG I 96 9.64 13.42 13.94
C ARG I 96 10.23 14.81 13.74
N THR I 97 10.62 15.18 12.52
CA THR I 97 11.15 16.50 12.24
C THR I 97 10.09 17.58 12.45
N VAL K 239 36.97 37.08 17.35
CA VAL K 239 35.69 37.68 17.04
C VAL K 239 35.77 38.39 15.69
N LEU K 240 34.60 38.77 15.16
CA LEU K 240 34.55 39.50 13.90
C LEU K 240 35.14 40.89 14.05
N GLN K 241 35.80 41.36 13.00
CA GLN K 241 36.37 42.71 12.96
C GLN K 241 35.62 43.52 11.93
N PRO K 242 34.69 44.39 12.34
CA PRO K 242 33.85 45.10 11.36
C PRO K 242 34.67 46.09 10.55
N VAL K 243 34.46 46.07 9.24
CA VAL K 243 35.06 47.02 8.30
C VAL K 243 33.93 47.71 7.58
N LYS K 244 33.75 49.00 7.81
CA LYS K 244 32.67 49.78 7.23
C LYS K 244 33.24 50.89 6.37
N ILE K 245 32.67 51.06 5.18
CA ILE K 245 33.10 52.07 4.22
C ILE K 245 31.98 53.08 4.06
N GLY K 246 32.30 54.36 4.24
CA GLY K 246 31.31 55.41 4.15
C GLY K 246 30.96 55.77 2.72
N CYS K 247 30.24 56.88 2.58
CA CYS K 247 29.78 57.35 1.28
C CYS K 247 30.97 57.90 0.51
N VAL K 248 31.45 57.14 -0.46
CA VAL K 248 32.52 57.57 -1.35
C VAL K 248 31.93 57.69 -2.75
N TRP K 249 31.89 58.91 -3.27
CA TRP K 249 31.24 59.17 -4.56
C TRP K 249 32.27 59.45 -5.64
N LEU K 263 36.08 49.73 -2.50
CA LEU K 263 34.90 49.82 -3.37
C LEU K 263 35.28 49.58 -4.83
N GLN K 264 36.51 49.98 -5.20
CA GLN K 264 36.97 49.78 -6.56
C GLN K 264 37.15 48.32 -6.92
N GLN K 265 37.27 47.44 -5.91
CA GLN K 265 37.29 46.00 -6.18
C GLN K 265 35.95 45.53 -6.74
N PHE K 266 34.88 46.26 -6.50
CA PHE K 266 33.55 45.92 -7.00
C PHE K 266 33.14 46.78 -8.19
N ALA K 267 34.11 47.19 -9.00
CA ALA K 267 33.83 48.08 -10.12
C ALA K 267 32.95 47.41 -11.16
N ALA K 268 32.17 48.22 -11.88
CA ALA K 268 31.23 47.68 -12.85
C ALA K 268 31.96 47.02 -14.02
N CYS K 269 31.38 45.92 -14.50
CA CYS K 269 31.89 45.19 -15.66
C CYS K 269 30.74 45.00 -16.65
N PHE K 270 30.97 45.36 -17.90
CA PHE K 270 29.93 45.30 -18.92
C PHE K 270 30.27 44.25 -19.98
N LEU K 271 29.29 43.99 -20.84
CA LEU K 271 29.46 43.05 -21.94
C LEU K 271 28.90 43.63 -23.24
N MET L 1 24.83 57.00 5.74
CA MET L 1 23.74 56.26 6.35
C MET L 1 24.21 55.55 7.61
N LYS L 2 23.26 54.95 8.33
CA LYS L 2 23.54 54.22 9.56
C LYS L 2 22.89 52.86 9.50
N VAL L 3 23.56 51.87 10.11
CA VAL L 3 23.08 50.50 10.14
C VAL L 3 23.00 50.05 11.59
N ILE L 4 21.83 49.56 12.00
CA ILE L 4 21.59 49.10 13.36
C ILE L 4 21.14 47.65 13.28
N THR L 5 21.80 46.77 14.05
CA THR L 5 21.51 45.35 14.05
C THR L 5 20.74 44.98 15.32
N CYS L 6 19.63 44.28 15.14
CA CYS L 6 18.81 43.83 16.26
C CYS L 6 19.47 42.63 16.91
N GLU L 7 19.94 42.80 18.14
CA GLU L 7 20.66 41.73 18.84
C GLU L 7 19.79 40.97 19.82
N ILE L 8 18.48 41.21 19.81
CA ILE L 8 17.53 40.46 20.63
C ILE L 8 16.75 39.53 19.72
N ALA L 9 16.62 38.27 20.11
CA ALA L 9 15.97 37.27 19.29
C ALA L 9 14.50 37.60 19.11
N TRP L 10 14.08 37.81 17.86
CA TRP L 10 12.68 38.17 17.60
C TRP L 10 11.75 36.99 17.83
N HIS L 11 12.16 35.79 17.42
CA HIS L 11 11.32 34.60 17.47
C HIS L 11 11.97 33.52 18.31
N ASN L 12 12.55 33.92 19.44
CA ASN L 12 13.15 32.99 20.42
C ASN L 12 14.26 32.16 19.79
N LYS L 13 15.26 32.86 19.26
CA LYS L 13 16.48 32.25 18.71
C LYS L 13 16.21 31.30 17.56
N GLU L 14 15.15 31.53 16.80
CA GLU L 14 14.94 30.69 15.62
C GLU L 14 15.16 31.51 14.35
N PRO L 15 15.58 30.85 13.26
CA PRO L 15 15.88 31.59 12.03
C PRO L 15 14.68 32.39 11.53
N VAL L 16 14.95 33.59 11.04
CA VAL L 16 13.94 34.47 10.47
C VAL L 16 13.88 34.22 8.97
N TYR L 17 12.67 34.13 8.43
CA TYR L 17 12.47 33.76 7.03
C TYR L 17 11.96 34.89 6.15
N SER L 18 11.23 35.86 6.70
CA SER L 18 10.65 36.91 5.88
C SER L 18 10.52 38.20 6.68
N LEU L 19 10.42 39.31 5.95
CA LEU L 19 10.13 40.62 6.51
C LEU L 19 9.29 41.40 5.51
N ASP L 20 8.43 42.27 6.03
CA ASP L 20 7.59 43.09 5.16
C ASP L 20 7.11 44.31 5.94
N PHE L 21 7.16 45.47 5.29
CA PHE L 21 6.67 46.71 5.85
C PHE L 21 5.24 46.96 5.37
N GLN L 22 4.48 47.68 6.19
CA GLN L 22 3.11 48.02 5.84
C GLN L 22 3.12 49.04 4.69
N HIS L 23 2.67 48.60 3.51
CA HIS L 23 2.58 49.51 2.38
C HIS L 23 1.51 50.58 2.58
N GLY L 24 0.57 50.36 3.51
CA GLY L 24 -0.42 51.36 3.81
C GLY L 24 0.08 52.52 4.66
N THR L 25 1.28 52.40 5.21
CA THR L 25 1.86 53.50 5.98
C THR L 25 2.15 54.69 5.07
N ALA L 26 1.90 55.89 5.58
CA ALA L 26 2.13 57.12 4.82
C ALA L 26 2.89 58.18 5.60
N GLY L 27 3.23 57.94 6.85
CA GLY L 27 3.93 58.92 7.65
C GLY L 27 5.36 58.51 7.97
N ARG L 28 5.82 58.83 9.18
CA ARG L 28 7.17 58.50 9.61
C ARG L 28 7.28 57.14 10.25
N ILE L 29 6.23 56.68 10.94
CA ILE L 29 6.24 55.38 11.60
C ILE L 29 5.76 54.33 10.62
N HIS L 30 6.51 53.24 10.51
CA HIS L 30 6.18 52.14 9.61
C HIS L 30 5.97 50.86 10.41
N ARG L 31 5.08 50.01 9.90
CA ARG L 31 4.73 48.76 10.55
C ARG L 31 5.40 47.60 9.82
N LEU L 32 6.20 46.83 10.56
CA LEU L 32 6.97 45.73 10.01
C LEU L 32 6.45 44.41 10.56
N ALA L 33 6.43 43.39 9.71
CA ALA L 33 5.99 42.06 10.09
C ALA L 33 7.11 41.06 9.81
N SER L 34 7.23 40.04 10.67
CA SER L 34 8.29 39.06 10.58
C SER L 34 7.73 37.65 10.60
N ALA L 35 8.49 36.72 10.02
CA ALA L 35 8.13 35.31 9.98
C ALA L 35 9.29 34.48 10.51
N GLY L 36 8.97 33.45 11.29
CA GLY L 36 9.99 32.61 11.89
C GLY L 36 9.52 31.17 12.02
N VAL L 37 10.43 30.33 12.54
CA VAL L 37 10.12 28.93 12.76
C VAL L 37 9.16 28.73 13.92
N ASP L 38 8.96 29.76 14.74
CA ASP L 38 8.13 29.66 15.93
C ASP L 38 6.64 29.64 15.57
N THR L 39 6.34 29.46 14.29
CA THR L 39 4.96 29.41 13.78
C THR L 39 4.18 30.68 14.10
N ASN L 40 4.87 31.78 14.37
CA ASN L 40 4.25 33.02 14.77
C ASN L 40 4.68 34.14 13.82
N VAL L 41 3.74 35.01 13.48
CA VAL L 41 4.01 36.19 12.67
C VAL L 41 3.94 37.40 13.59
N ARG L 42 5.08 38.05 13.80
CA ARG L 42 5.17 39.21 14.68
C ARG L 42 5.18 40.47 13.86
N ILE L 43 4.19 41.33 14.06
CA ILE L 43 4.19 42.67 13.49
C ILE L 43 4.82 43.63 14.49
N TRP L 44 5.83 44.36 14.03
CA TRP L 44 6.57 45.31 14.85
C TRP L 44 6.25 46.74 14.41
N LYS L 45 6.54 47.67 15.31
CA LYS L 45 6.41 49.10 15.03
C LYS L 45 7.81 49.69 14.93
N VAL L 46 8.17 50.15 13.74
CA VAL L 46 9.51 50.65 13.46
C VAL L 46 9.43 52.14 13.19
N GLU L 47 10.23 52.91 13.92
CA GLU L 47 10.26 54.36 13.77
C GLU L 47 11.64 54.86 14.20
N LYS L 48 12.08 55.95 13.57
CA LYS L 48 13.37 56.53 13.90
C LYS L 48 13.34 57.14 15.30
N GLY L 49 14.47 56.99 16.00
CA GLY L 49 14.63 57.63 17.29
C GLY L 49 15.05 59.08 17.15
N PRO L 50 15.24 59.73 18.30
CA PRO L 50 15.72 61.12 18.26
C PRO L 50 17.07 61.27 17.57
N ASP L 51 17.96 60.29 17.70
CA ASP L 51 19.26 60.34 17.04
C ASP L 51 19.22 59.83 15.61
N GLY L 52 18.10 59.26 15.17
CA GLY L 52 17.96 58.72 13.83
C GLY L 52 18.13 57.22 13.73
N LYS L 53 18.62 56.57 14.78
CA LYS L 53 18.79 55.12 14.75
C LYS L 53 17.43 54.44 14.82
N ALA L 54 17.32 53.28 14.18
CA ALA L 54 16.06 52.56 14.11
C ALA L 54 15.68 52.01 15.48
N ILE L 55 14.40 52.11 15.81
CA ILE L 55 13.84 51.58 17.05
C ILE L 55 12.67 50.67 16.68
N VAL L 56 12.64 49.48 17.28
CA VAL L 56 11.66 48.45 16.97
C VAL L 56 10.75 48.25 18.17
N GLU L 57 9.44 48.31 17.94
CA GLU L 57 8.44 48.15 18.98
C GLU L 57 7.50 47.00 18.61
N PHE L 58 7.32 46.06 19.53
CA PHE L 58 6.48 44.90 19.28
C PHE L 58 5.00 45.28 19.37
N LEU L 59 4.20 44.80 18.42
CA LEU L 59 2.79 45.11 18.37
C LEU L 59 1.90 43.88 18.56
N SER L 60 2.05 42.85 17.74
CA SER L 60 1.10 41.75 17.76
C SER L 60 1.81 40.43 17.46
N ASN L 61 1.17 39.34 17.88
CA ASN L 61 1.65 37.99 17.63
C ASN L 61 0.55 37.20 16.92
N LEU L 62 0.93 36.48 15.87
CA LEU L 62 0.01 35.74 15.00
C LEU L 62 0.41 34.27 14.98
N ALA L 63 -0.16 33.50 15.92
CA ALA L 63 0.22 32.12 16.14
C ALA L 63 -0.76 31.13 15.52
N ARG L 64 -1.62 31.59 14.61
CA ARG L 64 -2.61 30.69 14.00
C ARG L 64 -1.92 29.61 13.17
N HIS L 65 -0.79 29.93 12.55
CA HIS L 65 -0.06 28.96 11.75
C HIS L 65 0.36 27.77 12.61
N THR L 66 0.07 26.56 12.12
CA THR L 66 0.45 25.36 12.84
C THR L 66 1.94 25.03 12.68
N LYS L 67 2.52 25.39 11.55
CA LYS L 67 3.92 25.08 11.28
C LYS L 67 4.70 26.34 10.92
N ALA L 68 5.94 26.17 10.47
CA ALA L 68 6.81 27.30 10.20
C ALA L 68 6.25 28.17 9.07
N VAL L 69 6.61 29.45 9.10
CA VAL L 69 6.15 30.43 8.12
C VAL L 69 7.37 30.96 7.38
N ASN L 70 7.29 30.98 6.04
CA ASN L 70 8.41 31.36 5.21
C ASN L 70 8.28 32.75 4.60
N VAL L 71 7.07 33.18 4.25
CA VAL L 71 6.86 34.47 3.60
C VAL L 71 5.69 35.18 4.26
N VAL L 72 5.85 36.49 4.47
CA VAL L 72 4.80 37.36 4.98
C VAL L 72 4.70 38.57 4.07
N ARG L 73 3.48 38.88 3.62
CA ARG L 73 3.29 39.93 2.63
C ARG L 73 2.15 40.86 3.04
N PHE L 74 2.39 42.16 2.86
CA PHE L 74 1.35 43.17 3.04
C PHE L 74 0.77 43.55 1.69
N SER L 75 -0.52 43.92 1.70
CA SER L 75 -1.16 44.42 0.50
C SER L 75 -0.57 45.77 0.12
N PRO L 76 -0.62 46.14 -1.17
CA PRO L 76 -0.14 47.47 -1.56
C PRO L 76 -0.87 48.59 -0.86
N THR L 77 -2.13 48.38 -0.50
CA THR L 77 -2.86 49.31 0.37
C THR L 77 -2.60 49.06 1.84
N GLY L 78 -1.94 47.95 2.19
CA GLY L 78 -1.62 47.64 3.57
C GLY L 78 -2.75 47.07 4.39
N GLU L 79 -3.92 46.87 3.79
CA GLU L 79 -5.09 46.41 4.56
C GLU L 79 -4.94 44.96 4.99
N ILE L 80 -4.55 44.08 4.07
CA ILE L 80 -4.58 42.64 4.28
C ILE L 80 -3.15 42.12 4.33
N LEU L 81 -2.88 41.23 5.29
CA LEU L 81 -1.57 40.62 5.47
C LEU L 81 -1.61 39.19 4.95
N ALA L 82 -0.68 38.85 4.06
CA ALA L 82 -0.57 37.50 3.54
C ALA L 82 0.53 36.75 4.26
N SER L 83 0.23 35.52 4.68
CA SER L 83 1.18 34.72 5.45
C SER L 83 0.99 33.25 5.12
N GLY L 84 2.07 32.61 4.66
CA GLY L 84 2.06 31.18 4.42
C GLY L 84 3.43 30.60 4.70
N GLY L 85 3.44 29.28 4.93
CA GLY L 85 4.68 28.62 5.31
C GLY L 85 4.67 27.11 5.21
N ASP L 86 5.26 26.46 6.22
CA ASP L 86 5.40 25.00 6.19
C ASP L 86 4.04 24.31 6.14
N ASP L 87 3.09 24.80 6.92
CA ASP L 87 1.72 24.27 6.86
C ASP L 87 1.05 24.59 5.53
N ALA L 88 1.62 25.48 4.72
CA ALA L 88 1.16 25.79 3.37
C ALA L 88 -0.25 26.36 3.35
N VAL L 89 -0.61 27.18 4.33
CA VAL L 89 -1.90 27.86 4.36
C VAL L 89 -1.66 29.35 4.22
N ILE L 90 -2.26 29.95 3.19
CA ILE L 90 -2.12 31.37 2.93
C ILE L 90 -3.22 32.10 3.68
N LEU L 91 -2.83 32.82 4.73
CA LEU L 91 -3.77 33.54 5.59
C LEU L 91 -3.85 34.99 5.16
N LEU L 92 -5.08 35.50 5.02
CA LEU L 92 -5.32 36.90 4.71
C LEU L 92 -5.72 37.61 6.00
N TRP L 93 -4.73 37.99 6.78
CA TRP L 93 -4.98 38.65 8.06
C TRP L 93 -5.53 40.06 7.85
N LYS L 94 -6.41 40.48 8.75
CA LYS L 94 -6.99 41.81 8.74
C LYS L 94 -6.99 42.37 10.15
N VAL L 95 -6.78 43.68 10.26
CA VAL L 95 -6.80 44.35 11.56
C VAL L 95 -8.22 44.27 12.11
N ASN L 96 -8.39 43.62 13.25
CA ASN L 96 -9.70 43.46 13.86
C ASN L 96 -10.01 44.63 14.79
N ASN L 115 0.55 41.37 23.00
CA ASN L 115 -0.12 41.89 21.81
C ASN L 115 -0.74 43.27 22.05
N LYS L 116 -0.20 44.28 21.37
CA LYS L 116 -0.78 45.62 21.41
C LYS L 116 -1.99 45.74 20.49
N GLU L 117 -1.99 45.04 19.35
CA GLU L 117 -3.10 45.05 18.42
C GLU L 117 -3.44 43.61 18.04
N ASN L 118 -4.50 43.44 17.26
CA ASN L 118 -5.01 42.12 16.90
C ASN L 118 -5.22 42.02 15.40
N TRP L 119 -5.08 40.80 14.89
CA TRP L 119 -5.31 40.50 13.48
C TRP L 119 -6.18 39.27 13.35
N THR L 120 -6.97 39.22 12.28
CA THR L 120 -7.87 38.10 12.01
C THR L 120 -7.79 37.73 10.54
N VAL L 121 -7.81 36.43 10.27
CA VAL L 121 -7.72 35.92 8.91
C VAL L 121 -9.07 36.08 8.21
N VAL L 122 -9.05 36.63 7.00
CA VAL L 122 -10.29 36.85 6.24
C VAL L 122 -10.62 35.61 5.42
N LYS L 123 -9.73 35.24 4.50
CA LYS L 123 -9.96 34.11 3.61
C LYS L 123 -8.81 33.12 3.72
N THR L 124 -9.13 31.84 3.57
CA THR L 124 -8.17 30.75 3.64
C THR L 124 -7.87 30.29 2.21
N LEU L 125 -6.76 30.78 1.66
CA LEU L 125 -6.36 30.48 0.28
C LEU L 125 -5.52 29.20 0.26
N ARG L 126 -6.15 28.11 0.68
CA ARG L 126 -5.46 26.83 0.74
C ARG L 126 -5.39 26.20 -0.65
N GLY L 127 -4.46 25.26 -0.80
CA GLY L 127 -4.21 24.63 -2.07
C GLY L 127 -2.74 24.33 -2.30
N HIS L 128 -1.90 24.72 -1.34
CA HIS L 128 -0.48 24.42 -1.39
C HIS L 128 -0.13 23.33 -0.40
N LEU L 129 1.07 22.76 -0.55
CA LEU L 129 1.37 21.49 0.12
C LEU L 129 2.37 21.65 1.27
N GLU L 130 3.45 22.40 1.05
CA GLU L 130 4.50 22.57 2.04
C GLU L 130 5.01 24.00 1.94
N ASP L 131 6.24 24.23 2.41
CA ASP L 131 6.83 25.57 2.51
C ASP L 131 6.46 26.44 1.32
N VAL L 132 5.81 27.56 1.61
CA VAL L 132 5.46 28.57 0.62
C VAL L 132 6.45 29.71 0.77
N TYR L 133 7.26 29.94 -0.25
CA TYR L 133 8.44 30.78 -0.11
C TYR L 133 8.27 32.21 -0.56
N ASP L 134 7.50 32.46 -1.62
CA ASP L 134 7.42 33.81 -2.16
C ASP L 134 5.97 34.15 -2.51
N ILE L 135 5.54 35.33 -2.09
CA ILE L 135 4.21 35.86 -2.37
C ILE L 135 4.40 37.27 -2.91
N CYS L 136 3.66 37.60 -3.98
CA CYS L 136 3.69 38.95 -4.54
C CYS L 136 2.27 39.46 -4.71
N TRP L 137 2.02 40.66 -4.19
CA TRP L 137 0.72 41.29 -4.36
C TRP L 137 0.62 42.00 -5.70
N ALA L 138 -0.53 41.85 -6.35
CA ALA L 138 -0.82 42.62 -7.54
C ALA L 138 -1.11 44.07 -7.17
N THR L 139 -0.96 44.96 -8.14
CA THR L 139 -1.12 46.39 -7.88
C THR L 139 -2.52 46.70 -7.38
N ASP L 140 -3.54 46.10 -7.99
CA ASP L 140 -4.91 46.32 -7.52
C ASP L 140 -5.14 45.74 -6.13
N GLY L 141 -4.35 44.72 -5.76
CA GLY L 141 -4.53 44.05 -4.49
C GLY L 141 -5.59 42.98 -4.47
N ASN L 142 -6.28 42.75 -5.59
CA ASN L 142 -7.30 41.73 -5.69
C ASN L 142 -6.80 40.44 -6.32
N LEU L 143 -5.50 40.33 -6.60
CA LEU L 143 -4.93 39.15 -7.22
C LEU L 143 -3.65 38.75 -6.50
N MET L 144 -3.47 37.43 -6.36
CA MET L 144 -2.32 36.89 -5.65
C MET L 144 -1.53 35.96 -6.56
N ALA L 145 -0.20 36.01 -6.41
CA ALA L 145 0.70 35.05 -7.00
C ALA L 145 1.37 34.26 -5.88
N SER L 146 1.23 32.94 -5.93
CA SER L 146 1.69 32.07 -4.86
C SER L 146 2.76 31.12 -5.39
N ALA L 147 3.91 31.10 -4.72
CA ALA L 147 5.03 30.25 -5.10
C ALA L 147 5.43 29.39 -3.90
N SER L 148 5.58 28.08 -4.13
CA SER L 148 5.93 27.15 -3.07
C SER L 148 6.75 26.02 -3.64
N VAL L 149 7.26 25.17 -2.73
CA VAL L 149 8.08 24.03 -3.11
C VAL L 149 7.32 23.06 -4.02
N ASP L 150 5.99 23.11 -4.00
CA ASP L 150 5.11 22.19 -4.71
C ASP L 150 5.16 22.34 -6.24
N ASN L 151 6.08 23.11 -6.82
CA ASN L 151 6.33 23.15 -8.26
C ASN L 151 5.22 23.86 -9.02
N THR L 152 4.39 24.66 -8.34
CA THR L 152 3.25 25.28 -8.98
C THR L 152 3.14 26.75 -8.57
N ALA L 153 2.45 27.52 -9.41
CA ALA L 153 2.06 28.88 -9.12
C ALA L 153 0.56 29.01 -9.31
N ILE L 154 -0.13 29.49 -8.28
CA ILE L 154 -1.59 29.51 -8.25
C ILE L 154 -2.06 30.96 -8.19
N ILE L 155 -3.00 31.32 -9.05
CA ILE L 155 -3.60 32.65 -9.05
C ILE L 155 -4.90 32.60 -8.29
N TRP L 156 -5.11 33.57 -7.39
CA TRP L 156 -6.27 33.61 -6.52
C TRP L 156 -6.99 34.94 -6.67
N ASP L 157 -8.26 34.96 -6.27
CA ASP L 157 -9.04 36.18 -6.18
C ASP L 157 -9.21 36.54 -4.71
N VAL L 158 -8.76 37.73 -4.33
CA VAL L 158 -8.81 38.14 -2.92
C VAL L 158 -10.25 38.27 -2.45
N SER L 159 -11.09 38.93 -3.25
CA SER L 159 -12.49 39.07 -2.88
C SER L 159 -13.20 37.72 -2.85
N LYS L 160 -12.92 36.87 -3.84
CA LYS L 160 -13.54 35.55 -3.89
C LYS L 160 -12.90 34.59 -2.89
N GLY L 161 -11.60 34.70 -2.67
CA GLY L 161 -10.91 33.75 -1.83
C GLY L 161 -10.79 32.36 -2.43
N GLN L 162 -10.84 32.25 -3.76
CA GLN L 162 -10.83 30.97 -4.44
C GLN L 162 -9.80 30.97 -5.55
N LYS L 163 -9.31 29.77 -5.89
CA LYS L 163 -8.34 29.62 -6.96
C LYS L 163 -9.01 29.81 -8.32
N ILE L 164 -8.31 30.51 -9.22
CA ILE L 164 -8.82 30.74 -10.56
C ILE L 164 -7.86 30.29 -11.66
N SER L 165 -6.55 30.20 -11.42
CA SER L 165 -5.62 29.78 -12.45
C SER L 165 -4.47 29.01 -11.80
N ILE L 166 -3.82 28.17 -12.61
CA ILE L 166 -2.77 27.28 -12.14
C ILE L 166 -1.58 27.36 -13.09
N PHE L 167 -0.38 27.50 -12.53
CA PHE L 167 0.89 27.48 -13.27
C PHE L 167 1.82 26.49 -12.58
N ASN L 168 1.74 25.22 -12.98
CA ASN L 168 2.54 24.17 -12.38
C ASN L 168 3.64 23.65 -13.31
N GLU L 169 4.08 24.46 -14.26
CA GLU L 169 5.12 24.04 -15.19
C GLU L 169 6.49 23.96 -14.54
N HIS L 170 6.63 24.46 -13.31
CA HIS L 170 7.92 24.43 -12.63
C HIS L 170 8.32 23.00 -12.30
N LYS L 171 9.61 22.72 -12.46
CA LYS L 171 10.14 21.38 -12.22
C LYS L 171 11.03 21.29 -10.98
N SER L 172 11.14 22.36 -10.20
CA SER L 172 11.95 22.35 -9.00
C SER L 172 11.34 23.32 -7.99
N TYR L 173 12.09 23.59 -6.92
CA TYR L 173 11.58 24.44 -5.84
C TYR L 173 11.31 25.84 -6.36
N VAL L 174 10.05 26.25 -6.32
CA VAL L 174 9.67 27.60 -6.76
C VAL L 174 9.98 28.56 -5.62
N GLN L 175 11.12 29.23 -5.71
CA GLN L 175 11.62 30.05 -4.61
C GLN L 175 11.54 31.55 -4.90
N GLY L 176 10.92 31.94 -6.01
CA GLY L 176 10.82 33.35 -6.34
C GLY L 176 9.73 33.67 -7.34
N VAL L 177 8.92 34.67 -7.06
CA VAL L 177 7.85 35.11 -7.94
C VAL L 177 7.56 36.58 -7.68
N THR L 178 7.19 37.31 -8.73
CA THR L 178 6.74 38.68 -8.60
C THR L 178 5.67 38.96 -9.64
N TRP L 179 4.78 39.90 -9.29
CA TRP L 179 3.69 40.30 -10.16
C TRP L 179 4.08 41.55 -10.93
N ASP L 180 3.77 41.56 -12.23
CA ASP L 180 4.09 42.71 -13.07
C ASP L 180 3.29 43.92 -12.61
N PRO L 181 3.92 45.05 -12.28
CA PRO L 181 3.15 46.24 -11.90
C PRO L 181 2.22 46.71 -13.00
N LEU L 182 2.60 46.53 -14.27
CA LEU L 182 1.70 46.84 -15.38
C LEU L 182 0.59 45.81 -15.54
N GLY L 183 0.66 44.69 -14.82
CA GLY L 183 -0.37 43.67 -14.90
C GLY L 183 -0.46 43.00 -16.25
N GLN L 184 0.69 42.62 -16.82
CA GLN L 184 0.74 41.95 -18.11
C GLN L 184 1.38 40.57 -18.07
N TYR L 185 2.46 40.39 -17.32
CA TYR L 185 3.15 39.11 -17.24
C TYR L 185 3.28 38.68 -15.78
N VAL L 186 3.80 37.47 -15.58
CA VAL L 186 4.11 36.94 -14.26
C VAL L 186 5.51 36.37 -14.31
N ALA L 187 6.40 36.89 -13.46
CA ALA L 187 7.79 36.46 -13.40
C ALA L 187 7.98 35.48 -12.25
N THR L 188 8.48 34.29 -12.57
CA THR L 188 8.67 33.23 -11.59
C THR L 188 10.11 32.73 -11.66
N LEU L 189 10.71 32.51 -10.50
CA LEU L 189 12.03 31.91 -10.39
C LEU L 189 11.92 30.62 -9.60
N SER L 190 12.35 29.51 -10.21
CA SER L 190 12.37 28.22 -9.54
C SER L 190 13.82 27.79 -9.31
N CYS L 191 13.97 26.72 -8.52
CA CYS L 191 15.29 26.23 -8.16
C CYS L 191 15.99 25.51 -9.32
N ASP L 192 15.29 25.27 -10.43
CA ASP L 192 15.87 24.57 -11.57
C ASP L 192 16.66 25.49 -12.50
N ARG L 193 17.07 26.67 -12.01
CA ARG L 193 17.86 27.62 -12.80
C ARG L 193 17.15 28.02 -14.09
N VAL L 194 15.82 28.09 -14.05
CA VAL L 194 15.01 28.42 -15.22
C VAL L 194 13.99 29.47 -14.81
N LEU L 195 13.90 30.53 -15.61
CA LEU L 195 12.91 31.58 -15.39
C LEU L 195 11.72 31.33 -16.32
N ARG L 196 10.52 31.51 -15.79
CA ARG L 196 9.29 31.29 -16.54
C ARG L 196 8.43 32.54 -16.46
N VAL L 197 8.04 33.05 -17.62
CA VAL L 197 7.20 34.25 -17.71
C VAL L 197 5.82 33.83 -18.17
N TYR L 198 4.80 34.22 -17.42
CA TYR L 198 3.42 33.83 -17.70
C TYR L 198 2.61 35.06 -18.06
N SER L 199 2.08 35.09 -19.29
CA SER L 199 1.22 36.17 -19.71
C SER L 199 -0.07 36.15 -18.91
N ILE L 200 -0.48 37.32 -18.42
CA ILE L 200 -1.62 37.38 -17.51
C ILE L 200 -2.96 37.18 -18.23
N GLN L 201 -3.02 37.45 -19.53
CA GLN L 201 -4.28 37.30 -20.26
C GLN L 201 -4.41 35.93 -20.89
N LYS L 202 -3.30 35.37 -21.41
CA LYS L 202 -3.36 34.04 -22.01
C LYS L 202 -3.43 32.95 -20.95
N LYS L 203 -2.90 33.20 -19.76
CA LYS L 203 -2.77 32.19 -18.71
C LYS L 203 -1.89 31.02 -19.16
N ARG L 204 -0.89 31.32 -19.98
CA ARG L 204 0.10 30.35 -20.42
C ARG L 204 1.50 30.97 -20.31
N VAL L 205 2.50 30.17 -20.63
CA VAL L 205 3.89 30.60 -20.53
C VAL L 205 4.17 31.58 -21.67
N ALA L 206 4.72 32.75 -21.34
CA ALA L 206 5.06 33.74 -22.36
C ALA L 206 6.49 33.57 -22.85
N PHE L 207 7.45 33.34 -21.94
CA PHE L 207 8.85 33.21 -22.31
C PHE L 207 9.50 32.14 -21.45
N ASN L 208 10.60 31.59 -21.96
CA ASN L 208 11.39 30.58 -21.25
C ASN L 208 12.86 30.84 -21.53
N VAL L 209 13.61 31.17 -20.49
CA VAL L 209 15.05 31.42 -20.60
C VAL L 209 15.77 30.56 -19.56
N SER L 210 16.74 29.78 -20.02
CA SER L 210 17.53 28.94 -19.12
C SER L 210 19.01 29.08 -19.41
N LYS L 211 19.35 29.46 -20.64
CA LYS L 211 20.74 29.58 -21.08
C LYS L 211 20.99 31.01 -21.54
N MET L 212 22.24 31.45 -21.37
CA MET L 212 22.65 32.80 -21.75
C MET L 212 22.41 33.08 -23.23
N ARG L 226 25.56 27.24 -15.91
CA ARG L 226 24.32 27.79 -16.47
C ARG L 226 24.18 29.26 -16.10
N MET L 227 23.02 29.85 -16.45
CA MET L 227 22.79 31.25 -16.17
C MET L 227 22.57 31.50 -14.68
N PHE L 228 21.81 30.62 -14.02
CA PHE L 228 21.50 30.76 -12.61
C PHE L 228 22.25 29.71 -11.79
N HIS L 229 22.18 29.86 -10.47
CA HIS L 229 22.90 28.96 -9.58
C HIS L 229 22.10 27.69 -9.32
N ASP L 230 22.83 26.59 -9.17
CA ASP L 230 22.23 25.27 -8.97
C ASP L 230 21.81 25.12 -7.51
N ASP L 231 21.50 23.88 -7.11
CA ASP L 231 21.02 23.60 -5.75
C ASP L 231 22.05 23.91 -4.68
N SER L 232 23.32 24.10 -5.05
CA SER L 232 24.36 24.37 -4.07
C SER L 232 24.15 25.70 -3.34
N MET L 233 23.40 26.63 -3.92
CA MET L 233 23.13 27.89 -3.24
C MET L 233 22.25 27.65 -2.02
N LYS L 234 22.69 28.16 -0.88
CA LYS L 234 22.17 27.74 0.41
C LYS L 234 20.92 28.48 0.85
N SER L 235 20.47 29.50 0.10
CA SER L 235 19.28 30.24 0.46
C SER L 235 18.04 29.51 -0.03
N PHE L 236 17.02 29.44 0.83
CA PHE L 236 15.75 28.81 0.44
C PHE L 236 14.93 29.69 -0.50
N PHE L 237 15.35 30.92 -0.75
CA PHE L 237 14.59 31.86 -1.54
C PHE L 237 15.33 32.25 -2.81
N ARG L 238 14.56 32.54 -3.85
CA ARG L 238 15.04 33.10 -5.12
C ARG L 238 14.18 34.28 -5.52
N ARG L 239 13.90 35.14 -4.54
CA ARG L 239 12.91 36.20 -4.68
C ARG L 239 13.43 37.27 -5.64
N LEU L 240 12.89 37.30 -6.84
CA LEU L 240 13.12 38.41 -7.76
C LEU L 240 11.89 39.31 -7.80
N SER L 241 12.11 40.58 -8.10
CA SER L 241 11.04 41.56 -8.13
C SER L 241 11.18 42.44 -9.37
N PHE L 242 10.04 42.82 -9.94
CA PHE L 242 10.03 43.78 -11.02
C PHE L 242 10.39 45.17 -10.51
N THR L 243 10.83 46.02 -11.44
CA THR L 243 10.94 47.44 -11.13
C THR L 243 9.54 47.98 -10.83
N PRO L 244 9.42 48.92 -9.88
CA PRO L 244 8.08 49.44 -9.54
C PRO L 244 7.27 49.93 -10.74
N ASP L 245 7.93 50.39 -11.80
CA ASP L 245 7.22 50.69 -13.04
C ASP L 245 7.03 49.47 -13.92
N GLY L 246 7.73 48.37 -13.64
CA GLY L 246 7.62 47.16 -14.41
C GLY L 246 8.49 47.08 -15.64
N SER L 247 9.20 48.17 -15.98
CA SER L 247 9.99 48.19 -17.21
C SER L 247 11.13 47.18 -17.16
N LEU L 248 11.81 47.07 -16.02
CA LEU L 248 12.95 46.19 -15.88
C LEU L 248 12.67 45.12 -14.83
N LEU L 249 13.29 43.96 -15.01
CA LEU L 249 13.20 42.86 -14.06
C LEU L 249 14.60 42.51 -13.57
N LEU L 250 14.77 42.45 -12.26
CA LEU L 250 16.04 42.14 -11.63
C LEU L 250 15.98 40.75 -11.01
N THR L 251 16.84 39.84 -11.47
CA THR L 251 16.84 38.47 -10.98
C THR L 251 18.14 38.16 -10.25
N PRO L 252 18.08 37.73 -8.98
CA PRO L 252 19.30 37.36 -8.26
C PRO L 252 19.70 35.92 -8.50
N ALA L 253 20.77 35.47 -7.83
CA ALA L 253 21.22 34.07 -7.88
C ALA L 253 21.56 33.66 -9.31
N GLY L 254 22.46 34.40 -9.94
CA GLY L 254 22.87 34.11 -11.29
C GLY L 254 24.30 33.61 -11.39
N CYS L 255 24.72 33.22 -12.59
CA CYS L 255 26.08 32.78 -12.84
C CYS L 255 26.59 33.38 -14.13
N VAL L 256 27.90 33.53 -14.23
CA VAL L 256 28.54 34.10 -15.42
C VAL L 256 29.31 33.01 -16.16
N MET L 263 30.24 33.30 -12.44
CA MET L 263 30.36 33.64 -11.04
C MET L 263 29.04 34.31 -10.62
N ASN L 264 28.77 34.34 -9.32
CA ASN L 264 27.50 34.87 -8.81
C ASN L 264 27.28 36.30 -9.28
N THR L 265 26.07 36.58 -9.78
CA THR L 265 25.73 37.87 -10.34
C THR L 265 24.22 38.05 -10.34
N THR L 266 23.79 39.24 -10.72
CA THR L 266 22.37 39.59 -10.80
C THR L 266 22.08 40.16 -12.18
N TYR L 267 21.32 39.42 -12.98
CA TYR L 267 21.01 39.81 -14.34
C TYR L 267 19.83 40.78 -14.38
N VAL L 268 19.78 41.58 -15.44
CA VAL L 268 18.74 42.60 -15.63
C VAL L 268 18.05 42.34 -16.96
N PHE L 269 16.73 42.27 -16.94
CA PHE L 269 15.92 42.08 -18.13
C PHE L 269 15.02 43.29 -18.35
N SER L 270 14.46 43.38 -19.56
CA SER L 270 13.59 44.46 -19.95
C SER L 270 12.32 43.91 -20.59
N ARG L 271 11.27 44.74 -20.57
CA ARG L 271 10.02 44.35 -21.22
C ARG L 271 10.19 44.19 -22.72
N LYS L 272 11.09 44.96 -23.32
CA LYS L 272 11.30 44.88 -24.77
C LYS L 272 11.82 43.49 -25.16
N ASN L 273 12.78 42.97 -24.41
CA ASN L 273 13.31 41.63 -24.66
C ASN L 273 13.58 40.93 -23.33
N LEU L 274 12.85 39.83 -23.09
CA LEU L 274 13.03 39.03 -21.89
C LEU L 274 13.89 37.79 -22.14
N LYS L 275 14.41 37.60 -23.36
CA LYS L 275 15.20 36.43 -23.69
C LYS L 275 16.70 36.72 -23.71
N ARG L 276 17.13 37.92 -23.34
CA ARG L 276 18.54 38.25 -23.27
C ARG L 276 18.76 39.39 -22.28
N PRO L 277 19.59 39.18 -21.25
CA PRO L 277 19.81 40.25 -20.27
C PRO L 277 20.65 41.38 -20.85
N ILE L 278 20.25 42.61 -20.54
CA ILE L 278 21.01 43.77 -21.01
C ILE L 278 22.35 43.83 -20.31
N ALA L 279 22.38 43.61 -18.99
CA ALA L 279 23.61 43.65 -18.23
C ALA L 279 23.41 42.87 -16.94
N HIS L 280 24.53 42.58 -16.27
CA HIS L 280 24.53 41.88 -14.99
C HIS L 280 25.38 42.64 -13.99
N LEU L 281 24.96 42.61 -12.73
CA LEU L 281 25.72 43.26 -11.67
C LEU L 281 26.56 42.21 -10.97
N PRO L 282 27.89 42.25 -11.08
CA PRO L 282 28.72 41.20 -10.47
C PRO L 282 28.72 41.32 -8.95
N CYS L 283 28.54 40.18 -8.29
CA CYS L 283 28.57 40.10 -6.83
C CYS L 283 29.49 38.95 -6.43
N PRO L 284 30.80 39.16 -6.49
CA PRO L 284 31.74 38.11 -6.07
C PRO L 284 31.60 37.80 -4.59
N GLY L 285 31.90 36.54 -4.25
CA GLY L 285 31.69 36.05 -2.90
C GLY L 285 30.57 35.04 -2.82
N LYS L 286 29.45 35.43 -2.22
CA LYS L 286 28.27 34.60 -2.12
C LYS L 286 27.22 35.04 -3.14
N ALA L 287 26.26 34.15 -3.38
CA ALA L 287 25.22 34.41 -4.38
C ALA L 287 24.14 35.32 -3.82
N THR L 288 23.67 36.25 -4.66
CA THR L 288 22.55 37.10 -4.30
C THR L 288 21.28 36.27 -4.20
N LEU L 289 20.36 36.68 -3.33
CA LEU L 289 19.16 35.89 -3.09
C LEU L 289 17.89 36.73 -3.12
N ALA L 290 18.01 38.04 -2.90
CA ALA L 290 16.85 38.90 -2.79
C ALA L 290 17.03 40.16 -3.62
N VAL L 291 15.93 40.62 -4.21
CA VAL L 291 15.88 41.90 -4.91
C VAL L 291 14.63 42.64 -4.45
N ARG L 292 14.82 43.82 -3.85
CA ARG L 292 13.72 44.67 -3.42
C ARG L 292 13.99 46.10 -3.87
N CYS L 293 12.95 46.76 -4.38
CA CYS L 293 13.06 48.11 -4.89
C CYS L 293 12.22 49.05 -4.03
N CYS L 294 12.80 50.21 -3.72
CA CYS L 294 12.07 51.22 -2.94
C CYS L 294 10.88 51.74 -3.73
N PRO L 295 9.71 51.86 -3.13
CA PRO L 295 8.54 52.37 -3.84
C PRO L 295 8.50 53.88 -4.04
N VAL L 296 9.61 54.58 -3.79
CA VAL L 296 9.68 56.03 -3.93
C VAL L 296 10.56 56.35 -5.12
N TYR L 297 10.03 57.13 -6.05
CA TYR L 297 10.77 57.52 -7.25
C TYR L 297 11.67 58.71 -6.91
N PHE L 298 12.94 58.62 -7.27
CA PHE L 298 13.94 59.62 -6.93
C PHE L 298 14.38 60.37 -8.19
N GLU L 299 14.67 61.65 -8.03
CA GLU L 299 15.14 62.46 -9.13
C GLU L 299 16.55 62.03 -9.55
N LEU L 300 16.84 62.20 -10.84
CA LEU L 300 18.19 61.93 -11.34
C LEU L 300 19.18 62.92 -10.72
N ARG L 301 20.31 62.39 -10.28
CA ARG L 301 21.33 63.21 -9.64
C ARG L 301 22.16 63.97 -10.67
N GLU L 309 23.48 54.04 -17.13
CA GLU L 309 22.03 54.05 -16.97
C GLU L 309 21.41 52.80 -17.57
N LEU L 310 20.88 51.93 -16.70
CA LEU L 310 20.25 50.70 -17.17
C LEU L 310 19.01 51.01 -18.00
N MET L 311 18.20 51.95 -17.56
CA MET L 311 17.00 52.35 -18.28
C MET L 311 16.94 53.87 -18.35
N SER L 312 16.37 54.38 -19.44
CA SER L 312 16.43 55.81 -19.78
C SER L 312 15.04 56.41 -19.58
N LEU L 313 14.78 56.88 -18.38
CA LEU L 313 13.59 57.65 -18.05
C LEU L 313 13.98 58.74 -17.07
N PRO L 314 13.21 59.84 -17.01
CA PRO L 314 13.62 60.99 -16.20
C PRO L 314 13.71 60.72 -14.70
N TYR L 315 13.31 59.54 -14.25
CA TYR L 315 13.37 59.20 -12.84
C TYR L 315 14.29 58.01 -12.62
N ARG L 316 14.86 57.95 -11.42
CA ARG L 316 15.72 56.84 -11.01
C ARG L 316 15.12 56.16 -9.79
N LEU L 317 15.39 54.87 -9.65
CA LEU L 317 14.85 54.05 -8.58
C LEU L 317 15.99 53.33 -7.87
N VAL L 318 15.99 53.40 -6.54
CA VAL L 318 17.01 52.76 -5.72
C VAL L 318 16.45 51.44 -5.19
N PHE L 319 17.19 50.36 -5.40
CA PHE L 319 16.76 49.03 -5.00
C PHE L 319 17.84 48.39 -4.14
N ALA L 320 17.44 47.39 -3.36
CA ALA L 320 18.32 46.69 -2.45
C ALA L 320 18.45 45.23 -2.86
N VAL L 321 19.68 44.72 -2.86
CA VAL L 321 19.97 43.34 -3.18
C VAL L 321 20.67 42.71 -1.98
N ALA L 322 20.17 41.57 -1.53
CA ALA L 322 20.70 40.86 -0.38
C ALA L 322 21.34 39.56 -0.84
N SER L 323 22.62 39.39 -0.54
CA SER L 323 23.33 38.14 -0.76
C SER L 323 23.28 37.29 0.51
N GLU L 324 24.07 36.23 0.55
CA GLU L 324 24.09 35.38 1.74
C GLU L 324 24.66 36.12 2.94
N ASP L 325 25.72 36.92 2.75
CA ASP L 325 26.33 37.63 3.87
C ASP L 325 26.68 39.08 3.53
N SER L 326 26.20 39.62 2.42
CA SER L 326 26.51 41.00 2.06
C SER L 326 25.29 41.60 1.37
N VAL L 327 25.20 42.93 1.44
CA VAL L 327 24.13 43.69 0.82
C VAL L 327 24.75 44.80 -0.03
N LEU L 328 24.35 44.88 -1.29
CA LEU L 328 24.80 45.92 -2.20
C LEU L 328 23.63 46.81 -2.57
N LEU L 329 23.83 48.13 -2.49
CA LEU L 329 22.80 49.11 -2.75
C LEU L 329 23.12 49.83 -4.06
N TYR L 330 22.25 49.67 -5.05
CA TYR L 330 22.41 50.30 -6.36
C TYR L 330 21.33 51.33 -6.58
N ASP L 331 21.49 52.09 -7.67
CA ASP L 331 20.46 53.00 -8.16
C ASP L 331 20.28 52.78 -9.66
N THR L 332 19.29 53.44 -10.25
CA THR L 332 18.98 53.20 -11.66
C THR L 332 20.08 53.72 -12.58
N GLN L 333 20.57 54.94 -12.32
CA GLN L 333 21.47 55.58 -13.27
C GLN L 333 22.91 55.13 -13.12
N GLN L 334 23.38 54.88 -11.90
CA GLN L 334 24.77 54.52 -11.65
C GLN L 334 24.92 53.01 -11.69
N SER L 335 25.81 52.52 -12.55
CA SER L 335 26.05 51.09 -12.65
C SER L 335 26.68 50.53 -11.38
N PHE L 336 27.70 51.22 -10.85
CA PHE L 336 28.35 50.76 -9.64
C PHE L 336 27.45 51.01 -8.42
N PRO L 337 27.56 50.18 -7.39
CA PRO L 337 26.73 50.38 -6.20
C PRO L 337 27.22 51.55 -5.37
N PHE L 338 26.28 52.35 -4.87
CA PHE L 338 26.58 53.49 -4.03
C PHE L 338 26.56 53.15 -2.55
N GLY L 339 26.26 51.90 -2.20
CA GLY L 339 26.26 51.48 -0.80
C GLY L 339 26.58 50.01 -0.69
N TYR L 340 27.19 49.63 0.43
CA TYR L 340 27.58 48.23 0.64
C TYR L 340 27.78 48.02 2.13
N VAL L 341 27.02 47.08 2.71
CA VAL L 341 27.12 46.73 4.12
C VAL L 341 27.33 45.23 4.23
N SER L 342 28.29 44.83 5.07
CA SER L 342 28.62 43.43 5.23
C SER L 342 29.13 43.20 6.65
N ASN L 343 29.28 41.91 6.99
CA ASN L 343 29.77 41.49 8.30
C ASN L 343 28.92 42.04 9.44
N ILE L 344 27.60 41.98 9.26
CA ILE L 344 26.67 42.42 10.29
C ILE L 344 25.80 41.29 10.82
N HIS L 345 25.71 40.17 10.10
CA HIS L 345 24.93 39.02 10.53
C HIS L 345 25.80 37.76 10.52
N TYR L 346 25.59 36.89 11.50
CA TYR L 346 26.42 35.71 11.66
C TYR L 346 26.00 34.55 10.77
N HIS L 347 24.89 34.66 10.06
CA HIS L 347 24.41 33.57 9.21
C HIS L 347 23.80 34.16 7.95
N THR L 348 23.21 33.29 7.13
CA THR L 348 22.71 33.69 5.82
C THR L 348 21.51 34.62 5.96
N LEU L 349 21.48 35.65 5.12
CA LEU L 349 20.34 36.56 5.07
C LEU L 349 19.15 35.85 4.43
N SER L 350 17.94 36.30 4.81
CA SER L 350 16.71 35.68 4.33
C SER L 350 15.84 36.65 3.53
N ASP L 351 15.58 37.85 4.05
CA ASP L 351 14.69 38.77 3.39
C ASP L 351 15.09 40.21 3.72
N ILE L 352 14.71 41.12 2.83
CA ILE L 352 14.89 42.55 3.03
C ILE L 352 13.58 43.25 2.67
N SER L 353 13.44 44.49 3.11
CA SER L 353 12.23 45.25 2.83
C SER L 353 12.51 46.74 2.96
N TRP L 354 11.99 47.51 2.00
CA TRP L 354 12.01 48.96 2.06
C TRP L 354 10.79 49.48 2.80
N SER L 355 10.93 50.66 3.41
CA SER L 355 9.80 51.31 4.04
C SER L 355 8.94 52.00 2.98
N SER L 356 7.78 52.50 3.43
CA SER L 356 6.88 53.19 2.51
C SER L 356 7.53 54.45 1.94
N ASP L 357 8.23 55.21 2.78
CA ASP L 357 8.93 56.41 2.34
C ASP L 357 10.37 56.15 1.93
N GLY L 358 10.86 54.92 2.10
CA GLY L 358 12.24 54.61 1.79
C GLY L 358 13.24 54.95 2.88
N ALA L 359 12.78 55.39 4.05
CA ALA L 359 13.66 55.75 5.14
C ALA L 359 14.15 54.54 5.93
N PHE L 360 13.52 53.37 5.76
CA PHE L 360 13.92 52.17 6.47
C PHE L 360 14.18 51.05 5.47
N LEU L 361 15.25 50.29 5.71
CA LEU L 361 15.59 49.13 4.89
C LEU L 361 15.89 47.97 5.84
N ALA L 362 14.86 47.20 6.17
CA ALA L 362 15.02 46.07 7.08
C ALA L 362 15.79 44.94 6.40
N ILE L 363 16.62 44.26 7.18
CA ILE L 363 17.38 43.10 6.72
C ILE L 363 17.17 41.97 7.72
N SER L 364 16.82 40.79 7.23
CA SER L 364 16.60 39.62 8.06
C SER L 364 17.60 38.53 7.68
N SER L 365 18.09 37.81 8.68
CA SER L 365 19.04 36.72 8.49
C SER L 365 18.49 35.44 9.10
N THR L 366 19.25 34.36 8.96
CA THR L 366 18.86 33.05 9.45
C THR L 366 19.43 32.74 10.83
N ASP L 367 20.09 33.70 11.47
CA ASP L 367 20.66 33.52 12.80
C ASP L 367 19.69 33.91 13.92
N GLY L 368 18.46 34.26 13.57
CA GLY L 368 17.50 34.76 14.54
C GLY L 368 17.60 36.25 14.82
N TYR L 369 18.52 36.95 14.17
CA TYR L 369 18.70 38.38 14.36
C TYR L 369 18.39 39.12 13.07
N CYS L 370 17.91 40.35 13.21
CA CYS L 370 17.58 41.20 12.08
C CYS L 370 18.39 42.50 12.17
N SER L 371 18.29 43.30 11.11
CA SER L 371 19.01 44.57 11.05
C SER L 371 18.25 45.54 10.15
N PHE L 372 18.57 46.81 10.28
CA PHE L 372 17.90 47.87 9.53
C PHE L 372 18.95 48.83 8.99
N VAL L 373 18.59 49.51 7.91
CA VAL L 373 19.42 50.57 7.32
C VAL L 373 18.62 51.86 7.36
N THR L 374 19.20 52.89 7.96
CA THR L 374 18.51 54.17 8.16
C THR L 374 19.20 55.25 7.34
N PHE L 375 18.41 55.94 6.52
CA PHE L 375 18.87 57.08 5.75
C PHE L 375 18.25 58.35 6.30
N GLU L 376 19.00 59.44 6.24
CA GLU L 376 18.51 60.73 6.69
C GLU L 376 17.49 61.27 5.69
N LYS L 377 17.08 62.52 5.88
CA LYS L 377 16.03 63.11 5.04
C LYS L 377 16.46 63.15 3.59
N ASP L 378 15.83 62.31 2.76
CA ASP L 378 16.10 62.24 1.32
C ASP L 378 17.58 62.01 1.01
N GLU L 379 18.23 61.17 1.80
CA GLU L 379 19.64 60.86 1.54
C GLU L 379 19.79 60.09 0.22
N LEU L 380 18.85 59.17 -0.05
CA LEU L 380 18.91 58.41 -1.30
C LEU L 380 18.78 59.32 -2.51
N GLY L 381 17.87 60.29 -2.44
CA GLY L 381 17.66 61.22 -3.54
C GLY L 381 16.45 62.08 -3.27
N ILE L 382 16.12 62.90 -4.28
CA ILE L 382 15.00 63.83 -4.20
C ILE L 382 13.76 63.11 -4.71
N PRO L 383 12.75 62.90 -3.88
CA PRO L 383 11.53 62.23 -4.37
C PRO L 383 10.79 63.07 -5.38
N LEU L 384 10.11 62.39 -6.30
CA LEU L 384 9.32 63.06 -7.33
C LEU L 384 8.11 63.76 -6.72
N VAL M 239 -16.12 -48.16 14.84
CA VAL M 239 -16.03 -48.33 13.40
C VAL M 239 -17.43 -48.32 12.78
N LEU M 240 -17.48 -48.40 11.45
CA LEU M 240 -18.75 -48.38 10.73
C LEU M 240 -19.31 -49.78 10.58
N GLN M 241 -20.64 -49.88 10.53
CA GLN M 241 -21.33 -51.14 10.32
C GLN M 241 -22.02 -51.10 8.96
N PRO M 242 -21.51 -51.81 7.96
CA PRO M 242 -22.09 -51.71 6.61
C PRO M 242 -23.45 -52.36 6.53
N VAL M 243 -24.42 -51.62 6.00
CA VAL M 243 -25.76 -52.13 5.73
C VAL M 243 -26.02 -51.93 4.25
N LYS M 244 -26.15 -53.04 3.52
CA LYS M 244 -26.32 -53.01 2.07
C LYS M 244 -27.68 -53.58 1.70
N ILE M 245 -28.39 -52.89 0.82
CA ILE M 245 -29.70 -53.32 0.34
C ILE M 245 -29.57 -53.68 -1.12
N GLY M 246 -30.02 -54.87 -1.48
CA GLY M 246 -29.93 -55.35 -2.85
C GLY M 246 -31.00 -54.76 -3.74
N CYS M 247 -31.02 -55.25 -4.98
CA CYS M 247 -31.96 -54.76 -5.99
C CYS M 247 -33.35 -55.31 -5.68
N VAL M 248 -34.23 -54.44 -5.20
CA VAL M 248 -35.62 -54.77 -4.92
C VAL M 248 -36.48 -53.97 -5.89
N TRP M 249 -37.16 -54.68 -6.79
CA TRP M 249 -37.89 -54.03 -7.88
C TRP M 249 -39.32 -53.69 -7.47
N LEU M 263 -35.85 -48.19 1.53
CA LEU M 263 -36.30 -48.13 0.15
C LEU M 263 -37.55 -47.25 0.03
N GLN M 264 -38.62 -47.67 0.70
CA GLN M 264 -39.86 -46.88 0.67
C GLN M 264 -39.71 -45.56 1.43
N GLN M 265 -38.71 -45.45 2.30
CA GLN M 265 -38.42 -44.18 2.95
C GLN M 265 -37.99 -43.11 1.94
N PHE M 266 -37.47 -43.53 0.79
CA PHE M 266 -37.02 -42.61 -0.25
C PHE M 266 -37.98 -42.57 -1.43
N ALA M 267 -39.22 -43.01 -1.24
CA ALA M 267 -40.20 -42.97 -2.32
C ALA M 267 -40.47 -41.52 -2.72
N ALA M 268 -40.41 -41.26 -4.02
CA ALA M 268 -40.54 -39.89 -4.53
C ALA M 268 -41.96 -39.39 -4.38
N CYS M 269 -42.10 -38.12 -3.99
CA CYS M 269 -43.39 -37.46 -3.87
C CYS M 269 -43.46 -36.34 -4.91
N PHE M 270 -44.54 -36.32 -5.68
CA PHE M 270 -44.69 -35.36 -6.76
C PHE M 270 -45.38 -34.09 -6.25
N LEU M 271 -45.39 -33.07 -7.12
CA LEU M 271 -46.05 -31.81 -6.80
C LEU M 271 -47.02 -31.42 -7.92
N MET N 1 -25.97 -56.07 -9.18
CA MET N 1 -24.73 -55.31 -9.29
C MET N 1 -23.80 -55.60 -8.11
N LYS N 2 -22.55 -55.20 -8.24
CA LYS N 2 -21.54 -55.40 -7.20
C LYS N 2 -20.82 -54.08 -6.94
N VAL N 3 -20.42 -53.89 -5.68
CA VAL N 3 -19.73 -52.69 -5.24
C VAL N 3 -18.38 -53.11 -4.67
N ILE N 4 -17.32 -52.50 -5.19
CA ILE N 4 -15.94 -52.79 -4.77
C ILE N 4 -15.32 -51.48 -4.30
N THR N 5 -14.77 -51.50 -3.08
CA THR N 5 -14.20 -50.31 -2.47
C THR N 5 -12.68 -50.36 -2.54
N CYS N 6 -12.06 -49.27 -3.00
CA CYS N 6 -10.62 -49.18 -3.10
C CYS N 6 -10.05 -48.81 -1.73
N GLU N 7 -9.43 -49.77 -1.06
CA GLU N 7 -8.89 -49.56 0.28
C GLU N 7 -7.42 -49.18 0.25
N ILE N 8 -6.83 -48.97 -0.92
CA ILE N 8 -5.45 -48.52 -1.06
C ILE N 8 -5.47 -47.05 -1.45
N ALA N 9 -4.63 -46.25 -0.78
CA ALA N 9 -4.62 -44.82 -0.99
C ALA N 9 -4.12 -44.48 -2.39
N TRP N 10 -4.97 -43.78 -3.15
CA TRP N 10 -4.58 -43.40 -4.51
C TRP N 10 -3.57 -42.26 -4.52
N HIS N 11 -3.74 -41.26 -3.67
CA HIS N 11 -2.90 -40.07 -3.65
C HIS N 11 -2.22 -39.91 -2.29
N ASN N 12 -1.72 -41.03 -1.76
CA ASN N 12 -1.00 -41.06 -0.48
C ASN N 12 -1.88 -40.50 0.65
N LYS N 13 -3.07 -41.07 0.78
CA LYS N 13 -4.04 -40.76 1.84
C LYS N 13 -4.57 -39.33 1.77
N GLU N 14 -4.36 -38.63 0.65
CA GLU N 14 -4.95 -37.30 0.61
C GLU N 14 -6.35 -37.36 0.00
N PRO N 15 -7.23 -36.44 0.40
CA PRO N 15 -8.60 -36.47 -0.11
C PRO N 15 -8.65 -36.36 -1.64
N VAL N 16 -9.58 -37.11 -2.23
CA VAL N 16 -9.81 -37.12 -3.67
C VAL N 16 -10.96 -36.16 -3.97
N TYR N 17 -10.81 -35.37 -5.02
CA TYR N 17 -11.81 -34.36 -5.36
C TYR N 17 -12.62 -34.67 -6.61
N SER N 18 -12.06 -35.40 -7.58
CA SER N 18 -12.76 -35.58 -8.85
C SER N 18 -12.40 -36.94 -9.45
N LEU N 19 -13.29 -37.40 -10.33
CA LEU N 19 -13.08 -38.61 -11.10
C LEU N 19 -13.72 -38.45 -12.47
N ASP N 20 -13.08 -39.00 -13.49
CA ASP N 20 -13.61 -38.90 -14.84
C ASP N 20 -13.11 -40.07 -15.67
N PHE N 21 -14.02 -40.65 -16.45
CA PHE N 21 -13.68 -41.74 -17.36
C PHE N 21 -13.41 -41.21 -18.76
N GLN N 22 -12.58 -41.92 -19.50
CA GLN N 22 -12.26 -41.54 -20.87
C GLN N 22 -13.51 -41.70 -21.74
N HIS N 23 -14.09 -40.58 -22.17
CA HIS N 23 -15.24 -40.63 -23.05
C HIS N 23 -14.90 -41.21 -24.42
N GLY N 24 -13.62 -41.20 -24.79
CA GLY N 24 -13.20 -41.79 -26.05
C GLY N 24 -13.13 -43.30 -26.04
N THR N 25 -13.23 -43.93 -24.88
CA THR N 25 -13.25 -45.39 -24.81
C THR N 25 -14.50 -45.94 -25.47
N ALA N 26 -14.36 -47.09 -26.13
CA ALA N 26 -15.48 -47.72 -26.80
C ALA N 26 -15.56 -49.23 -26.58
N GLY N 27 -14.68 -49.80 -25.76
CA GLY N 27 -14.71 -51.23 -25.49
C GLY N 27 -15.02 -51.56 -24.05
N ARG N 28 -14.38 -52.60 -23.52
CA ARG N 28 -14.58 -53.04 -22.15
C ARG N 28 -13.65 -52.34 -21.16
N ILE N 29 -12.44 -51.99 -21.57
CA ILE N 29 -11.48 -51.32 -20.70
C ILE N 29 -11.73 -49.82 -20.75
N HIS N 30 -11.82 -49.20 -19.59
CA HIS N 30 -12.06 -47.76 -19.48
C HIS N 30 -10.92 -47.10 -18.71
N ARG N 31 -10.63 -45.86 -19.06
CA ARG N 31 -9.54 -45.09 -18.47
C ARG N 31 -10.11 -44.05 -17.53
N LEU N 32 -9.66 -44.08 -16.27
CA LEU N 32 -10.18 -43.21 -15.23
C LEU N 32 -9.07 -42.31 -14.69
N ALA N 33 -9.40 -41.04 -14.47
CA ALA N 33 -8.46 -40.06 -13.97
C ALA N 33 -8.93 -39.54 -12.61
N SER N 34 -7.98 -39.31 -11.71
CA SER N 34 -8.28 -38.86 -10.35
C SER N 34 -7.46 -37.61 -10.03
N ALA N 35 -8.02 -36.78 -9.14
CA ALA N 35 -7.38 -35.56 -8.69
C ALA N 35 -7.36 -35.53 -7.17
N GLY N 36 -6.25 -35.08 -6.59
CA GLY N 36 -6.12 -35.02 -5.15
C GLY N 36 -5.34 -33.84 -4.63
N VAL N 37 -5.13 -33.80 -3.31
CA VAL N 37 -4.38 -32.70 -2.70
C VAL N 37 -2.90 -32.75 -3.08
N ASP N 38 -2.41 -33.91 -3.50
CA ASP N 38 -0.99 -34.11 -3.79
C ASP N 38 -0.53 -33.46 -5.10
N THR N 39 -1.33 -32.56 -5.67
CA THR N 39 -0.99 -31.81 -6.88
C THR N 39 -0.75 -32.72 -8.07
N ASN N 40 -1.30 -33.94 -8.05
CA ASN N 40 -1.07 -34.92 -9.10
C ASN N 40 -2.41 -35.37 -9.67
N VAL N 41 -2.44 -35.60 -10.97
CA VAL N 41 -3.60 -36.16 -11.66
C VAL N 41 -3.22 -37.55 -12.14
N ARG N 42 -3.81 -38.57 -11.52
CA ARG N 42 -3.50 -39.95 -11.81
C ARG N 42 -4.58 -40.54 -12.72
N ILE N 43 -4.20 -40.93 -13.93
CA ILE N 43 -5.08 -41.70 -14.80
C ILE N 43 -4.85 -43.18 -14.56
N TRP N 44 -5.93 -43.89 -14.28
CA TRP N 44 -5.89 -45.32 -14.00
C TRP N 44 -6.54 -46.10 -15.13
N LYS N 45 -6.28 -47.40 -15.15
CA LYS N 45 -6.89 -48.32 -16.11
C LYS N 45 -7.88 -49.20 -15.36
N VAL N 46 -9.16 -49.04 -15.68
CA VAL N 46 -10.24 -49.74 -14.99
C VAL N 46 -10.86 -50.74 -15.93
N GLU N 47 -10.95 -52.00 -15.49
CA GLU N 47 -11.51 -53.07 -16.30
C GLU N 47 -12.05 -54.14 -15.38
N LYS N 48 -13.11 -54.83 -15.85
CA LYS N 48 -13.69 -55.91 -15.07
C LYS N 48 -12.75 -57.11 -15.03
N GLY N 49 -12.70 -57.76 -13.87
CA GLY N 49 -11.94 -58.97 -13.72
C GLY N 49 -12.71 -60.19 -14.17
N PRO N 50 -12.08 -61.36 -14.00
CA PRO N 50 -12.78 -62.61 -14.34
C PRO N 50 -14.04 -62.83 -13.53
N ASP N 51 -14.09 -62.37 -12.28
CA ASP N 51 -15.27 -62.49 -11.45
C ASP N 51 -16.24 -61.33 -11.61
N GLY N 52 -15.92 -60.34 -12.45
CA GLY N 52 -16.76 -59.19 -12.66
C GLY N 52 -16.45 -58.01 -11.78
N LYS N 53 -15.59 -58.17 -10.77
CA LYS N 53 -15.22 -57.06 -9.91
C LYS N 53 -14.26 -56.12 -10.64
N ALA N 54 -14.39 -54.83 -10.37
CA ALA N 54 -13.54 -53.84 -11.02
C ALA N 54 -12.09 -53.99 -10.59
N ILE N 55 -11.18 -53.76 -11.53
CA ILE N 55 -9.74 -53.82 -11.28
C ILE N 55 -9.14 -52.49 -11.72
N VAL N 56 -8.30 -51.93 -10.86
CA VAL N 56 -7.70 -50.60 -11.08
C VAL N 56 -6.22 -50.78 -11.36
N GLU N 57 -5.76 -50.22 -12.48
CA GLU N 57 -4.37 -50.30 -12.90
C GLU N 57 -3.84 -48.90 -13.14
N PHE N 58 -2.73 -48.56 -12.48
CA PHE N 58 -2.15 -47.22 -12.59
C PHE N 58 -1.46 -47.05 -13.94
N LEU N 59 -1.68 -45.90 -14.58
CA LEU N 59 -1.10 -45.61 -15.88
C LEU N 59 -0.12 -44.45 -15.86
N SER N 60 -0.55 -43.28 -15.39
CA SER N 60 0.30 -42.09 -15.50
C SER N 60 0.10 -41.18 -14.30
N ASN N 61 1.11 -40.35 -14.05
CA ASN N 61 1.08 -39.33 -13.01
C ASN N 61 1.33 -37.96 -13.64
N LEU N 62 0.53 -36.99 -13.25
CA LEU N 62 0.52 -35.65 -13.87
C LEU N 62 0.71 -34.61 -12.77
N ALA N 63 1.96 -34.26 -12.51
CA ALA N 63 2.34 -33.39 -11.41
C ALA N 63 2.65 -31.96 -11.85
N ARG N 64 2.22 -31.56 -13.05
CA ARG N 64 2.49 -30.19 -13.52
C ARG N 64 1.84 -29.16 -12.60
N HIS N 65 0.68 -29.50 -12.03
CA HIS N 65 -0.01 -28.56 -11.14
C HIS N 65 0.84 -28.28 -9.91
N THR N 66 1.02 -26.98 -9.61
CA THR N 66 1.79 -26.59 -8.44
C THR N 66 1.01 -26.80 -7.15
N LYS N 67 -0.32 -26.71 -7.22
CA LYS N 67 -1.14 -26.88 -6.02
C LYS N 67 -2.21 -27.95 -6.24
N ALA N 68 -3.14 -28.07 -5.31
CA ALA N 68 -4.12 -29.15 -5.35
C ALA N 68 -5.04 -28.98 -6.56
N VAL N 69 -5.62 -30.10 -7.00
CA VAL N 69 -6.52 -30.15 -8.14
C VAL N 69 -7.89 -30.60 -7.65
N ASN N 70 -8.93 -29.92 -8.09
CA ASN N 70 -10.29 -30.19 -7.61
C ASN N 70 -11.19 -30.81 -8.66
N VAL N 71 -10.96 -30.54 -9.94
CA VAL N 71 -11.81 -31.05 -11.01
C VAL N 71 -10.94 -31.53 -12.18
N VAL N 72 -11.28 -32.69 -12.73
CA VAL N 72 -10.60 -33.25 -13.88
C VAL N 72 -11.67 -33.69 -14.89
N ARG N 73 -11.48 -33.32 -16.15
CA ARG N 73 -12.47 -33.58 -17.19
C ARG N 73 -11.81 -34.12 -18.44
N PHE N 74 -12.45 -35.11 -19.06
CA PHE N 74 -12.06 -35.62 -20.37
C PHE N 74 -12.94 -35.00 -21.45
N SER N 75 -12.39 -34.93 -22.66
CA SER N 75 -13.16 -34.48 -23.80
C SER N 75 -14.24 -35.51 -24.15
N PRO N 76 -15.33 -35.08 -24.77
CA PRO N 76 -16.33 -36.06 -25.24
C PRO N 76 -15.75 -37.06 -26.21
N THR N 77 -14.72 -36.66 -26.96
CA THR N 77 -13.97 -37.59 -27.81
C THR N 77 -12.84 -38.29 -27.07
N GLY N 78 -12.54 -37.87 -25.83
CA GLY N 78 -11.50 -38.49 -25.04
C GLY N 78 -10.08 -38.04 -25.35
N GLU N 79 -9.91 -37.12 -26.30
CA GLU N 79 -8.56 -36.74 -26.73
C GLU N 79 -7.86 -35.89 -25.68
N ILE N 80 -8.54 -34.86 -25.17
CA ILE N 80 -7.91 -33.83 -24.35
C ILE N 80 -8.45 -33.93 -22.93
N LEU N 81 -7.54 -33.87 -21.95
CA LEU N 81 -7.88 -33.95 -20.54
C LEU N 81 -7.82 -32.55 -19.94
N ALA N 82 -8.91 -32.13 -19.30
CA ALA N 82 -8.98 -30.85 -18.63
C ALA N 82 -8.71 -31.03 -17.14
N SER N 83 -7.83 -30.21 -16.58
CA SER N 83 -7.44 -30.34 -15.18
C SER N 83 -7.14 -28.97 -14.62
N GLY N 84 -7.86 -28.59 -13.56
CA GLY N 84 -7.60 -27.35 -12.87
C GLY N 84 -7.87 -27.50 -11.38
N GLY N 85 -7.25 -26.61 -10.60
CA GLY N 85 -7.36 -26.72 -9.16
C GLY N 85 -6.96 -25.48 -8.38
N ASP N 86 -6.24 -25.70 -7.28
CA ASP N 86 -5.91 -24.60 -6.37
C ASP N 86 -5.06 -23.55 -7.05
N ASP N 87 -4.07 -23.98 -7.85
CA ASP N 87 -3.26 -23.01 -8.59
C ASP N 87 -4.05 -22.26 -9.65
N ALA N 88 -5.32 -22.61 -9.86
CA ALA N 88 -6.24 -21.90 -10.75
C ALA N 88 -5.74 -21.86 -12.19
N VAL N 89 -5.11 -22.94 -12.65
CA VAL N 89 -4.65 -23.05 -14.02
C VAL N 89 -5.35 -24.25 -14.66
N ILE N 90 -5.91 -24.04 -15.85
CA ILE N 90 -6.61 -25.09 -16.57
C ILE N 90 -5.66 -25.65 -17.61
N LEU N 91 -5.34 -26.94 -17.48
CA LEU N 91 -4.40 -27.62 -18.35
C LEU N 91 -5.16 -28.52 -19.32
N LEU N 92 -4.81 -28.43 -20.60
CA LEU N 92 -5.37 -29.30 -21.64
C LEU N 92 -4.34 -30.39 -21.94
N TRP N 93 -4.38 -31.47 -21.16
CA TRP N 93 -3.46 -32.57 -21.35
C TRP N 93 -3.80 -33.35 -22.61
N LYS N 94 -2.76 -33.97 -23.19
CA LYS N 94 -2.91 -34.76 -24.40
C LYS N 94 -1.91 -35.91 -24.37
N VAL N 95 -2.32 -37.05 -24.93
CA VAL N 95 -1.42 -38.20 -25.03
C VAL N 95 -0.35 -37.88 -26.07
N ASN N 96 0.90 -37.79 -25.63
CA ASN N 96 2.00 -37.46 -26.53
C ASN N 96 2.52 -38.71 -27.24
N ASN N 115 4.95 -44.32 -14.31
CA ASN N 115 4.15 -43.86 -15.43
C ASN N 115 4.20 -44.81 -16.62
N LYS N 116 3.13 -45.56 -16.83
CA LYS N 116 3.02 -46.42 -18.00
C LYS N 116 2.84 -45.63 -19.29
N GLU N 117 2.17 -44.48 -19.20
CA GLU N 117 1.98 -43.58 -20.34
C GLU N 117 2.32 -42.16 -19.91
N ASN N 118 2.31 -41.25 -20.87
CA ASN N 118 2.69 -39.85 -20.64
C ASN N 118 1.65 -38.92 -21.21
N TRP N 119 1.50 -37.75 -20.58
CA TRP N 119 0.58 -36.72 -21.01
C TRP N 119 1.29 -35.38 -21.05
N THR N 120 0.86 -34.52 -21.97
CA THR N 120 1.44 -33.19 -22.13
C THR N 120 0.33 -32.16 -22.27
N VAL N 121 0.54 -30.98 -21.69
CA VAL N 121 -0.44 -29.91 -21.74
C VAL N 121 -0.34 -29.21 -23.09
N VAL N 122 -1.49 -29.02 -23.74
CA VAL N 122 -1.53 -28.38 -25.05
C VAL N 122 -1.64 -26.88 -24.89
N LYS N 123 -2.73 -26.40 -24.29
CA LYS N 123 -2.97 -24.99 -24.11
C LYS N 123 -3.19 -24.67 -22.64
N THR N 124 -2.70 -23.50 -22.23
CA THR N 124 -2.82 -23.03 -20.85
C THR N 124 -3.96 -22.01 -20.80
N LEU N 125 -5.12 -22.48 -20.34
CA LEU N 125 -6.34 -21.66 -20.30
C LEU N 125 -6.40 -20.94 -18.94
N ARG N 126 -5.51 -19.97 -18.78
CA ARG N 126 -5.46 -19.20 -17.55
C ARG N 126 -6.42 -18.01 -17.62
N GLY N 127 -6.73 -17.47 -16.46
CA GLY N 127 -7.70 -16.39 -16.33
C GLY N 127 -8.52 -16.54 -15.08
N HIS N 128 -8.38 -17.68 -14.39
CA HIS N 128 -9.05 -17.91 -13.13
C HIS N 128 -8.13 -17.63 -11.97
N LEU N 129 -8.72 -17.51 -10.77
CA LEU N 129 -8.01 -16.89 -9.66
C LEU N 129 -7.65 -17.89 -8.57
N GLU N 130 -8.62 -18.70 -8.14
CA GLU N 130 -8.44 -19.66 -7.05
C GLU N 130 -9.18 -20.94 -7.43
N ASP N 131 -9.43 -21.80 -6.43
CA ASP N 131 -9.98 -23.14 -6.63
C ASP N 131 -11.02 -23.17 -7.74
N VAL N 132 -10.75 -24.00 -8.76
CA VAL N 132 -11.68 -24.24 -9.86
C VAL N 132 -12.40 -25.55 -9.56
N TYR N 133 -13.72 -25.47 -9.44
CA TYR N 133 -14.50 -26.57 -8.89
C TYR N 133 -15.17 -27.44 -9.94
N ASP N 134 -15.71 -26.85 -11.01
CA ASP N 134 -16.46 -27.60 -12.00
C ASP N 134 -16.07 -27.17 -13.41
N ILE N 135 -15.88 -28.16 -14.27
CA ILE N 135 -15.57 -27.97 -15.68
C ILE N 135 -16.52 -28.83 -16.49
N CYS N 136 -17.04 -28.31 -17.59
CA CYS N 136 -17.92 -29.06 -18.47
C CYS N 136 -17.44 -28.96 -19.91
N TRP N 137 -17.46 -30.09 -20.61
CA TRP N 137 -17.06 -30.12 -22.01
C TRP N 137 -18.28 -29.99 -22.91
N ALA N 138 -18.18 -29.09 -23.90
CA ALA N 138 -19.25 -28.96 -24.88
C ALA N 138 -19.23 -30.16 -25.82
N THR N 139 -20.38 -30.40 -26.46
CA THR N 139 -20.53 -31.57 -27.31
C THR N 139 -19.51 -31.56 -28.45
N ASP N 140 -19.32 -30.41 -29.09
CA ASP N 140 -18.31 -30.31 -30.15
C ASP N 140 -16.89 -30.46 -29.62
N GLY N 141 -16.67 -30.17 -28.34
CA GLY N 141 -15.35 -30.23 -27.76
C GLY N 141 -14.50 -29.00 -27.99
N ASN N 142 -15.02 -27.98 -28.65
CA ASN N 142 -14.25 -26.78 -28.94
C ASN N 142 -14.58 -25.60 -28.03
N LEU N 143 -15.50 -25.77 -27.06
CA LEU N 143 -15.90 -24.69 -26.19
C LEU N 143 -15.99 -25.18 -24.75
N MET N 144 -15.49 -24.36 -23.82
CA MET N 144 -15.26 -24.75 -22.45
C MET N 144 -16.10 -23.90 -21.49
N ALA N 145 -16.62 -24.54 -20.46
CA ALA N 145 -17.25 -23.88 -19.32
C ALA N 145 -16.45 -24.22 -18.08
N SER N 146 -16.02 -23.19 -17.37
CA SER N 146 -15.19 -23.35 -16.18
C SER N 146 -15.85 -22.64 -15.01
N ALA N 147 -16.00 -23.36 -13.89
CA ALA N 147 -16.59 -22.83 -12.68
C ALA N 147 -15.54 -22.81 -11.57
N SER N 148 -15.36 -21.65 -10.95
CA SER N 148 -14.39 -21.48 -9.89
C SER N 148 -14.97 -20.58 -8.80
N VAL N 149 -14.31 -20.58 -7.64
CA VAL N 149 -14.70 -19.79 -6.49
C VAL N 149 -14.80 -18.29 -6.82
N ASP N 150 -14.15 -17.85 -7.89
CA ASP N 150 -13.98 -16.45 -8.24
C ASP N 150 -15.27 -15.77 -8.73
N ASN N 151 -16.44 -16.37 -8.56
CA ASN N 151 -17.73 -15.74 -8.84
C ASN N 151 -17.98 -15.56 -10.34
N THR N 152 -17.30 -16.34 -11.19
CA THR N 152 -17.46 -16.16 -12.63
C THR N 152 -17.33 -17.49 -13.35
N ALA N 153 -17.89 -17.54 -14.55
CA ALA N 153 -17.74 -18.65 -15.48
C ALA N 153 -17.21 -18.11 -16.80
N ILE N 154 -16.13 -18.69 -17.29
CA ILE N 154 -15.42 -18.19 -18.47
C ILE N 154 -15.58 -19.19 -19.60
N ILE N 155 -15.94 -18.70 -20.79
CA ILE N 155 -16.05 -19.51 -21.98
C ILE N 155 -14.76 -19.42 -22.77
N TRP N 156 -14.23 -20.57 -23.18
CA TRP N 156 -12.93 -20.66 -23.84
C TRP N 156 -13.07 -21.31 -25.21
N ASP N 157 -12.06 -21.10 -26.04
CA ASP N 157 -11.93 -21.78 -27.33
C ASP N 157 -10.81 -22.80 -27.20
N VAL N 158 -11.14 -24.08 -27.43
CA VAL N 158 -10.13 -25.13 -27.31
C VAL N 158 -9.07 -25.01 -28.39
N SER N 159 -9.50 -24.84 -29.64
CA SER N 159 -8.55 -24.71 -30.74
C SER N 159 -7.73 -23.44 -30.59
N LYS N 160 -8.37 -22.33 -30.22
CA LYS N 160 -7.65 -21.07 -30.05
C LYS N 160 -6.85 -21.05 -28.74
N GLY N 161 -7.33 -21.74 -27.71
CA GLY N 161 -6.71 -21.66 -26.41
C GLY N 161 -6.90 -20.34 -25.71
N GLN N 162 -7.92 -19.58 -26.07
CA GLN N 162 -8.16 -18.25 -25.53
C GLN N 162 -9.60 -18.11 -25.06
N LYS N 163 -9.80 -17.28 -24.04
CA LYS N 163 -11.13 -17.01 -23.52
C LYS N 163 -11.89 -16.08 -24.47
N ILE N 164 -13.21 -16.27 -24.54
CA ILE N 164 -14.05 -15.46 -25.42
C ILE N 164 -15.24 -14.84 -24.73
N SER N 165 -15.72 -15.36 -23.60
CA SER N 165 -16.90 -14.82 -22.95
C SER N 165 -16.75 -14.90 -21.45
N ILE N 166 -17.48 -14.03 -20.75
CA ILE N 166 -17.40 -13.91 -19.30
C ILE N 166 -18.81 -13.83 -18.72
N PHE N 167 -19.02 -14.54 -17.61
CA PHE N 167 -20.31 -14.55 -16.90
C PHE N 167 -20.00 -14.28 -15.43
N ASN N 168 -20.18 -13.03 -15.00
CA ASN N 168 -19.80 -12.61 -13.66
C ASN N 168 -21.01 -12.42 -12.73
N GLU N 169 -22.18 -12.93 -13.11
CA GLU N 169 -23.38 -12.73 -12.31
C GLU N 169 -23.38 -13.51 -11.00
N HIS N 170 -22.45 -14.43 -10.82
CA HIS N 170 -22.40 -15.21 -9.59
C HIS N 170 -21.93 -14.34 -8.42
N LYS N 171 -22.63 -14.45 -7.29
CA LYS N 171 -22.33 -13.67 -6.10
C LYS N 171 -21.75 -14.51 -4.97
N SER N 172 -21.42 -15.77 -5.21
CA SER N 172 -20.82 -16.63 -4.19
C SER N 172 -19.97 -17.68 -4.88
N TYR N 173 -19.54 -18.67 -4.11
CA TYR N 173 -18.63 -19.70 -4.62
C TYR N 173 -19.34 -20.52 -5.69
N VAL N 174 -18.83 -20.49 -6.91
CA VAL N 174 -19.40 -21.27 -8.00
C VAL N 174 -18.87 -22.68 -7.88
N GLN N 175 -19.77 -23.64 -7.61
CA GLN N 175 -19.38 -25.02 -7.33
C GLN N 175 -19.99 -26.01 -8.29
N GLY N 176 -20.69 -25.55 -9.32
CA GLY N 176 -21.29 -26.46 -10.28
C GLY N 176 -21.69 -25.81 -11.59
N VAL N 177 -21.33 -26.43 -12.71
CA VAL N 177 -21.65 -25.92 -14.03
C VAL N 177 -21.77 -27.09 -14.99
N THR N 178 -22.62 -26.96 -16.00
CA THR N 178 -22.72 -27.95 -17.07
C THR N 178 -23.10 -27.25 -18.36
N TRP N 179 -22.72 -27.89 -19.47
CA TRP N 179 -23.01 -27.38 -20.80
C TRP N 179 -24.22 -28.09 -21.38
N ASP N 180 -25.12 -27.32 -21.98
CA ASP N 180 -26.31 -27.89 -22.60
C ASP N 180 -25.91 -28.75 -23.79
N PRO N 181 -26.31 -30.02 -23.83
CA PRO N 181 -25.97 -30.86 -24.99
C PRO N 181 -26.52 -30.31 -26.29
N LEU N 182 -27.67 -29.65 -26.26
CA LEU N 182 -28.21 -29.01 -27.45
C LEU N 182 -27.45 -27.74 -27.83
N GLY N 183 -26.55 -27.27 -26.97
CA GLY N 183 -25.77 -26.07 -27.27
C GLY N 183 -26.59 -24.82 -27.35
N GLN N 184 -27.47 -24.60 -26.38
CA GLN N 184 -28.30 -23.40 -26.34
C GLN N 184 -28.14 -22.59 -25.05
N TYR N 185 -28.04 -23.24 -23.89
CA TYR N 185 -27.92 -22.54 -22.62
C TYR N 185 -26.72 -23.08 -21.84
N VAL N 186 -26.46 -22.46 -20.70
CA VAL N 186 -25.42 -22.90 -19.77
C VAL N 186 -26.00 -22.87 -18.37
N ALA N 187 -25.93 -24.00 -17.67
CA ALA N 187 -26.46 -24.12 -16.32
C ALA N 187 -25.32 -24.02 -15.31
N THR N 188 -25.51 -23.16 -14.30
CA THR N 188 -24.49 -22.92 -13.28
C THR N 188 -25.13 -23.03 -11.90
N LEU N 189 -24.39 -23.59 -10.96
CA LEU N 189 -24.79 -23.64 -9.56
C LEU N 189 -23.70 -23.01 -8.70
N SER N 190 -24.08 -22.03 -7.88
CA SER N 190 -23.15 -21.35 -7.00
C SER N 190 -23.58 -21.51 -5.56
N CYS N 191 -22.69 -21.12 -4.64
CA CYS N 191 -22.94 -21.28 -3.22
C CYS N 191 -24.02 -20.36 -2.69
N ASP N 192 -24.47 -19.39 -3.48
CA ASP N 192 -25.48 -18.42 -3.04
C ASP N 192 -26.90 -18.95 -3.12
N ARG N 193 -27.10 -20.26 -3.27
CA ARG N 193 -28.43 -20.85 -3.41
C ARG N 193 -29.19 -20.25 -4.58
N VAL N 194 -28.47 -19.84 -5.61
CA VAL N 194 -29.04 -19.17 -6.78
C VAL N 194 -28.48 -19.84 -8.03
N LEU N 195 -29.35 -20.21 -8.95
CA LEU N 195 -28.97 -20.81 -10.22
C LEU N 195 -29.07 -19.77 -11.32
N ARG N 196 -28.12 -19.80 -12.26
CA ARG N 196 -28.03 -18.83 -13.34
C ARG N 196 -27.92 -19.55 -14.66
N VAL N 197 -28.81 -19.21 -15.59
CA VAL N 197 -28.86 -19.82 -16.91
C VAL N 197 -28.43 -18.79 -17.94
N TYR N 198 -27.46 -19.15 -18.77
CA TYR N 198 -26.89 -18.25 -19.76
C TYR N 198 -27.10 -18.82 -21.15
N SER N 199 -27.84 -18.11 -21.99
CA SER N 199 -28.02 -18.52 -23.37
C SER N 199 -26.69 -18.40 -24.12
N ILE N 200 -26.32 -19.46 -24.84
CA ILE N 200 -25.04 -19.46 -25.52
C ILE N 200 -25.02 -18.51 -26.71
N GLN N 201 -26.18 -18.05 -27.16
CA GLN N 201 -26.25 -17.11 -28.28
C GLN N 201 -26.14 -15.66 -27.80
N LYS N 202 -27.00 -15.27 -26.87
CA LYS N 202 -27.00 -13.89 -26.37
C LYS N 202 -25.82 -13.62 -25.44
N LYS N 203 -25.32 -14.65 -24.75
CA LYS N 203 -24.27 -14.50 -23.73
C LYS N 203 -24.75 -13.64 -22.57
N ARG N 204 -26.03 -13.74 -22.22
CA ARG N 204 -26.61 -13.06 -21.08
C ARG N 204 -27.46 -14.04 -20.28
N VAL N 205 -27.95 -13.57 -19.13
CA VAL N 205 -28.77 -14.39 -18.26
C VAL N 205 -30.15 -14.56 -18.89
N ALA N 206 -30.52 -15.81 -19.15
CA ALA N 206 -31.85 -16.11 -19.69
C ALA N 206 -32.86 -16.41 -18.59
N PHE N 207 -32.44 -17.16 -17.57
CA PHE N 207 -33.33 -17.53 -16.48
C PHE N 207 -32.57 -17.45 -15.17
N ASN N 208 -33.30 -17.24 -14.08
CA ASN N 208 -32.73 -17.15 -12.74
C ASN N 208 -33.77 -17.58 -11.73
N VAL N 209 -33.43 -18.58 -10.91
CA VAL N 209 -34.34 -19.12 -9.91
C VAL N 209 -33.64 -19.11 -8.55
N SER N 210 -34.29 -18.51 -7.56
CA SER N 210 -33.77 -18.49 -6.20
C SER N 210 -34.81 -18.82 -5.13
N LYS N 211 -36.10 -18.70 -5.42
CA LYS N 211 -37.16 -18.96 -4.46
C LYS N 211 -38.17 -19.93 -5.07
N MET N 212 -38.62 -20.88 -4.28
CA MET N 212 -39.62 -21.85 -4.73
C MET N 212 -41.03 -21.34 -4.45
N ARG N 226 -34.66 -22.35 1.72
CA ARG N 226 -34.62 -21.73 0.40
C ARG N 226 -34.71 -22.77 -0.72
N MET N 227 -34.47 -22.31 -1.94
CA MET N 227 -34.57 -23.19 -3.09
C MET N 227 -33.50 -24.29 -3.03
N PHE N 228 -32.28 -23.93 -2.63
CA PHE N 228 -31.19 -24.88 -2.42
C PHE N 228 -30.64 -24.74 -1.01
N HIS N 229 -29.51 -25.41 -0.78
CA HIS N 229 -28.86 -25.37 0.52
C HIS N 229 -27.85 -24.23 0.59
N ASP N 230 -27.62 -23.74 1.81
CA ASP N 230 -26.75 -22.59 2.03
C ASP N 230 -25.30 -23.04 2.14
N ASP N 231 -24.43 -22.13 2.59
CA ASP N 231 -23.00 -22.41 2.74
C ASP N 231 -22.71 -23.48 3.79
N SER N 232 -23.67 -23.81 4.65
CA SER N 232 -23.42 -24.81 5.70
C SER N 232 -23.20 -26.20 5.13
N MET N 233 -23.63 -26.46 3.89
CA MET N 233 -23.40 -27.76 3.28
C MET N 233 -21.90 -27.96 3.05
N LYS N 234 -21.41 -29.13 3.42
CA LYS N 234 -19.99 -29.34 3.64
C LYS N 234 -19.23 -29.77 2.40
N SER N 235 -19.87 -29.85 1.25
CA SER N 235 -19.20 -30.26 0.02
C SER N 235 -18.74 -29.02 -0.76
N PHE N 236 -17.51 -29.06 -1.26
CA PHE N 236 -16.98 -27.97 -2.07
C PHE N 236 -17.59 -27.93 -3.47
N PHE N 237 -18.37 -28.93 -3.85
CA PHE N 237 -18.91 -29.04 -5.19
C PHE N 237 -20.43 -28.97 -5.18
N ARG N 238 -20.99 -28.32 -6.20
CA ARG N 238 -22.42 -28.28 -6.46
C ARG N 238 -22.69 -28.73 -7.89
N ARG N 239 -22.05 -29.83 -8.28
CA ARG N 239 -22.01 -30.27 -9.67
C ARG N 239 -23.38 -30.78 -10.10
N LEU N 240 -24.06 -30.00 -10.94
CA LEU N 240 -25.26 -30.44 -11.63
C LEU N 240 -24.95 -30.67 -13.11
N SER N 241 -25.72 -31.55 -13.73
CA SER N 241 -25.50 -31.89 -15.13
C SER N 241 -26.84 -31.97 -15.85
N PHE N 242 -26.84 -31.57 -17.12
CA PHE N 242 -28.01 -31.73 -17.96
C PHE N 242 -28.22 -33.20 -18.29
N THR N 243 -29.45 -33.52 -18.68
CA THR N 243 -29.72 -34.83 -19.27
C THR N 243 -28.92 -34.94 -20.57
N PRO N 244 -28.40 -36.13 -20.90
CA PRO N 244 -27.59 -36.26 -22.13
C PRO N 244 -28.28 -35.75 -23.38
N ASP N 245 -29.61 -35.80 -23.45
CA ASP N 245 -30.32 -35.18 -24.56
C ASP N 245 -30.56 -33.68 -24.34
N GLY N 246 -30.32 -33.18 -23.13
CA GLY N 246 -30.50 -31.78 -22.83
C GLY N 246 -31.92 -31.37 -22.47
N SER N 247 -32.88 -32.30 -22.52
CA SER N 247 -34.28 -31.95 -22.27
C SER N 247 -34.49 -31.52 -20.83
N LEU N 248 -33.83 -32.18 -19.87
CA LEU N 248 -34.04 -31.92 -18.46
C LEU N 248 -32.72 -31.59 -17.78
N LEU N 249 -32.82 -30.86 -16.67
CA LEU N 249 -31.68 -30.50 -15.84
C LEU N 249 -31.88 -31.05 -14.45
N LEU N 250 -30.86 -31.74 -13.93
CA LEU N 250 -30.91 -32.34 -12.60
C LEU N 250 -30.02 -31.54 -11.67
N THR N 251 -30.63 -30.84 -10.71
CA THR N 251 -29.91 -29.97 -9.80
C THR N 251 -29.93 -30.54 -8.38
N PRO N 252 -28.80 -31.01 -7.86
CA PRO N 252 -28.79 -31.55 -6.48
C PRO N 252 -28.72 -30.44 -5.44
N ALA N 253 -28.64 -30.85 -4.16
CA ALA N 253 -28.49 -29.92 -3.04
C ALA N 253 -29.65 -28.93 -2.96
N GLY N 254 -30.87 -29.47 -2.95
CA GLY N 254 -32.06 -28.66 -2.86
C GLY N 254 -32.72 -28.76 -1.50
N CYS N 255 -33.55 -27.76 -1.20
CA CYS N 255 -34.29 -27.70 0.05
C CYS N 255 -35.77 -27.45 -0.22
N VAL N 256 -36.62 -28.21 0.45
CA VAL N 256 -38.07 -28.08 0.27
C VAL N 256 -38.68 -27.35 1.45
N MET N 263 -35.43 -30.27 4.39
CA MET N 263 -34.91 -31.56 3.95
C MET N 263 -34.15 -31.42 2.63
N ASN N 264 -33.17 -32.30 2.43
CA ASN N 264 -32.35 -32.25 1.22
C ASN N 264 -33.04 -32.97 0.07
N THR N 265 -32.90 -32.41 -1.13
CA THR N 265 -33.57 -32.95 -2.31
C THR N 265 -32.79 -32.56 -3.56
N THR N 266 -33.23 -33.09 -4.69
CA THR N 266 -32.64 -32.81 -5.99
C THR N 266 -33.75 -32.45 -6.96
N TYR N 267 -33.85 -31.16 -7.28
CA TYR N 267 -34.89 -30.66 -8.17
C TYR N 267 -34.58 -31.00 -9.62
N VAL N 268 -35.64 -31.04 -10.44
CA VAL N 268 -35.54 -31.34 -11.85
C VAL N 268 -36.26 -30.24 -12.62
N PHE N 269 -35.60 -29.70 -13.64
CA PHE N 269 -36.18 -28.70 -14.52
C PHE N 269 -36.35 -29.24 -15.92
N SER N 270 -36.99 -28.44 -16.77
CA SER N 270 -37.24 -28.79 -18.16
C SER N 270 -36.94 -27.60 -19.06
N ARG N 271 -36.67 -27.90 -20.34
CA ARG N 271 -36.44 -26.84 -21.32
C ARG N 271 -37.69 -26.01 -21.54
N LYS N 272 -38.87 -26.61 -21.39
CA LYS N 272 -40.12 -25.87 -21.57
C LYS N 272 -40.24 -24.75 -20.54
N ASN N 273 -39.96 -25.06 -19.28
CA ASN N 273 -39.97 -24.07 -18.21
C ASN N 273 -38.84 -24.35 -17.22
N LEU N 274 -37.86 -23.45 -17.17
CA LEU N 274 -36.74 -23.57 -16.26
C LEU N 274 -36.96 -22.83 -14.95
N LYS N 275 -38.10 -22.16 -14.79
CA LYS N 275 -38.39 -21.38 -13.60
C LYS N 275 -39.29 -22.11 -12.60
N ARG N 276 -39.61 -23.38 -12.86
CA ARG N 276 -40.42 -24.15 -11.93
C ARG N 276 -40.08 -25.63 -12.02
N PRO N 277 -39.80 -26.29 -10.89
CA PRO N 277 -39.44 -27.70 -10.93
C PRO N 277 -40.65 -28.59 -11.18
N ILE N 278 -40.46 -29.58 -12.06
CA ILE N 278 -41.50 -30.59 -12.27
C ILE N 278 -41.60 -31.50 -11.06
N ALA N 279 -40.45 -31.93 -10.53
CA ALA N 279 -40.42 -32.77 -9.34
C ALA N 279 -39.03 -32.69 -8.73
N HIS N 280 -38.93 -33.15 -7.49
CA HIS N 280 -37.67 -33.21 -6.77
C HIS N 280 -37.50 -34.59 -6.15
N LEU N 281 -36.25 -35.05 -6.09
CA LEU N 281 -35.96 -36.37 -5.56
C LEU N 281 -35.63 -36.27 -4.09
N PRO N 282 -36.44 -36.83 -3.20
CA PRO N 282 -36.18 -36.69 -1.75
C PRO N 282 -34.96 -37.50 -1.33
N CYS N 283 -34.02 -36.82 -0.67
CA CYS N 283 -32.84 -37.46 -0.08
C CYS N 283 -32.64 -36.91 1.33
N PRO N 284 -33.48 -37.34 2.28
CA PRO N 284 -33.34 -36.86 3.66
C PRO N 284 -32.02 -37.31 4.28
N GLY N 285 -31.52 -36.49 5.19
CA GLY N 285 -30.25 -36.76 5.85
C GLY N 285 -29.15 -35.81 5.39
N LYS N 286 -28.21 -36.32 4.61
CA LYS N 286 -27.15 -35.52 4.03
C LYS N 286 -27.58 -34.98 2.66
N ALA N 287 -26.95 -33.88 2.27
CA ALA N 287 -27.33 -33.18 1.05
C ALA N 287 -26.67 -33.82 -0.16
N THR N 288 -27.44 -33.94 -1.25
CA THR N 288 -26.89 -34.40 -2.52
C THR N 288 -25.91 -33.38 -3.06
N LEU N 289 -24.85 -33.86 -3.70
CA LEU N 289 -23.78 -32.97 -4.15
C LEU N 289 -23.38 -33.21 -5.60
N ALA N 290 -23.64 -34.41 -6.11
CA ALA N 290 -23.19 -34.78 -7.45
C ALA N 290 -24.34 -35.38 -8.24
N VAL N 291 -24.39 -35.02 -9.52
CA VAL N 291 -25.34 -35.60 -10.47
C VAL N 291 -24.57 -35.97 -11.73
N ARG N 292 -24.61 -37.25 -12.10
CA ARG N 292 -24.00 -37.74 -13.33
C ARG N 292 -24.98 -38.66 -14.04
N CYS N 293 -25.02 -38.54 -15.36
CA CYS N 293 -25.92 -39.35 -16.19
C CYS N 293 -25.10 -40.25 -17.10
N CYS N 294 -25.52 -41.50 -17.19
CA CYS N 294 -24.85 -42.45 -18.07
C CYS N 294 -25.02 -42.03 -19.52
N PRO N 295 -23.97 -42.06 -20.33
CA PRO N 295 -24.10 -41.68 -21.75
C PRO N 295 -24.70 -42.74 -22.64
N VAL N 296 -25.30 -43.79 -22.08
CA VAL N 296 -25.90 -44.87 -22.85
C VAL N 296 -27.41 -44.77 -22.71
N TYR N 297 -28.11 -44.74 -23.84
CA TYR N 297 -29.56 -44.65 -23.85
C TYR N 297 -30.16 -46.03 -23.69
N PHE N 298 -30.99 -46.21 -22.67
CA PHE N 298 -31.62 -47.49 -22.35
C PHE N 298 -33.09 -47.47 -22.77
N GLU N 299 -33.57 -48.61 -23.24
CA GLU N 299 -34.97 -48.70 -23.65
C GLU N 299 -35.88 -48.73 -22.43
N LEU N 300 -37.14 -48.34 -22.65
CA LEU N 300 -38.13 -48.37 -21.58
C LEU N 300 -38.41 -49.82 -21.18
N ARG N 301 -38.49 -50.05 -19.86
CA ARG N 301 -38.72 -51.39 -19.35
C ARG N 301 -40.21 -51.73 -19.34
N VAL N 308 -45.58 -40.63 -12.88
CA VAL N 308 -44.38 -41.25 -12.34
C VAL N 308 -43.20 -40.96 -13.25
N GLU N 309 -43.39 -41.15 -14.55
CA GLU N 309 -42.33 -40.88 -15.52
C GLU N 309 -41.96 -39.41 -15.51
N LEU N 310 -40.65 -39.14 -15.43
CA LEU N 310 -40.19 -37.76 -15.35
C LEU N 310 -40.33 -37.05 -16.69
N MET N 311 -40.06 -37.75 -17.79
CA MET N 311 -40.14 -37.17 -19.12
C MET N 311 -40.54 -38.26 -20.09
N SER N 312 -41.22 -37.87 -21.17
CA SER N 312 -41.91 -38.81 -22.06
C SER N 312 -41.19 -38.86 -23.41
N LEU N 313 -40.26 -39.80 -23.55
CA LEU N 313 -39.69 -40.18 -24.83
C LEU N 313 -39.48 -41.68 -24.83
N PRO N 314 -39.42 -42.30 -26.02
CA PRO N 314 -39.32 -43.77 -26.06
C PRO N 314 -38.08 -44.36 -25.41
N TYR N 315 -37.15 -43.54 -24.93
CA TYR N 315 -35.95 -44.04 -24.27
C TYR N 315 -35.87 -43.51 -22.85
N ARG N 316 -35.21 -44.27 -21.99
CA ARG N 316 -34.97 -43.88 -20.60
C ARG N 316 -33.47 -43.78 -20.36
N LEU N 317 -33.10 -42.91 -19.42
CA LEU N 317 -31.71 -42.64 -19.10
C LEU N 317 -31.47 -42.86 -17.61
N VAL N 318 -30.43 -43.62 -17.29
CA VAL N 318 -30.08 -43.93 -15.91
C VAL N 318 -28.98 -42.97 -15.47
N PHE N 319 -29.19 -42.29 -14.35
CA PHE N 319 -28.24 -41.32 -13.83
C PHE N 319 -27.94 -41.62 -12.38
N ALA N 320 -26.80 -41.13 -11.91
CA ALA N 320 -26.32 -41.38 -10.55
C ALA N 320 -26.26 -40.06 -9.78
N VAL N 321 -26.76 -40.10 -8.55
CA VAL N 321 -26.74 -38.96 -7.65
C VAL N 321 -25.96 -39.36 -6.41
N ALA N 322 -24.95 -38.57 -6.05
CA ALA N 322 -24.10 -38.86 -4.90
C ALA N 322 -24.32 -37.78 -3.84
N SER N 323 -24.70 -38.22 -2.64
CA SER N 323 -24.82 -37.34 -1.49
C SER N 323 -23.51 -37.34 -0.72
N GLU N 324 -23.52 -36.77 0.50
CA GLU N 324 -22.32 -36.75 1.31
C GLU N 324 -21.87 -38.16 1.71
N ASP N 325 -22.81 -39.05 2.05
CA ASP N 325 -22.45 -40.40 2.44
C ASP N 325 -23.30 -41.47 1.78
N SER N 326 -24.16 -41.11 0.83
CA SER N 326 -25.04 -42.08 0.18
C SER N 326 -25.12 -41.78 -1.31
N VAL N 327 -25.36 -42.83 -2.10
CA VAL N 327 -25.50 -42.72 -3.54
C VAL N 327 -26.82 -43.36 -3.94
N LEU N 328 -27.65 -42.62 -4.67
CA LEU N 328 -28.94 -43.09 -5.14
C LEU N 328 -28.93 -43.20 -6.66
N LEU N 329 -29.47 -44.31 -7.17
CA LEU N 329 -29.49 -44.59 -8.61
C LEU N 329 -30.93 -44.57 -9.09
N TYR N 330 -31.24 -43.63 -9.98
CA TYR N 330 -32.56 -43.49 -10.56
C TYR N 330 -32.52 -43.76 -12.05
N ASP N 331 -33.70 -43.75 -12.67
CA ASP N 331 -33.86 -43.83 -14.11
C ASP N 331 -34.95 -42.84 -14.52
N THR N 332 -35.12 -42.68 -15.84
CA THR N 332 -36.06 -41.68 -16.35
C THR N 332 -37.51 -42.02 -15.99
N GLN N 333 -37.88 -43.30 -16.09
CA GLN N 333 -39.28 -43.68 -16.02
C GLN N 333 -39.79 -43.88 -14.60
N GLN N 334 -38.94 -44.29 -13.66
CA GLN N 334 -39.36 -44.60 -12.31
C GLN N 334 -39.07 -43.43 -11.39
N SER N 335 -40.06 -43.05 -10.58
CA SER N 335 -39.85 -42.00 -9.59
C SER N 335 -38.92 -42.47 -8.48
N PHE N 336 -39.16 -43.67 -7.95
CA PHE N 336 -38.34 -44.20 -6.87
C PHE N 336 -37.01 -44.74 -7.42
N PRO N 337 -35.94 -44.72 -6.62
CA PRO N 337 -34.65 -45.23 -7.10
C PRO N 337 -34.61 -46.75 -7.08
N PHE N 338 -33.99 -47.31 -8.12
CA PHE N 338 -33.80 -48.75 -8.21
C PHE N 338 -32.48 -49.22 -7.64
N GLY N 339 -31.65 -48.31 -7.14
CA GLY N 339 -30.38 -48.68 -6.52
C GLY N 339 -30.00 -47.69 -5.45
N TYR N 340 -29.30 -48.18 -4.44
CA TYR N 340 -28.89 -47.33 -3.32
C TYR N 340 -27.75 -48.01 -2.58
N VAL N 341 -26.61 -47.33 -2.50
CA VAL N 341 -25.43 -47.84 -1.82
C VAL N 341 -24.97 -46.79 -0.80
N SER N 342 -24.68 -47.23 0.41
CA SER N 342 -24.27 -46.33 1.48
C SER N 342 -23.33 -47.06 2.42
N ASN N 343 -22.72 -46.28 3.34
CA ASN N 343 -21.80 -46.80 4.34
C ASN N 343 -20.63 -47.55 3.70
N ILE N 344 -20.07 -46.96 2.65
CA ILE N 344 -18.90 -47.54 1.99
C ILE N 344 -17.67 -46.65 2.09
N HIS N 345 -17.82 -45.39 2.51
CA HIS N 345 -16.69 -44.48 2.67
C HIS N 345 -16.78 -43.81 4.03
N TYR N 346 -15.62 -43.56 4.63
CA TYR N 346 -15.54 -43.02 5.98
C TYR N 346 -15.76 -41.51 6.04
N HIS N 347 -15.75 -40.82 4.90
CA HIS N 347 -15.89 -39.37 4.89
C HIS N 347 -16.79 -38.98 3.72
N THR N 348 -16.88 -37.67 3.47
CA THR N 348 -17.80 -37.15 2.47
C THR N 348 -17.38 -37.57 1.07
N LEU N 349 -18.36 -37.97 0.26
CA LEU N 349 -18.11 -38.27 -1.14
C LEU N 349 -17.83 -36.98 -1.91
N SER N 350 -17.01 -37.10 -2.95
CA SER N 350 -16.60 -35.94 -3.73
C SER N 350 -17.12 -35.96 -5.15
N ASP N 351 -16.90 -37.05 -5.89
CA ASP N 351 -17.30 -37.10 -7.29
C ASP N 351 -17.67 -38.52 -7.68
N ILE N 352 -18.48 -38.63 -8.72
CA ILE N 352 -18.85 -39.90 -9.32
C ILE N 352 -18.68 -39.78 -10.84
N SER N 353 -18.54 -40.92 -11.51
CA SER N 353 -18.36 -40.91 -12.95
C SER N 353 -18.90 -42.20 -13.54
N TRP N 354 -19.61 -42.08 -14.66
CA TRP N 354 -20.06 -43.23 -15.43
C TRP N 354 -19.03 -43.61 -16.48
N SER N 355 -18.99 -44.90 -16.82
CA SER N 355 -18.13 -45.37 -17.88
C SER N 355 -18.74 -45.06 -19.24
N SER N 356 -17.95 -45.32 -20.30
CA SER N 356 -18.44 -45.09 -21.65
C SER N 356 -19.63 -46.00 -21.97
N ASP N 357 -19.55 -47.27 -21.59
CA ASP N 357 -20.63 -48.22 -21.81
C ASP N 357 -21.62 -48.30 -20.64
N GLY N 358 -21.35 -47.60 -19.55
CA GLY N 358 -22.21 -47.67 -18.38
C GLY N 358 -21.95 -48.83 -17.46
N ALA N 359 -20.93 -49.65 -17.73
CA ALA N 359 -20.63 -50.80 -16.90
C ALA N 359 -19.85 -50.44 -15.63
N PHE N 360 -19.28 -49.24 -15.58
CA PHE N 360 -18.53 -48.79 -14.42
C PHE N 360 -19.11 -47.49 -13.89
N LEU N 361 -19.24 -47.39 -12.56
CA LEU N 361 -19.68 -46.16 -11.90
C LEU N 361 -18.69 -45.88 -10.78
N ALA N 362 -17.64 -45.12 -11.10
CA ALA N 362 -16.64 -44.78 -10.10
C ALA N 362 -17.21 -43.80 -9.09
N ILE N 363 -16.82 -43.97 -7.82
CA ILE N 363 -17.22 -43.08 -6.73
C ILE N 363 -15.97 -42.66 -5.98
N SER N 364 -15.83 -41.36 -5.74
CA SER N 364 -14.70 -40.81 -5.01
C SER N 364 -15.20 -40.11 -3.75
N SER N 365 -14.40 -40.18 -2.69
CA SER N 365 -14.72 -39.57 -1.41
C SER N 365 -13.56 -38.69 -0.95
N THR N 366 -13.76 -38.02 0.18
CA THR N 366 -12.77 -37.12 0.76
C THR N 366 -11.88 -37.81 1.78
N ASP N 367 -12.00 -39.12 1.96
CA ASP N 367 -11.16 -39.87 2.88
C ASP N 367 -9.91 -40.42 2.23
N GLY N 368 -9.66 -40.09 0.96
CA GLY N 368 -8.54 -40.62 0.23
C GLY N 368 -8.80 -41.94 -0.46
N TYR N 369 -10.00 -42.50 -0.32
CA TYR N 369 -10.36 -43.77 -0.93
C TYR N 369 -11.49 -43.58 -1.92
N CYS N 370 -11.51 -44.41 -2.96
CA CYS N 370 -12.53 -44.39 -3.99
C CYS N 370 -13.25 -45.73 -4.02
N SER N 371 -14.28 -45.82 -4.86
CA SER N 371 -15.06 -47.03 -5.00
C SER N 371 -15.70 -47.08 -6.38
N PHE N 372 -16.13 -48.28 -6.76
CA PHE N 372 -16.73 -48.50 -8.07
C PHE N 372 -18.01 -49.32 -7.91
N VAL N 373 -18.91 -49.15 -8.86
CA VAL N 373 -20.14 -49.95 -8.95
C VAL N 373 -20.11 -50.66 -10.30
N THR N 374 -20.21 -51.98 -10.26
CA THR N 374 -20.10 -52.81 -11.46
C THR N 374 -21.45 -53.43 -11.77
N PHE N 375 -21.94 -53.18 -12.99
CA PHE N 375 -23.16 -53.80 -13.48
C PHE N 375 -22.80 -54.84 -14.52
N GLU N 376 -23.53 -55.95 -14.53
CA GLU N 376 -23.27 -57.02 -15.48
C GLU N 376 -23.76 -56.60 -16.86
N LYS N 377 -23.75 -57.53 -17.80
CA LYS N 377 -24.10 -57.21 -19.18
C LYS N 377 -25.52 -56.64 -19.27
N ASP N 378 -25.61 -55.34 -19.58
CA ASP N 378 -26.88 -54.64 -19.73
C ASP N 378 -27.79 -54.81 -18.52
N GLU N 379 -27.21 -54.79 -17.32
CA GLU N 379 -28.01 -54.91 -16.10
C GLU N 379 -28.93 -53.71 -15.93
N LEU N 380 -28.43 -52.51 -16.22
CA LEU N 380 -29.27 -51.31 -16.14
C LEU N 380 -30.43 -51.40 -17.13
N GLY N 381 -30.16 -51.86 -18.34
CA GLY N 381 -31.19 -52.00 -19.34
C GLY N 381 -30.56 -52.33 -20.68
N ILE N 382 -31.43 -52.50 -21.68
CA ILE N 382 -31.02 -52.85 -23.03
C ILE N 382 -30.71 -51.53 -23.77
N PRO N 383 -29.47 -51.30 -24.19
CA PRO N 383 -29.16 -50.07 -24.91
C PRO N 383 -29.86 -50.02 -26.26
N LEU N 384 -30.14 -48.80 -26.71
CA LEU N 384 -30.77 -48.59 -28.01
C LEU N 384 -29.82 -48.97 -29.14
#